data_9V7K
#
_entry.id   9V7K
#
_cell.length_a   1.00
_cell.length_b   1.00
_cell.length_c   1.00
_cell.angle_alpha   90.00
_cell.angle_beta   90.00
_cell.angle_gamma   90.00
#
_symmetry.space_group_name_H-M   'P 1'
#
loop_
_entity.id
_entity.type
_entity.pdbx_description
1 polymer 'Phycobiliprotein ApcE'
2 polymer 'Glr1262 protein'
3 polymer 'Allophycocyanin alpha subunit'
4 polymer 'Allophycocyanin beta subunit'
5 polymer 'Phycobilisome 7.8 kDa linker polypeptide, allophycocyanin-associated, core'
6 polymer 'Glr2806 protein'
7 non-polymer PHYCOCYANOBILIN
#
loop_
_entity_poly.entity_id
_entity_poly.type
_entity_poly.pdbx_seq_one_letter_code
_entity_poly.pdbx_strand_id
1 'polypeptide(L)'
;MSIRGTSGSTVARPRLFRTVMTETINGINAEDRYPNSGEVSQLDQFFGDGQRRIAIVAKLTENAEMIVSRAANRIFVGGS
PMAYSERQKAKAKSPLANDEFGNEPIVEDRGGFLESLKSIFSTRGGGGRASADFAVPPDFEPINIARYGPERMQKSIRDL
DWFLRYTTYAILAGDPSILEANCLGLREILEKSCSISATIVALLEMRKNAARLFKDEADSKLVSSYISVVIRALDADRSD
APADIVRPSSEDRPGLTLPYIYKLSADSLTTFKMTAIYGADGRPKVNLSSDEKERVVRAAYRQVFERDLKAYGQSVSEAE
SKVKNGEISVREFVRRLGKSELYRREFYQPFINSRVLELAFKHFLGRAPESRAEVQKYFSIISSPIVRGQSSMPSGGLYA
LIDALIDSEEYTSIFGEDTVPYLRNLGVEAQPSWNWGAAYDLYNYAAPRRKVPQFITLFADYTQPLPNQHPYGAGNDPLE
IQFGAIFKNSTINPAERAAPIGKDVKRILIRNGSPTSNERGNPTGMSEGATTLGPKIFKLTQNVGFRSKGMVQNAGVVTV
EGSVQALITAAYQQIFGRQLYQGQRLKVAEIKLENGETTVKEFVRALGRSEIFRKLYWEPFYVCKAIEYIHRRLLGRPTY
DRVENNRYFDIASKKGFYGVVDAMLNSNEYQEVFGEDVLPYERYLTPAGLSLRKGRFGSSDVLTTPGGITPRGDAARMMD
KIQELGTPINERSIPEMYVNQGVPALKRQRKVFKQSQATDRESFDALVTAAYVQVFDKDIASYIRSEFSALESRLRNRET
SVKEFVRLLGFSALYRKQFHDRYPNTKVVEFAFKHFLGRAVKNQAELIKYHGLLGRKGIKALIGALVDGEEYGRLYGEDT
VPSWQFPTLPAANYPNSVELYNRFTRQDDSLVVPSFKPIRSKMDIASMPLVQAALKEQQATKTALDMSRPMFLELGRSFK
GADGQSVEVGVGTLRRQLEHIYRIAPDATRSEKDVAINAIYRQVLDVFAGIPPSYLRLSEAESKLKNNEISVREFVRRLG
RSENYRKRFFEPYSSPKVVELLTKHFLGRAPISQQEISTYVQILGTKGLAAAVDAIVESPEYLTIFNEDIVPYRRYPTLP
AGNYRASVRVNDEELISQSWSSLSPTYTGYQYVTR
;
1
2 'polypeptide(L)'
;MSTVLDDQSKAYAPGSANGPTAGLEPFVRMSRMIRSGVPEDREEPDELWLSMVRDIFGRGYMDRLSQTRAIDYSAFVRPA
DQATADGAAQTKLGITAIAPDQGVELRPNFTEADVITVIRAAYKQLFGNTYILESERVIQAESLLRNGSISVREFIRILA
KSDLYKERFFRCTSNNRFIELNLKHLLGRAPYNQGEIAEHLDRYCQSGYDAEIDSYIDSDEYRRVFGENTVPYFRGFKYQ
VGQSAAAFERMRALYSGDAGSDTDRNQNGQRTELTSGLADPAQPVRARTDYALTRVDIPGGNGAAGRLAALDESLGSWLD
AARDLISQNDYSQKAIEVEPKRVAPYAQYLTPAVEATPDAAAQTKLGITAVAPDQAVELRPNFGEAEVQAVIRAAYKQIF
GNTYILEADRVVIAESLLRNGSISVREFVRLLAKSDLYRDRFFRTASNNRFIELNFKHFLGRAPYSQAEIGEHFNRYHKS
GYDAEIDSYIDSDEYRRVFGENTVPYFRGFKYQVGQAARGFDQMQQLFAGDAGSDTDRGIGAQPAAKLTFPLSRPLGVTS
AYFPSSQGGAATSDGLEMFTRMARELTVTPVSARRTTSPTAPTAPAMPLAGYYSRPAPRATADGDAQTKLGITAVAPAQA
VELRPNFGETELQAVIRATYKQLFGNTYILEADRVVQAESLLRNGSINVREFVRLLAKSELYKERFFHCTSNNRFIELTF
KHLLGRAPYNQSEFVEHLDRYQKSGYDAEIDSYIDSDEYRRVFGENTVPYFRGFKYQTGQAAGVFERTLKLYGGDADSDT
NRNRQGQLRQVDPQELLRSGRGIV
;
Z
3 'polypeptide(L)'
;MSVLTKAIVNADAEARYLSPGELDRIKSFVASGERRLRIAQTLTEARERIVKQAGDQLFQKRPDVVSPGGNAYGEKMTAL
CLRDLDYYLRLVTYGIVAGDVTPIEEIGIIGVKEMYNSLQTPIPAVAEGVRAMKNVATSLLSGDDAAEAGFYFDYLVGAM
Q
;
A,C,E,G,I,K
4 'polypeptide(L)'
;MQDAITAVINNYDVQGKYLDGAALDKLKAYFTTGAVRVRAAAVISSNATTIIKEAAAKALIYSDLTRPGG(MEN)MYTTR
RYAACIRDMDYFLRYATYAMLAGDPSILDERVLNGLKETYNSLGVPIAATVGGIQAMKEVVGGLVGPDAAKEASIYFDYL
SSGLS
;
B,D,F,H,J,L
5 'polypeptide(L)' MSRYFKVTACIPSLKRVRTGRELQNTFFTKLVPYENWFTEQQRIQKAGGKVLSVKLFTGVQGANTGVGA M
6 'polypeptide(L)'
;MSATTYDWRKVIDSIKIEDPVKPGDFANFLDMARGIESRTGVWSISYESLRTLGPPEGGMLRPAVGGTAEAAAQKQLGIT
AVAPASVVELRPNASEEDLQGVLRAVYRQVLGNTYVMESERPTQAESLLRNGSISVREFVRRIAKSDLYKERFFNKASNN
RFIELNFKHLLGRAPYNHGEIQEHFGLYHKAGYDVEIDSYIDSDEYIETFGENIVPYFRGFKYQTNQSAGGFPRMVKLWG
GDAGSDTDRGKNGQRTLVTTKDLIGPTKIFVPFVAPGRDADMVSGDYTRLAFGLSGEAAAQRQLGIASVAPAPICQLRPN
ASEEDLQGVLRAVYRQVLGNTYVMESERPTQAESLLRNGSISVREFVRRIAKSDLYKERFFNKASNNRFIELNFKHLLGR
APYNHGEIQEHFGLYHKAGYDVEIDSYIDSDEYIETFGENIVPYFRGFKYQTNQSAGGFPRMVKLWGGDAGSDTDRATGG
QRTLVTTRELVKTLPLLTEIPAVPATRGFEQVLNQLKRPAPGGTGEAQGQKQLGITAVAPAPICQLRPNASEEDLQGVLR
AVYRQVLGNTYVMESERPTQAESLLRNGSISVREFVRRIAKSDLYKERFFNKASNNRFIELNFKHLLGRAPYNHGEIQEH
FGLYHKAGYDAEIDSYIDSDEYLLTFGEDVVPYFRGFKYQTNQSAGGFPRFTKLYGGDAGSDTDRGKNGQRTLVTTKDLV
VSGQFSKPV
;
X
#
# COMPACT_ATOMS: atom_id res chain seq x y z
N ASP A 946 -48.74 24.20 -10.26
CA ASP A 946 -49.60 24.78 -11.33
C ASP A 946 -50.74 23.83 -11.67
N MET A 947 -51.98 24.33 -11.51
CA MET A 947 -53.17 23.59 -11.91
C MET A 947 -53.22 23.47 -13.44
N SER A 948 -53.93 22.44 -13.91
CA SER A 948 -54.04 22.13 -15.34
C SER A 948 -52.80 21.37 -15.81
N ARG A 949 -51.76 21.36 -14.96
CA ARG A 949 -50.52 20.67 -15.25
C ARG A 949 -50.53 19.39 -14.41
N PRO A 950 -50.28 18.21 -15.01
CA PRO A 950 -50.29 16.93 -14.27
C PRO A 950 -49.28 16.95 -13.13
N MET A 951 -49.69 16.46 -11.96
CA MET A 951 -48.97 16.72 -10.73
C MET A 951 -47.54 16.17 -10.78
N PHE A 952 -47.36 15.03 -11.48
CA PHE A 952 -46.07 14.39 -11.57
C PHE A 952 -45.11 15.26 -12.37
N LEU A 953 -45.62 16.02 -13.34
CA LEU A 953 -44.80 17.02 -14.02
C LEU A 953 -44.47 18.20 -13.09
N GLU A 954 -45.43 18.61 -12.29
CA GLU A 954 -45.27 19.78 -11.45
C GLU A 954 -44.28 19.54 -10.32
N LEU A 955 -44.19 18.30 -9.84
CA LEU A 955 -43.31 17.98 -8.73
C LEU A 955 -41.84 17.94 -9.16
N GLY A 956 -41.60 17.56 -10.41
CA GLY A 956 -40.25 17.54 -10.96
C GLY A 956 -39.73 18.92 -11.35
N ARG A 957 -40.61 19.94 -11.45
CA ARG A 957 -40.21 21.22 -11.97
C ARG A 957 -39.22 21.80 -10.97
N SER A 958 -38.29 22.62 -11.45
CA SER A 958 -37.37 23.33 -10.58
C SER A 958 -37.61 24.83 -10.66
N PHE A 959 -37.89 25.44 -9.49
CA PHE A 959 -38.25 26.85 -9.40
C PHE A 959 -36.97 27.69 -9.58
N LYS A 960 -35.87 27.21 -9.01
CA LYS A 960 -34.61 27.96 -9.06
C LYS A 960 -34.15 28.16 -10.51
N GLY A 961 -34.33 27.14 -11.37
CA GLY A 961 -33.84 27.21 -12.73
C GLY A 961 -32.30 27.29 -12.79
N ALA A 962 -31.79 28.25 -13.55
CA ALA A 962 -30.37 28.53 -13.60
C ALA A 962 -29.92 29.11 -12.26
N ASP A 963 -28.60 29.12 -12.01
CA ASP A 963 -28.04 29.53 -10.73
C ASP A 963 -28.27 28.45 -9.69
N GLY A 964 -28.43 27.20 -10.17
CA GLY A 964 -28.54 26.01 -9.32
C GLY A 964 -27.39 25.04 -9.57
N GLN A 965 -27.09 24.21 -8.56
CA GLN A 965 -25.88 23.38 -8.51
C GLN A 965 -25.96 22.28 -9.56
N SER A 966 -24.80 21.82 -10.00
CA SER A 966 -24.69 20.91 -11.12
C SER A 966 -24.11 19.58 -10.65
N VAL A 967 -23.94 18.63 -11.56
CA VAL A 967 -23.48 17.31 -11.15
C VAL A 967 -22.02 17.34 -10.73
N GLU A 968 -21.26 18.28 -11.26
CA GLU A 968 -19.87 18.41 -10.90
C GLU A 968 -19.71 19.46 -9.83
N VAL A 969 -20.52 19.43 -8.75
CA VAL A 969 -20.39 20.51 -7.79
C VAL A 969 -19.62 20.09 -6.53
N GLY A 970 -20.01 19.03 -5.83
CA GLY A 970 -19.39 18.79 -4.54
C GLY A 970 -18.08 18.00 -4.68
N VAL A 971 -18.22 16.69 -4.56
CA VAL A 971 -17.12 15.80 -4.82
C VAL A 971 -16.78 15.82 -6.31
N GLY A 972 -17.81 15.81 -7.13
CA GLY A 972 -17.64 15.90 -8.57
C GLY A 972 -17.51 14.53 -9.21
N THR A 973 -17.59 14.50 -10.55
CA THR A 973 -17.58 13.23 -11.27
C THR A 973 -16.17 12.70 -11.50
N LEU A 974 -15.16 13.59 -11.46
CA LEU A 974 -13.86 13.27 -12.04
C LEU A 974 -13.08 12.32 -11.16
N ARG A 975 -12.97 12.62 -9.86
CA ARG A 975 -11.99 11.91 -9.05
C ARG A 975 -12.39 10.44 -9.05
N ARG A 976 -13.69 10.13 -8.98
CA ARG A 976 -14.14 8.76 -9.28
C ARG A 976 -13.98 8.58 -10.78
N GLN A 977 -13.60 7.39 -11.21
CA GLN A 977 -13.40 7.14 -12.64
C GLN A 977 -12.01 7.59 -13.10
N LEU A 978 -11.32 8.43 -12.33
CA LEU A 978 -9.88 8.55 -12.48
C LEU A 978 -9.18 7.52 -11.61
N GLU A 979 -9.95 6.69 -10.95
CA GLU A 979 -9.39 5.69 -10.07
C GLU A 979 -9.60 4.32 -10.70
N HIS A 980 -8.50 3.63 -10.98
CA HIS A 980 -8.60 2.31 -11.58
C HIS A 980 -7.94 1.40 -10.57
N ILE A 981 -8.66 0.36 -10.21
CA ILE A 981 -8.05 -0.72 -9.49
C ILE A 981 -7.25 -1.53 -10.52
N TYR A 982 -5.96 -1.73 -10.25
CA TYR A 982 -5.17 -2.62 -11.07
C TYR A 982 -4.78 -3.86 -10.28
N ARG A 983 -4.99 -5.04 -10.88
CA ARG A 983 -4.48 -6.28 -10.33
C ARG A 983 -3.65 -6.93 -11.44
N ILE A 984 -2.46 -7.39 -11.12
CA ILE A 984 -1.66 -8.13 -12.08
C ILE A 984 -2.19 -9.56 -12.10
N ALA A 985 -2.39 -10.12 -13.28
CA ALA A 985 -2.72 -11.53 -13.40
C ALA A 985 -1.57 -12.27 -14.07
N PRO A 986 -1.23 -13.50 -13.65
CA PRO A 986 -0.11 -14.21 -14.25
C PRO A 986 -0.25 -14.44 -15.76
N ASP A 987 -1.45 -14.84 -16.14
CA ASP A 987 -1.88 -15.05 -17.52
C ASP A 987 -1.82 -13.76 -18.35
N ALA A 988 -2.08 -12.61 -17.73
CA ALA A 988 -2.19 -11.33 -18.43
C ALA A 988 -1.07 -11.13 -19.47
N THR A 989 -1.43 -10.41 -20.54
CA THR A 989 -0.51 -10.09 -21.63
C THR A 989 0.50 -9.08 -21.11
N ARG A 990 1.67 -9.00 -21.75
CA ARG A 990 2.70 -8.08 -21.28
C ARG A 990 2.17 -6.66 -21.35
N SER A 991 1.32 -6.34 -22.32
CA SER A 991 0.86 -4.97 -22.47
C SER A 991 -0.09 -4.60 -21.33
N GLU A 992 -0.91 -5.56 -20.90
CA GLU A 992 -1.73 -5.38 -19.72
C GLU A 992 -0.86 -5.28 -18.45
N LYS A 993 0.13 -6.17 -18.29
CA LYS A 993 0.97 -6.13 -17.11
C LYS A 993 1.71 -4.79 -17.02
N ASP A 994 2.16 -4.25 -18.15
CA ASP A 994 3.05 -3.10 -18.08
C ASP A 994 2.29 -1.82 -17.77
N VAL A 995 1.00 -1.81 -18.04
CA VAL A 995 0.17 -0.68 -17.67
C VAL A 995 0.00 -0.60 -16.16
N ALA A 996 -0.16 -1.75 -15.50
CA ALA A 996 -0.22 -1.82 -14.06
C ALA A 996 1.13 -1.52 -13.43
N ILE A 997 2.22 -2.03 -13.98
CA ILE A 997 3.50 -1.73 -13.39
C ILE A 997 3.72 -0.23 -13.47
N ASN A 998 3.34 0.39 -14.58
CA ASN A 998 3.61 1.81 -14.73
C ASN A 998 2.81 2.60 -13.72
N ALA A 999 1.64 2.08 -13.37
CA ALA A 999 0.81 2.73 -12.37
C ALA A 999 1.45 2.66 -10.99
N ILE A 1000 2.15 1.58 -10.68
CA ILE A 1000 2.82 1.52 -9.41
C ILE A 1000 3.81 2.66 -9.34
N TYR A 1001 4.56 2.86 -10.43
CA TYR A 1001 5.68 3.80 -10.40
C TYR A 1001 5.11 5.18 -10.25
N ARG A 1002 3.99 5.39 -10.88
CA ARG A 1002 3.42 6.71 -10.88
C ARG A 1002 2.73 7.12 -9.59
N GLN A 1003 2.15 6.18 -8.85
CA GLN A 1003 1.68 6.47 -7.50
C GLN A 1003 2.82 6.62 -6.49
N VAL A 1004 3.73 5.65 -6.40
CA VAL A 1004 4.72 5.65 -5.32
C VAL A 1004 5.89 6.62 -5.52
N LEU A 1005 6.32 6.91 -6.76
CA LEU A 1005 7.40 7.85 -6.98
C LEU A 1005 6.92 9.20 -7.52
N ASP A 1006 5.61 9.35 -7.67
CA ASP A 1006 4.99 10.57 -8.14
C ASP A 1006 5.43 10.87 -9.57
N VAL A 1007 5.38 9.88 -10.45
CA VAL A 1007 5.69 10.09 -11.86
C VAL A 1007 4.47 10.62 -12.58
N PHE A 1008 4.26 11.94 -12.52
CA PHE A 1008 3.08 12.60 -13.07
C PHE A 1008 2.88 12.17 -14.53
N ALA A 1009 3.94 12.18 -15.36
CA ALA A 1009 3.86 11.81 -16.76
C ALA A 1009 3.33 10.41 -16.97
N GLY A 1010 3.49 9.54 -15.97
CA GLY A 1010 2.84 8.25 -15.92
C GLY A 1010 3.60 7.15 -16.64
N ILE A 1011 4.84 7.41 -17.09
CA ILE A 1011 5.70 6.39 -17.71
C ILE A 1011 7.11 6.57 -17.17
N PRO A 1012 7.60 5.61 -16.36
CA PRO A 1012 8.82 5.82 -15.58
C PRO A 1012 9.96 6.01 -16.56
N PRO A 1013 10.88 6.94 -16.29
CA PRO A 1013 12.17 6.98 -16.97
C PRO A 1013 12.97 5.75 -16.58
N SER A 1014 13.75 5.19 -17.50
CA SER A 1014 14.39 3.90 -17.27
C SER A 1014 15.25 3.89 -16.01
N TYR A 1015 15.94 4.98 -15.68
CA TYR A 1015 16.83 4.96 -14.53
C TYR A 1015 16.03 4.76 -13.24
N LEU A 1016 14.76 5.16 -13.26
CA LEU A 1016 13.89 5.04 -12.09
C LEU A 1016 13.41 3.61 -11.92
N ARG A 1017 13.23 2.89 -13.03
CA ARG A 1017 12.75 1.52 -13.02
C ARG A 1017 13.64 0.71 -12.09
N LEU A 1018 13.08 -0.38 -11.51
CA LEU A 1018 13.86 -1.45 -10.92
C LEU A 1018 13.53 -2.76 -11.60
N SER A 1019 14.53 -3.38 -12.26
CA SER A 1019 14.28 -4.42 -13.25
C SER A 1019 14.14 -5.81 -12.63
N GLU A 1020 15.02 -6.14 -11.70
CA GLU A 1020 14.95 -7.43 -11.04
C GLU A 1020 13.57 -7.57 -10.38
N ALA A 1021 13.13 -6.56 -9.61
CA ALA A 1021 11.81 -6.60 -9.02
C ALA A 1021 10.74 -6.74 -10.09
N GLU A 1022 10.81 -5.95 -11.16
CA GLU A 1022 9.85 -6.10 -12.24
C GLU A 1022 9.85 -7.50 -12.82
N SER A 1023 10.99 -8.17 -12.87
CA SER A 1023 10.99 -9.50 -13.46
C SER A 1023 10.34 -10.47 -12.51
N LYS A 1024 10.61 -10.36 -11.21
CA LYS A 1024 9.95 -11.20 -10.24
C LYS A 1024 8.45 -10.95 -10.23
N LEU A 1025 8.01 -9.70 -10.37
CA LEU A 1025 6.59 -9.42 -10.48
C LEU A 1025 5.97 -10.02 -11.74
N LYS A 1026 6.63 -9.90 -12.88
CA LYS A 1026 6.11 -10.48 -14.10
C LYS A 1026 6.14 -12.01 -14.06
N ASN A 1027 6.97 -12.58 -13.20
CA ASN A 1027 7.05 -14.01 -13.04
C ASN A 1027 6.02 -14.50 -12.01
N ASN A 1028 5.50 -13.57 -11.22
CA ASN A 1028 4.53 -13.85 -10.18
C ASN A 1028 5.22 -14.60 -9.05
N GLU A 1029 6.48 -14.24 -8.82
CA GLU A 1029 7.18 -14.69 -7.64
C GLU A 1029 6.95 -13.75 -6.46
N ILE A 1030 6.63 -12.49 -6.73
CA ILE A 1030 6.31 -11.57 -5.65
C ILE A 1030 4.93 -11.00 -5.97
N SER A 1031 4.31 -10.46 -4.91
CA SER A 1031 3.02 -9.80 -5.01
C SER A 1031 3.24 -8.33 -5.34
N VAL A 1032 2.19 -7.65 -5.82
CA VAL A 1032 2.21 -6.19 -5.92
C VAL A 1032 2.55 -5.57 -4.57
N ARG A 1033 2.04 -6.09 -3.47
CA ARG A 1033 2.41 -5.50 -2.20
C ARG A 1033 3.91 -5.55 -1.95
N GLU A 1034 4.56 -6.66 -2.29
CA GLU A 1034 5.98 -6.83 -2.04
C GLU A 1034 6.81 -6.01 -2.99
N PHE A 1035 6.31 -5.81 -4.20
CA PHE A 1035 6.95 -4.87 -5.10
C PHE A 1035 6.89 -3.46 -4.56
N VAL A 1036 5.75 -3.01 -4.07
CA VAL A 1036 5.65 -1.69 -3.47
C VAL A 1036 6.58 -1.56 -2.26
N ARG A 1037 6.81 -2.62 -1.50
CA ARG A 1037 7.70 -2.52 -0.38
C ARG A 1037 9.14 -2.30 -0.87
N ARG A 1038 9.52 -3.00 -1.94
CA ARG A 1038 10.85 -2.89 -2.50
C ARG A 1038 11.17 -1.49 -3.05
N LEU A 1039 10.21 -0.92 -3.77
CA LEU A 1039 10.30 0.45 -4.23
C LEU A 1039 10.60 1.41 -3.08
N GLY A 1040 9.93 1.31 -1.95
CA GLY A 1040 10.17 2.25 -0.88
C GLY A 1040 11.54 2.05 -0.25
N ARG A 1041 12.04 0.82 -0.22
CA ARG A 1041 13.36 0.56 0.31
C ARG A 1041 14.43 0.93 -0.71
N SER A 1042 14.02 1.27 -1.94
CA SER A 1042 14.94 1.65 -2.99
C SER A 1042 15.62 2.99 -2.71
N GLU A 1043 16.76 3.19 -3.40
CA GLU A 1043 17.60 4.37 -3.23
C GLU A 1043 16.98 5.56 -3.94
N ASN A 1044 16.23 5.30 -5.00
CA ASN A 1044 15.60 6.42 -5.68
C ASN A 1044 14.51 7.01 -4.81
N TYR A 1045 13.83 6.16 -4.04
CA TYR A 1045 12.85 6.63 -3.10
C TYR A 1045 13.57 7.52 -2.11
N ARG A 1046 14.72 7.09 -1.59
CA ARG A 1046 15.33 7.78 -0.47
C ARG A 1046 15.89 9.12 -0.92
N LYS A 1047 16.29 9.23 -2.17
CA LYS A 1047 16.96 10.43 -2.59
C LYS A 1047 15.91 11.46 -2.96
N ARG A 1048 14.82 11.01 -3.61
CA ARG A 1048 13.76 11.89 -4.04
C ARG A 1048 12.86 12.31 -2.90
N PHE A 1049 12.67 11.45 -1.89
CA PHE A 1049 11.61 11.74 -0.93
C PHE A 1049 12.07 11.79 0.51
N PHE A 1050 13.03 11.00 0.92
CA PHE A 1050 13.49 11.17 2.29
C PHE A 1050 14.49 12.31 2.48
N GLU A 1051 15.52 12.38 1.65
CA GLU A 1051 16.67 13.21 1.96
C GLU A 1051 16.36 14.70 1.89
N PRO A 1052 15.65 15.22 0.88
CA PRO A 1052 15.32 16.64 0.85
C PRO A 1052 14.34 17.17 1.90
N TYR A 1053 13.43 16.30 2.37
CA TYR A 1053 12.34 16.74 3.23
C TYR A 1053 12.74 16.66 4.70
N SER A 1054 11.93 17.27 5.57
CA SER A 1054 12.05 17.11 7.02
C SER A 1054 11.13 15.99 7.47
N SER A 1055 11.37 15.40 8.65
CA SER A 1055 10.69 14.14 8.99
C SER A 1055 9.18 14.27 8.95
N PRO A 1056 8.58 15.33 9.54
CA PRO A 1056 7.13 15.51 9.45
C PRO A 1056 6.57 15.59 8.04
N LYS A 1057 7.32 16.19 7.12
CA LYS A 1057 6.92 16.19 5.73
C LYS A 1057 7.20 14.84 5.09
N VAL A 1058 8.26 14.16 5.55
CA VAL A 1058 8.56 12.84 5.05
C VAL A 1058 7.37 11.92 5.31
N VAL A 1059 6.70 12.10 6.45
CA VAL A 1059 5.61 11.23 6.83
C VAL A 1059 4.40 11.53 5.95
N GLU A 1060 4.10 12.80 5.78
CA GLU A 1060 3.05 13.18 4.86
C GLU A 1060 3.21 12.54 3.50
N LEU A 1061 4.43 12.56 2.95
CA LEU A 1061 4.71 11.97 1.65
C LEU A 1061 4.58 10.46 1.67
N LEU A 1062 4.88 9.81 2.81
CA LEU A 1062 4.73 8.37 2.93
C LEU A 1062 3.27 8.01 2.79
N THR A 1063 2.41 8.66 3.57
CA THR A 1063 1.01 8.29 3.52
C THR A 1063 0.45 8.54 2.13
N LYS A 1064 0.81 9.67 1.53
CA LYS A 1064 0.37 9.99 0.19
C LYS A 1064 0.81 8.90 -0.77
N HIS A 1065 2.11 8.57 -0.76
CA HIS A 1065 2.69 7.66 -1.74
C HIS A 1065 2.13 6.26 -1.61
N PHE A 1066 2.13 5.71 -0.39
CA PHE A 1066 1.51 4.42 -0.10
C PHE A 1066 0.31 4.74 0.76
N LEU A 1067 -0.89 4.23 0.53
CA LEU A 1067 -2.05 4.68 1.32
C LEU A 1067 -2.90 5.70 0.61
N GLY A 1068 -2.38 6.57 -0.25
CA GLY A 1068 -3.27 7.38 -1.06
C GLY A 1068 -3.86 8.61 -0.37
N ARG A 1069 -3.55 8.90 0.90
CA ARG A 1069 -4.29 9.90 1.64
C ARG A 1069 -3.28 10.80 2.36
N ALA A 1070 -3.72 11.93 2.89
CA ALA A 1070 -2.93 12.69 3.85
C ALA A 1070 -2.90 12.01 5.21
N PRO A 1071 -1.92 12.29 6.10
CA PRO A 1071 -1.91 11.71 7.44
C PRO A 1071 -3.20 12.09 8.15
N ILE A 1072 -3.73 11.12 8.89
CA ILE A 1072 -5.02 11.22 9.54
C ILE A 1072 -4.94 12.13 10.76
N SER A 1073 -3.84 12.07 11.50
CA SER A 1073 -3.81 12.75 12.79
C SER A 1073 -2.38 13.07 13.17
N GLN A 1074 -2.21 13.98 14.13
CA GLN A 1074 -0.88 14.28 14.63
C GLN A 1074 -0.32 13.06 15.35
N GLN A 1075 -1.18 12.22 15.92
CA GLN A 1075 -0.73 11.00 16.57
C GLN A 1075 -0.16 10.03 15.54
N GLU A 1076 -0.74 10.01 14.34
CA GLU A 1076 -0.21 9.18 13.28
C GLU A 1076 1.15 9.73 12.86
N ILE A 1077 1.25 11.04 12.78
CA ILE A 1077 2.50 11.63 12.37
C ILE A 1077 3.55 11.29 13.39
N SER A 1078 3.23 11.35 14.67
CA SER A 1078 4.26 11.17 15.66
C SER A 1078 4.79 9.74 15.65
N THR A 1079 3.95 8.73 15.35
CA THR A 1079 4.43 7.36 15.44
C THR A 1079 5.46 7.10 14.36
N TYR A 1080 5.17 7.56 13.15
CA TYR A 1080 6.02 7.35 12.00
C TYR A 1080 7.29 8.17 12.11
N VAL A 1081 7.23 9.39 12.64
CA VAL A 1081 8.42 10.17 12.88
C VAL A 1081 9.34 9.46 13.84
N GLN A 1082 8.78 8.76 14.83
CA GLN A 1082 9.61 8.10 15.82
C GLN A 1082 10.23 6.87 15.18
N ILE A 1083 9.57 6.29 14.18
CA ILE A 1083 10.15 5.16 13.48
C ILE A 1083 11.34 5.67 12.66
N LEU A 1084 11.13 6.71 11.86
CA LEU A 1084 12.18 7.27 11.04
C LEU A 1084 13.40 7.62 11.88
N GLY A 1085 13.22 8.14 13.07
CA GLY A 1085 14.35 8.64 13.84
C GLY A 1085 15.11 7.51 14.50
N THR A 1086 14.38 6.46 14.90
CA THR A 1086 15.02 5.40 15.66
C THR A 1086 15.42 4.27 14.73
N LYS A 1087 14.67 4.07 13.65
CA LYS A 1087 15.00 3.05 12.68
C LYS A 1087 14.98 3.62 11.26
N GLY A 1088 15.09 2.77 10.28
CA GLY A 1088 15.29 3.35 8.95
C GLY A 1088 14.18 4.26 8.42
N LEU A 1089 14.41 4.69 7.18
CA LEU A 1089 13.35 4.94 6.23
C LEU A 1089 12.70 3.62 5.88
N ALA A 1090 13.45 2.54 5.74
CA ALA A 1090 12.90 1.26 5.32
C ALA A 1090 11.92 0.68 6.35
N ALA A 1091 12.23 0.88 7.62
CA ALA A 1091 11.37 0.42 8.68
C ALA A 1091 10.04 1.16 8.71
N ALA A 1092 10.05 2.43 8.35
CA ALA A 1092 8.82 3.19 8.18
C ALA A 1092 8.08 2.75 6.94
N VAL A 1093 8.78 2.47 5.86
CA VAL A 1093 8.10 1.97 4.70
C VAL A 1093 7.47 0.63 5.05
N ASP A 1094 8.13 -0.18 5.87
CA ASP A 1094 7.61 -1.51 6.15
C ASP A 1094 6.36 -1.42 7.00
N ALA A 1095 6.36 -0.49 7.94
CA ALA A 1095 5.21 -0.25 8.77
C ALA A 1095 3.96 0.12 8.00
N ILE A 1096 4.01 1.06 7.04
CA ILE A 1096 2.77 1.45 6.39
C ILE A 1096 2.25 0.27 5.58
N VAL A 1097 3.11 -0.49 4.94
CA VAL A 1097 2.62 -1.51 4.04
C VAL A 1097 2.01 -2.64 4.85
N GLU A 1098 2.58 -2.82 6.06
CA GLU A 1098 2.14 -3.83 7.00
C GLU A 1098 0.88 -3.38 7.72
N SER A 1099 0.64 -2.08 7.73
CA SER A 1099 -0.48 -1.49 8.45
C SER A 1099 -1.80 -2.10 8.03
N PRO A 1100 -2.79 -2.14 8.94
CA PRO A 1100 -4.12 -2.67 8.65
C PRO A 1100 -4.92 -1.91 7.62
N GLU A 1101 -4.74 -0.58 7.63
CA GLU A 1101 -5.35 0.25 6.61
C GLU A 1101 -4.90 -0.17 5.23
N TYR A 1102 -3.60 -0.37 5.08
CA TYR A 1102 -3.02 -0.77 3.83
C TYR A 1102 -3.67 -2.07 3.42
N LEU A 1103 -3.78 -3.00 4.36
CA LEU A 1103 -4.26 -4.32 4.03
C LEU A 1103 -5.75 -4.39 3.74
N THR A 1104 -6.53 -3.46 4.26
CA THR A 1104 -7.94 -3.45 3.95
C THR A 1104 -8.18 -2.86 2.57
N ILE A 1105 -7.58 -1.70 2.27
CA ILE A 1105 -7.91 -1.02 1.02
C ILE A 1105 -7.27 -1.73 -0.17
N PHE A 1106 -6.03 -2.21 -0.04
CA PHE A 1106 -5.37 -2.77 -1.20
C PHE A 1106 -5.01 -4.25 -1.05
N ASN A 1107 -4.79 -4.74 0.16
CA ASN A 1107 -4.46 -6.15 0.35
C ASN A 1107 -3.13 -6.42 -0.35
N GLU A 1108 -2.98 -7.56 -1.04
CA GLU A 1108 -1.77 -7.86 -1.78
C GLU A 1108 -1.89 -7.65 -3.30
N ASP A 1109 -3.08 -7.60 -3.85
CA ASP A 1109 -3.23 -7.60 -5.30
C ASP A 1109 -3.40 -6.18 -5.86
N ILE A 1110 -4.05 -5.28 -5.16
CA ILE A 1110 -4.39 -4.01 -5.77
C ILE A 1110 -3.19 -3.07 -5.68
N VAL A 1111 -2.88 -2.39 -6.78
CA VAL A 1111 -1.89 -1.33 -6.80
C VAL A 1111 -2.47 -0.14 -6.05
N PRO A 1112 -1.74 0.57 -5.17
CA PRO A 1112 -2.28 1.77 -4.54
C PRO A 1112 -2.83 2.87 -5.45
N TYR A 1113 -3.86 3.59 -4.99
CA TYR A 1113 -4.56 4.58 -5.79
C TYR A 1113 -4.77 5.80 -4.89
N ARG A 1114 -5.27 6.91 -5.44
CA ARG A 1114 -5.36 8.17 -4.73
C ARG A 1114 -6.50 8.34 -3.74
N ARG A 1115 -7.58 7.60 -3.76
CA ARG A 1115 -8.45 7.65 -2.57
C ARG A 1115 -8.34 8.94 -1.73
N TYR A 1116 -9.46 9.68 -1.65
CA TYR A 1116 -9.72 10.82 -0.77
C TYR A 1116 -10.72 10.47 0.33
N PRO A 1117 -10.32 10.00 1.53
CA PRO A 1117 -11.21 9.21 2.35
C PRO A 1117 -12.48 9.90 2.77
N THR A 1118 -12.38 10.79 3.72
CA THR A 1118 -13.57 11.34 4.34
C THR A 1118 -14.05 10.61 5.57
N LEU A 1119 -13.52 9.44 5.88
CA LEU A 1119 -14.07 8.75 7.00
C LEU A 1119 -13.65 9.50 8.25
N PRO A 1120 -12.35 9.80 8.48
CA PRO A 1120 -11.90 10.46 9.73
C PRO A 1120 -12.21 11.92 9.47
N ALA A 1121 -12.22 12.77 10.49
CA ALA A 1121 -12.57 14.17 10.28
C ALA A 1121 -11.39 14.99 9.79
N GLY A 1122 -11.64 15.82 8.77
CA GLY A 1122 -10.61 16.66 8.22
C GLY A 1122 -9.85 15.95 7.10
N ASN A 1123 -10.02 14.63 6.95
CA ASN A 1123 -9.22 13.89 6.02
C ASN A 1123 -9.60 14.20 4.57
N TYR A 1124 -10.86 14.48 4.26
CA TYR A 1124 -11.21 14.77 2.88
C TYR A 1124 -10.53 16.05 2.40
N ARG A 1125 -10.57 17.11 3.19
CA ARG A 1125 -9.86 18.32 2.83
C ARG A 1125 -8.38 17.98 2.67
N ALA A 1126 -7.77 17.44 3.73
CA ALA A 1126 -6.34 17.21 3.73
C ALA A 1126 -5.86 16.43 2.51
N SER A 1127 -6.61 15.39 2.16
CA SER A 1127 -6.29 14.52 1.07
C SER A 1127 -6.54 15.18 -0.26
N VAL A 1128 -7.37 16.19 -0.32
CA VAL A 1128 -7.47 16.96 -1.55
C VAL A 1128 -6.26 17.87 -1.69
N ARG A 1129 -5.87 18.52 -0.61
CA ARG A 1129 -4.70 19.38 -0.61
C ARG A 1129 -3.45 18.59 -0.91
N VAL A 1130 -3.30 17.33 -0.47
CA VAL A 1130 -2.05 16.65 -0.71
C VAL A 1130 -2.06 15.99 -2.08
N ASN A 1131 -3.20 15.51 -2.57
CA ASN A 1131 -3.19 14.90 -3.89
C ASN A 1131 -3.39 15.90 -5.01
N ASP A 1132 -4.05 17.04 -4.77
CA ASP A 1132 -4.37 17.95 -5.87
C ASP A 1132 -3.56 19.24 -5.92
N GLU A 1133 -3.06 19.75 -4.79
CA GLU A 1133 -2.37 21.04 -4.85
C GLU A 1133 -0.89 20.95 -4.51
N GLU A 1134 -0.52 20.15 -3.52
CA GLU A 1134 0.86 19.92 -3.20
C GLU A 1134 1.54 19.13 -4.32
N LEU A 1135 1.70 19.73 -5.50
CA LEU A 1135 2.64 19.15 -6.42
C LEU A 1135 3.98 19.21 -5.72
N ILE A 1136 4.94 18.33 -6.05
CA ILE A 1136 6.26 18.44 -5.45
C ILE A 1136 6.86 19.78 -5.86
N SER A 1137 7.48 20.50 -4.92
CA SER A 1137 7.97 21.84 -5.17
C SER A 1137 9.44 22.01 -4.79
N GLN A 1138 10.13 20.92 -4.45
CA GLN A 1138 11.55 20.99 -4.16
C GLN A 1138 12.24 20.16 -5.23
N SER A 1139 13.51 20.50 -5.48
CA SER A 1139 14.38 19.69 -6.29
C SER A 1139 15.00 18.61 -5.40
N TRP A 1140 14.99 17.37 -5.90
CA TRP A 1140 15.70 16.31 -5.20
C TRP A 1140 17.20 16.59 -5.18
N SER A 1141 17.80 17.05 -6.28
CA SER A 1141 19.25 17.18 -6.34
C SER A 1141 19.66 18.52 -5.77
N SER A 1142 20.81 18.53 -5.12
CA SER A 1142 21.38 19.72 -4.53
C SER A 1142 22.20 20.53 -5.56
N LEU A 1143 22.73 19.89 -6.61
CA LEU A 1143 23.81 20.48 -7.40
C LEU A 1143 23.29 21.27 -8.60
N SER A 1144 23.97 22.40 -8.87
CA SER A 1144 23.69 23.34 -9.94
C SER A 1144 22.40 24.09 -9.68
N PRO A 1145 22.30 24.87 -8.60
CA PRO A 1145 21.11 25.67 -8.33
C PRO A 1145 20.83 26.72 -9.38
N THR A 1146 19.56 26.85 -9.76
CA THR A 1146 19.15 27.74 -10.83
C THR A 1146 19.11 29.17 -10.29
N TYR A 1147 19.64 30.09 -11.10
CA TYR A 1147 19.60 31.51 -10.83
C TYR A 1147 18.25 32.07 -11.25
N THR A 1148 17.73 32.96 -10.40
CA THR A 1148 16.38 33.50 -10.46
C THR A 1148 16.11 34.20 -11.80
N GLY A 1149 17.09 35.00 -12.28
CA GLY A 1149 16.96 35.79 -13.50
C GLY A 1149 16.92 34.90 -14.74
N TYR A 1150 17.02 35.52 -15.93
CA TYR A 1150 16.98 34.79 -17.20
C TYR A 1150 15.59 34.21 -17.46
N GLN A 1151 14.59 34.73 -16.75
CA GLN A 1151 13.19 34.39 -16.96
C GLN A 1151 12.79 34.45 -18.44
N TYR A 1152 12.88 35.64 -19.06
CA TYR A 1152 12.50 35.80 -20.46
C TYR A 1152 13.57 35.14 -21.34
N VAL A 1153 13.16 34.65 -22.52
CA VAL A 1153 14.18 34.14 -23.47
C VAL A 1153 14.39 35.23 -24.54
N THR A 1154 15.63 35.73 -24.63
CA THR A 1154 15.95 36.72 -25.67
C THR A 1154 16.99 36.10 -26.61
N SER B 314 16.07 -18.45 -44.13
CA SER B 314 17.09 -18.31 -45.19
C SER B 314 17.02 -16.92 -45.81
N LEU B 315 15.83 -16.31 -45.84
CA LEU B 315 15.63 -14.97 -46.44
C LEU B 315 16.13 -15.02 -47.89
N GLY B 316 15.86 -16.13 -48.59
CA GLY B 316 16.40 -16.26 -49.95
C GLY B 316 15.84 -15.20 -50.87
N SER B 317 14.54 -14.91 -50.75
CA SER B 317 13.92 -13.91 -51.65
C SER B 317 14.59 -12.57 -51.38
N TRP B 318 14.82 -12.26 -50.11
CA TRP B 318 15.51 -11.00 -49.74
C TRP B 318 16.93 -11.02 -50.29
N LEU B 319 17.60 -12.16 -50.21
CA LEU B 319 19.03 -12.21 -50.62
C LEU B 319 19.16 -11.85 -52.10
N ASP B 320 18.25 -12.36 -52.95
CA ASP B 320 18.40 -12.11 -54.41
C ASP B 320 17.91 -10.70 -54.72
N ALA B 321 16.84 -10.27 -54.07
CA ALA B 321 16.26 -8.94 -54.31
C ALA B 321 17.24 -7.86 -53.84
N ALA B 322 17.87 -8.10 -52.69
CA ALA B 322 18.84 -7.13 -52.17
C ALA B 322 20.04 -6.90 -53.09
N ARG B 323 20.65 -7.99 -53.54
CA ARG B 323 21.75 -7.84 -54.55
C ARG B 323 21.30 -7.20 -55.91
N ASP B 324 20.07 -7.56 -56.30
CA ASP B 324 19.46 -6.96 -57.52
C ASP B 324 19.42 -5.45 -57.26
N LEU B 325 18.95 -5.06 -56.07
CA LEU B 325 18.84 -3.60 -55.78
C LEU B 325 20.24 -2.98 -55.79
N ILE B 326 21.21 -3.67 -55.18
CA ILE B 326 22.57 -3.05 -55.09
C ILE B 326 23.15 -2.89 -56.50
N SER B 327 22.97 -3.91 -57.35
CA SER B 327 23.50 -3.85 -58.73
C SER B 327 22.81 -2.73 -59.52
N GLN B 328 21.49 -2.59 -59.39
CA GLN B 328 20.78 -1.59 -60.25
C GLN B 328 21.25 -0.17 -59.87
N ASN B 329 21.50 0.12 -58.60
CA ASN B 329 21.83 1.52 -58.23
C ASN B 329 22.93 1.58 -57.17
N ASP B 330 23.84 2.55 -57.27
CA ASP B 330 24.96 2.69 -56.30
C ASP B 330 24.62 3.79 -55.30
N TYR B 331 24.63 3.47 -54.00
CA TYR B 331 24.24 4.46 -52.97
C TYR B 331 25.46 5.28 -52.63
N SER B 332 26.64 4.70 -52.85
CA SER B 332 27.91 5.40 -52.51
C SER B 332 28.28 6.64 -53.35
N GLN B 333 27.37 7.61 -53.48
CA GLN B 333 27.74 8.89 -54.16
C GLN B 333 26.60 9.83 -53.75
N LYS B 334 25.35 9.35 -53.67
CA LYS B 334 24.23 10.30 -53.39
C LYS B 334 24.50 11.51 -52.37
N ALA B 335 24.99 11.12 -51.18
CA ALA B 335 25.32 12.02 -50.05
C ALA B 335 23.93 12.35 -49.50
N ILE B 336 23.83 12.57 -48.18
CA ILE B 336 22.54 12.90 -47.54
C ILE B 336 22.02 14.26 -48.03
N GLU B 337 20.70 14.40 -48.19
CA GLU B 337 20.12 15.70 -48.58
C GLU B 337 19.19 16.17 -47.46
N VAL B 338 19.35 17.42 -47.02
CA VAL B 338 18.54 17.92 -45.87
C VAL B 338 17.05 17.93 -46.21
N GLU B 339 16.69 18.36 -47.43
CA GLU B 339 15.27 18.31 -47.86
C GLU B 339 14.37 19.01 -46.84
N SER C 2 -20.14 10.67 -21.56
CA SER C 2 -20.20 10.56 -23.05
C SER C 2 -19.15 9.56 -23.52
N VAL C 3 -19.18 9.27 -24.82
CA VAL C 3 -18.16 8.46 -25.43
C VAL C 3 -16.82 9.17 -25.32
N LEU C 4 -16.83 10.48 -25.53
CA LEU C 4 -15.60 11.25 -25.53
C LEU C 4 -14.97 11.17 -24.16
N THR C 5 -15.75 11.47 -23.13
CA THR C 5 -15.22 11.51 -21.79
C THR C 5 -14.56 10.18 -21.46
N LYS C 6 -15.26 9.08 -21.74
CA LYS C 6 -14.77 7.76 -21.42
C LYS C 6 -13.42 7.51 -22.12
N ALA C 7 -13.30 7.86 -23.40
CA ALA C 7 -12.09 7.63 -24.17
C ALA C 7 -10.92 8.39 -23.58
N ILE C 8 -11.13 9.65 -23.24
CA ILE C 8 -10.08 10.47 -22.68
C ILE C 8 -9.62 9.87 -21.36
N VAL C 9 -10.57 9.47 -20.52
CA VAL C 9 -10.23 8.91 -19.22
C VAL C 9 -9.35 7.66 -19.36
N ASN C 10 -9.67 6.78 -20.31
CA ASN C 10 -8.86 5.58 -20.51
C ASN C 10 -7.46 5.94 -20.96
N ALA C 11 -7.34 6.90 -21.87
CA ALA C 11 -6.05 7.35 -22.34
C ALA C 11 -5.24 7.94 -21.21
N ASP C 12 -5.86 8.78 -20.37
CA ASP C 12 -5.14 9.41 -19.25
C ASP C 12 -4.56 8.34 -18.35
N ALA C 13 -5.34 7.29 -18.05
CA ALA C 13 -4.88 6.23 -17.18
C ALA C 13 -3.66 5.54 -17.77
N GLU C 14 -3.70 5.30 -19.08
CA GLU C 14 -2.58 4.70 -19.78
C GLU C 14 -1.45 5.73 -19.98
N ALA C 15 -1.73 7.02 -19.74
CA ALA C 15 -0.79 8.09 -19.98
C ALA C 15 -0.33 8.11 -21.44
N ARG C 16 -1.27 7.93 -22.37
CA ARG C 16 -0.94 7.84 -23.78
C ARG C 16 -1.85 8.77 -24.57
N TYR C 17 -1.44 9.14 -25.79
CA TYR C 17 -2.30 9.80 -26.75
C TYR C 17 -3.34 8.79 -27.20
N LEU C 18 -4.47 9.26 -27.77
CA LEU C 18 -5.58 8.38 -28.08
C LEU C 18 -5.20 7.40 -29.19
N SER C 19 -5.51 6.12 -28.99
CA SER C 19 -5.07 5.04 -29.87
C SER C 19 -5.85 5.13 -31.17
N PRO C 20 -5.39 4.52 -32.28
CA PRO C 20 -6.15 4.50 -33.53
C PRO C 20 -7.53 3.88 -33.36
N GLY C 21 -7.60 2.78 -32.63
CA GLY C 21 -8.87 2.14 -32.30
C GLY C 21 -9.81 3.06 -31.50
N GLU C 22 -9.26 3.76 -30.51
CA GLU C 22 -10.05 4.69 -29.71
C GLU C 22 -10.54 5.85 -30.55
N LEU C 23 -9.69 6.36 -31.44
CA LEU C 23 -10.09 7.40 -32.38
C LEU C 23 -11.21 6.91 -33.28
N ASP C 24 -11.14 5.66 -33.72
CA ASP C 24 -12.17 5.12 -34.60
C ASP C 24 -13.52 5.09 -33.90
N ARG C 25 -13.50 4.72 -32.62
CA ARG C 25 -14.72 4.67 -31.83
C ARG C 25 -15.36 6.07 -31.75
N ILE C 26 -14.52 7.10 -31.63
CA ILE C 26 -15.01 8.46 -31.58
C ILE C 26 -15.64 8.83 -32.92
N LYS C 27 -15.01 8.42 -34.01
CA LYS C 27 -15.51 8.71 -35.34
C LYS C 27 -16.89 8.10 -35.52
N SER C 28 -17.06 6.85 -35.06
CA SER C 28 -18.33 6.16 -35.25
C SER C 28 -19.44 6.90 -34.51
N PHE C 29 -19.13 7.33 -33.29
CA PHE C 29 -20.09 8.02 -32.44
C PHE C 29 -20.57 9.32 -33.11
N VAL C 30 -19.63 10.09 -33.71
CA VAL C 30 -20.01 11.37 -34.26
C VAL C 30 -20.90 11.15 -35.49
N ALA C 31 -20.65 10.06 -36.24
CA ALA C 31 -21.50 9.73 -37.37
C ALA C 31 -22.91 9.38 -36.90
N SER C 32 -22.99 8.61 -35.81
CA SER C 32 -24.27 8.12 -35.32
C SER C 32 -25.10 9.26 -34.71
N GLY C 33 -24.43 10.36 -34.35
CA GLY C 33 -25.02 11.39 -33.52
C GLY C 33 -26.37 11.91 -34.04
N GLU C 34 -26.44 12.14 -35.35
CA GLU C 34 -27.64 12.73 -35.93
C GLU C 34 -28.85 11.83 -35.72
N ARG C 35 -28.69 10.53 -35.99
CA ARG C 35 -29.72 9.54 -35.71
C ARG C 35 -30.11 9.57 -34.23
N ARG C 36 -29.09 9.61 -33.36
CA ARG C 36 -29.33 9.58 -31.93
C ARG C 36 -30.19 10.77 -31.51
N LEU C 37 -29.93 11.95 -32.09
CA LEU C 37 -30.65 13.14 -31.71
C LEU C 37 -32.13 12.99 -32.05
N ARG C 38 -32.40 12.37 -33.19
CA ARG C 38 -33.77 12.16 -33.64
C ARG C 38 -34.50 11.24 -32.66
N ILE C 39 -33.85 10.15 -32.26
CA ILE C 39 -34.45 9.20 -31.34
C ILE C 39 -34.82 9.90 -30.03
N ALA C 40 -33.92 10.75 -29.53
CA ALA C 40 -34.14 11.46 -28.29
C ALA C 40 -35.33 12.41 -28.41
N GLN C 41 -35.44 13.06 -29.55
CA GLN C 41 -36.49 14.05 -29.76
C GLN C 41 -37.86 13.36 -29.72
N THR C 42 -37.96 12.20 -30.38
CA THR C 42 -39.18 11.43 -30.40
C THR C 42 -39.65 11.13 -28.97
N LEU C 43 -38.74 10.61 -28.15
CA LEU C 43 -39.07 10.25 -26.78
C LEU C 43 -39.46 11.49 -25.97
N THR C 44 -38.81 12.63 -26.21
CA THR C 44 -39.11 13.84 -25.49
C THR C 44 -40.54 14.27 -25.75
N GLU C 45 -40.97 14.18 -27.01
CA GLU C 45 -42.30 14.61 -27.39
C GLU C 45 -43.36 13.72 -26.73
N ALA C 46 -43.08 12.42 -26.66
CA ALA C 46 -44.05 11.44 -26.18
C ALA C 46 -43.91 11.19 -24.68
N ARG C 47 -43.18 12.07 -23.99
CA ARG C 47 -42.77 11.79 -22.63
C ARG C 47 -43.99 11.62 -21.73
N GLU C 48 -44.90 12.56 -21.80
CA GLU C 48 -46.06 12.58 -20.91
C GLU C 48 -46.85 11.29 -21.05
N ARG C 49 -47.02 10.85 -22.30
CA ARG C 49 -47.73 9.62 -22.59
C ARG C 49 -46.93 8.43 -22.05
N ILE C 50 -45.61 8.40 -22.28
CA ILE C 50 -44.81 7.25 -21.88
C ILE C 50 -44.91 7.06 -20.37
N VAL C 51 -44.75 8.15 -19.62
CA VAL C 51 -44.75 8.06 -18.17
C VAL C 51 -46.10 7.51 -17.71
N LYS C 52 -47.18 8.08 -18.24
CA LYS C 52 -48.52 7.72 -17.81
C LYS C 52 -48.81 6.25 -18.11
N GLN C 53 -48.56 5.83 -19.35
CA GLN C 53 -48.82 4.46 -19.73
C GLN C 53 -47.97 3.49 -18.93
N ALA C 54 -46.70 3.84 -18.69
CA ALA C 54 -45.79 2.96 -17.97
C ALA C 54 -46.26 2.83 -16.53
N GLY C 55 -46.70 3.95 -15.95
CA GLY C 55 -47.22 3.92 -14.60
C GLY C 55 -48.36 2.92 -14.48
N ASP C 56 -49.30 2.99 -15.42
CA ASP C 56 -50.47 2.13 -15.40
C ASP C 56 -50.03 0.68 -15.45
N GLN C 57 -49.13 0.34 -16.36
CA GLN C 57 -48.65 -1.03 -16.49
C GLN C 57 -48.00 -1.48 -15.18
N LEU C 58 -47.20 -0.61 -14.57
CA LEU C 58 -46.51 -0.95 -13.34
C LEU C 58 -47.53 -1.24 -12.24
N PHE C 59 -48.55 -0.40 -12.13
CA PHE C 59 -49.57 -0.57 -11.11
C PHE C 59 -50.37 -1.84 -11.37
N GLN C 60 -50.55 -2.20 -12.64
CA GLN C 60 -51.22 -3.47 -12.97
C GLN C 60 -50.30 -4.62 -12.54
N LYS C 61 -49.01 -4.51 -12.86
CA LYS C 61 -48.04 -5.57 -12.53
C LYS C 61 -47.96 -5.77 -11.01
N ARG C 62 -47.96 -4.66 -10.25
CA ARG C 62 -47.86 -4.74 -8.79
C ARG C 62 -49.00 -3.94 -8.16
N PRO C 63 -50.16 -4.58 -7.83
CA PRO C 63 -51.22 -3.86 -7.15
C PRO C 63 -50.73 -3.23 -5.84
N ASP C 64 -49.82 -3.93 -5.16
CA ASP C 64 -49.39 -3.59 -3.82
C ASP C 64 -48.89 -2.15 -3.72
N VAL C 65 -48.04 -1.71 -4.64
CA VAL C 65 -47.45 -0.39 -4.50
C VAL C 65 -48.56 0.66 -4.41
N VAL C 66 -49.63 0.51 -5.20
CA VAL C 66 -50.78 1.41 -5.11
C VAL C 66 -51.83 0.78 -4.19
N SER C 67 -51.48 0.55 -2.94
CA SER C 67 -52.36 -0.05 -1.94
C SER C 67 -51.97 0.50 -0.57
N PRO C 68 -52.81 0.42 0.48
CA PRO C 68 -52.55 1.13 1.73
C PRO C 68 -51.18 0.82 2.33
N GLY C 69 -50.79 -0.46 2.25
CA GLY C 69 -49.45 -0.86 2.65
C GLY C 69 -48.36 -0.20 1.80
N GLY C 70 -48.60 -0.14 0.49
CA GLY C 70 -47.59 0.27 -0.48
C GLY C 70 -47.16 1.72 -0.33
N ASN C 71 -45.98 2.02 -0.86
CA ASN C 71 -45.37 3.34 -0.75
C ASN C 71 -46.09 4.34 -1.64
N ALA C 72 -46.53 3.86 -2.82
CA ALA C 72 -47.14 4.70 -3.82
C ALA C 72 -48.55 5.15 -3.40
N TYR C 73 -49.14 4.52 -2.38
CA TYR C 73 -50.54 4.74 -2.01
C TYR C 73 -50.80 6.21 -1.64
N GLY C 74 -51.94 6.72 -2.11
CA GLY C 74 -52.30 8.13 -1.95
C GLY C 74 -51.93 8.91 -3.21
N GLU C 75 -52.61 10.04 -3.43
CA GLU C 75 -52.43 10.82 -4.65
C GLU C 75 -51.01 11.37 -4.73
N LYS C 76 -50.59 12.06 -3.66
CA LYS C 76 -49.28 12.69 -3.62
C LYS C 76 -48.24 11.61 -3.91
N MET C 77 -48.32 10.49 -3.21
CA MET C 77 -47.34 9.44 -3.37
C MET C 77 -47.36 8.90 -4.79
N THR C 78 -48.55 8.74 -5.37
CA THR C 78 -48.62 8.20 -6.71
C THR C 78 -47.96 9.19 -7.67
N ALA C 79 -48.18 10.50 -7.43
CA ALA C 79 -47.58 11.49 -8.28
C ALA C 79 -46.06 11.37 -8.21
N LEU C 80 -45.53 11.26 -6.99
CA LEU C 80 -44.09 11.18 -6.78
C LEU C 80 -43.51 9.98 -7.52
N CYS C 81 -44.22 8.86 -7.49
CA CYS C 81 -43.74 7.68 -8.18
C CYS C 81 -43.69 7.95 -9.68
N LEU C 82 -44.67 8.67 -10.21
CA LEU C 82 -44.65 9.02 -11.61
C LEU C 82 -43.55 10.03 -11.88
N ARG C 83 -43.34 10.98 -10.97
CA ARG C 83 -42.27 11.95 -11.12
C ARG C 83 -40.94 11.24 -11.28
N ASP C 84 -40.72 10.22 -10.46
CA ASP C 84 -39.50 9.44 -10.53
C ASP C 84 -39.36 8.80 -11.91
N LEU C 85 -40.44 8.24 -12.43
CA LEU C 85 -40.38 7.63 -13.74
C LEU C 85 -40.02 8.68 -14.78
N ASP C 86 -40.55 9.89 -14.65
CA ASP C 86 -40.25 10.96 -15.58
C ASP C 86 -38.75 11.30 -15.52
N TYR C 87 -38.19 11.37 -14.31
CA TYR C 87 -36.77 11.64 -14.12
C TYR C 87 -35.93 10.61 -14.85
N TYR C 88 -36.28 9.34 -14.71
CA TYR C 88 -35.52 8.30 -15.36
C TYR C 88 -35.65 8.40 -16.86
N LEU C 89 -36.82 8.80 -17.38
CA LEU C 89 -36.95 8.93 -18.81
C LEU C 89 -36.06 10.06 -19.32
N ARG C 90 -36.01 11.18 -18.60
CA ARG C 90 -35.19 12.29 -19.01
C ARG C 90 -33.73 11.84 -19.08
N LEU C 91 -33.29 11.11 -18.06
CA LEU C 91 -31.92 10.60 -18.02
C LEU C 91 -31.67 9.71 -19.23
N VAL C 92 -32.59 8.83 -19.58
CA VAL C 92 -32.38 7.97 -20.73
C VAL C 92 -32.16 8.80 -21.98
N THR C 93 -32.90 9.89 -22.16
CA THR C 93 -32.74 10.67 -23.38
C THR C 93 -31.33 11.25 -23.40
N TYR C 94 -30.88 11.79 -22.26
CA TYR C 94 -29.53 12.31 -22.16
C TYR C 94 -28.51 11.24 -22.53
N GLY C 95 -28.73 10.03 -22.05
CA GLY C 95 -27.85 8.91 -22.33
C GLY C 95 -27.74 8.61 -23.82
N ILE C 96 -28.87 8.63 -24.52
CA ILE C 96 -28.88 8.29 -25.92
C ILE C 96 -28.03 9.30 -26.69
N VAL C 97 -28.15 10.59 -26.39
CA VAL C 97 -27.39 11.58 -27.14
C VAL C 97 -25.90 11.46 -26.79
N ALA C 98 -25.59 11.16 -25.53
CA ALA C 98 -24.21 11.05 -25.09
C ALA C 98 -23.56 9.79 -25.65
N GLY C 99 -24.36 8.75 -25.91
CA GLY C 99 -23.83 7.51 -26.46
C GLY C 99 -23.24 6.64 -25.37
N ASP C 100 -23.43 7.05 -24.11
CA ASP C 100 -22.94 6.29 -22.99
C ASP C 100 -23.86 6.57 -21.81
N VAL C 101 -23.74 5.77 -20.77
CA VAL C 101 -24.61 5.87 -19.62
C VAL C 101 -24.00 6.78 -18.55
N THR C 102 -22.81 7.31 -18.83
CA THR C 102 -22.15 8.17 -17.87
C THR C 102 -23.10 9.23 -17.36
N PRO C 103 -23.81 10.01 -18.20
CA PRO C 103 -24.78 11.00 -17.71
C PRO C 103 -25.84 10.36 -16.82
N ILE C 104 -26.41 9.26 -17.29
CA ILE C 104 -27.44 8.55 -16.55
C ILE C 104 -26.90 8.15 -15.18
N GLU C 105 -25.69 7.60 -15.16
CA GLU C 105 -25.14 6.92 -14.01
C GLU C 105 -24.87 7.89 -12.87
N GLU C 106 -24.26 9.04 -13.18
CA GLU C 106 -23.94 10.03 -12.19
C GLU C 106 -25.21 10.64 -11.58
N ILE C 107 -26.24 10.89 -12.39
CA ILE C 107 -27.43 11.54 -11.86
C ILE C 107 -28.34 10.55 -11.14
N GLY C 108 -28.40 9.30 -11.58
CA GLY C 108 -29.48 8.43 -11.16
C GLY C 108 -29.07 7.08 -10.58
N ILE C 109 -27.92 6.49 -10.93
CA ILE C 109 -27.69 5.12 -10.51
C ILE C 109 -26.71 5.06 -9.32
N ILE C 110 -25.98 6.12 -8.98
CA ILE C 110 -25.04 5.99 -7.86
C ILE C 110 -25.71 6.50 -6.58
N GLY C 111 -25.77 5.63 -5.57
CA GLY C 111 -26.46 5.93 -4.32
C GLY C 111 -27.96 5.67 -4.39
N VAL C 112 -28.43 5.09 -5.50
CA VAL C 112 -29.86 4.93 -5.71
C VAL C 112 -30.42 3.95 -4.69
N LYS C 113 -29.69 2.87 -4.42
CA LYS C 113 -30.13 1.87 -3.45
C LYS C 113 -30.37 2.53 -2.10
N GLU C 114 -29.39 3.30 -1.67
CA GLU C 114 -29.43 3.94 -0.38
C GLU C 114 -30.57 4.93 -0.28
N MET C 115 -30.81 5.70 -1.35
CA MET C 115 -31.88 6.67 -1.36
C MET C 115 -33.21 5.94 -1.24
N TYR C 116 -33.41 4.92 -2.06
CA TYR C 116 -34.68 4.23 -2.07
C TYR C 116 -34.89 3.52 -0.74
N ASN C 117 -33.84 2.96 -0.16
CA ASN C 117 -33.98 2.28 1.12
C ASN C 117 -34.44 3.22 2.22
N SER C 118 -33.94 4.45 2.24
CA SER C 118 -34.46 5.40 3.22
C SER C 118 -35.94 5.64 2.96
N LEU C 119 -36.30 5.89 1.69
CA LEU C 119 -37.69 6.17 1.34
C LEU C 119 -38.55 4.95 1.65
N GLN C 120 -37.94 3.75 1.55
CA GLN C 120 -38.58 2.47 1.82
C GLN C 120 -39.30 1.97 0.57
N THR C 121 -39.15 2.70 -0.54
CA THR C 121 -39.64 2.28 -1.84
C THR C 121 -38.98 0.96 -2.19
N PRO C 122 -39.71 -0.05 -2.70
CA PRO C 122 -39.09 -1.29 -3.19
C PRO C 122 -38.38 -1.16 -4.55
N ILE C 123 -37.10 -1.52 -4.58
CA ILE C 123 -36.27 -1.30 -5.75
C ILE C 123 -36.79 -2.14 -6.92
N PRO C 124 -37.17 -3.42 -6.73
CA PRO C 124 -37.61 -4.24 -7.86
C PRO C 124 -38.83 -3.67 -8.59
N ALA C 125 -39.74 -3.02 -7.85
CA ALA C 125 -40.89 -2.37 -8.45
C ALA C 125 -40.42 -1.21 -9.33
N VAL C 126 -39.42 -0.45 -8.86
CA VAL C 126 -38.89 0.67 -9.63
C VAL C 126 -38.37 0.12 -10.94
N ALA C 127 -37.65 -1.00 -10.88
CA ALA C 127 -37.09 -1.61 -12.07
C ALA C 127 -38.20 -1.98 -13.04
N GLU C 128 -39.31 -2.47 -12.50
CA GLU C 128 -40.45 -2.89 -13.31
C GLU C 128 -41.02 -1.69 -14.06
N GLY C 129 -41.12 -0.56 -13.37
CA GLY C 129 -41.58 0.68 -13.96
C GLY C 129 -40.70 1.09 -15.13
N VAL C 130 -39.38 0.91 -15.02
CA VAL C 130 -38.47 1.25 -16.09
C VAL C 130 -38.67 0.28 -17.24
N ARG C 131 -38.86 -1.01 -16.94
CA ARG C 131 -39.14 -2.00 -17.97
C ARG C 131 -40.42 -1.60 -18.71
N ALA C 132 -41.44 -1.21 -17.94
CA ALA C 132 -42.69 -0.76 -18.51
C ALA C 132 -42.44 0.39 -19.47
N MET C 133 -41.64 1.36 -19.04
CA MET C 133 -41.36 2.53 -19.85
C MET C 133 -40.70 2.11 -21.16
N LYS C 134 -39.84 1.11 -21.10
CA LYS C 134 -39.15 0.63 -22.29
C LYS C 134 -40.18 0.12 -23.30
N ASN C 135 -41.17 -0.64 -22.83
CA ASN C 135 -42.15 -1.26 -23.71
C ASN C 135 -42.97 -0.19 -24.42
N VAL C 136 -43.37 0.84 -23.68
CA VAL C 136 -44.11 1.93 -24.27
C VAL C 136 -43.23 2.63 -25.29
N ALA C 137 -42.00 2.95 -24.89
CA ALA C 137 -41.08 3.69 -25.74
C ALA C 137 -40.81 2.92 -27.03
N THR C 138 -40.65 1.60 -26.91
CA THR C 138 -40.32 0.76 -28.06
C THR C 138 -41.40 0.88 -29.12
N SER C 139 -42.67 0.90 -28.69
CA SER C 139 -43.79 0.94 -29.61
C SER C 139 -43.76 2.23 -30.45
N LEU C 140 -43.37 3.35 -29.82
CA LEU C 140 -43.34 4.63 -30.51
C LEU C 140 -42.16 4.69 -31.48
N LEU C 141 -41.05 4.06 -31.07
CA LEU C 141 -39.82 4.13 -31.82
C LEU C 141 -39.87 3.15 -32.99
N SER C 142 -39.08 3.47 -34.02
CA SER C 142 -38.79 2.54 -35.10
C SER C 142 -37.96 1.38 -34.55
N GLY C 143 -38.04 0.21 -35.20
CA GLY C 143 -37.42 -1.01 -34.70
C GLY C 143 -35.92 -0.84 -34.44
N ASP C 144 -35.21 -0.24 -35.40
CA ASP C 144 -33.78 0.03 -35.26
C ASP C 144 -33.56 1.01 -34.10
N ASP C 145 -34.36 2.07 -34.07
CA ASP C 145 -34.30 3.09 -33.03
C ASP C 145 -34.57 2.45 -31.68
N ALA C 146 -35.57 1.56 -31.64
CA ALA C 146 -36.01 0.93 -30.41
C ALA C 146 -34.88 0.10 -29.80
N ALA C 147 -34.11 -0.59 -30.65
CA ALA C 147 -33.01 -1.41 -30.18
C ALA C 147 -31.97 -0.53 -29.46
N GLU C 148 -31.61 0.59 -30.11
CA GLU C 148 -30.67 1.54 -29.53
C GLU C 148 -31.21 1.96 -28.16
N ALA C 149 -32.47 2.41 -28.13
CA ALA C 149 -33.10 2.90 -26.92
C ALA C 149 -33.14 1.79 -25.87
N GLY C 150 -33.36 0.55 -26.30
CA GLY C 150 -33.47 -0.58 -25.41
C GLY C 150 -32.24 -0.72 -24.52
N PHE C 151 -31.05 -0.59 -25.11
CA PHE C 151 -29.83 -0.81 -24.35
C PHE C 151 -29.83 0.11 -23.13
N TYR C 152 -30.15 1.39 -23.34
CA TYR C 152 -30.06 2.38 -22.28
C TYR C 152 -31.09 2.05 -21.21
N PHE C 153 -32.30 1.64 -21.65
CA PHE C 153 -33.33 1.26 -20.71
C PHE C 153 -32.88 0.05 -19.90
N ASP C 154 -32.28 -0.93 -20.58
CA ASP C 154 -31.80 -2.14 -19.94
C ASP C 154 -30.75 -1.81 -18.89
N TYR C 155 -29.82 -0.92 -19.21
CA TYR C 155 -28.79 -0.53 -18.26
C TYR C 155 -29.44 -0.05 -16.97
N LEU C 156 -30.46 0.81 -17.07
CA LEU C 156 -31.12 1.32 -15.87
C LEU C 156 -31.65 0.14 -15.06
N VAL C 157 -32.33 -0.77 -15.75
CA VAL C 157 -32.95 -1.88 -15.06
C VAL C 157 -31.87 -2.70 -14.36
N GLY C 158 -30.76 -2.95 -15.05
CA GLY C 158 -29.64 -3.66 -14.47
C GLY C 158 -29.07 -2.96 -13.24
N ALA C 159 -28.92 -1.63 -13.31
CA ALA C 159 -28.27 -0.86 -12.26
C ALA C 159 -29.09 -0.89 -10.99
N MET C 160 -30.42 -0.80 -11.10
CA MET C 160 -31.26 -0.87 -9.91
C MET C 160 -32.20 -2.03 -10.08
N GLN C 161 -32.02 -3.12 -9.29
CA GLN C 161 -32.93 -4.25 -9.40
C GLN C 161 -33.08 -4.96 -8.04
N MET D 1 -14.32 16.07 -15.16
CA MET D 1 -14.21 16.88 -16.39
C MET D 1 -15.59 16.93 -17.05
N GLN D 2 -15.68 17.75 -18.10
CA GLN D 2 -16.88 17.92 -18.89
C GLN D 2 -16.47 17.98 -20.35
N ASP D 3 -17.30 17.48 -21.25
CA ASP D 3 -17.08 17.62 -22.68
C ASP D 3 -18.23 18.45 -23.24
N ALA D 4 -18.22 18.75 -24.54
CA ALA D 4 -19.25 19.59 -25.11
C ALA D 4 -20.63 18.97 -24.94
N ILE D 5 -20.76 17.69 -25.28
CA ILE D 5 -22.04 17.03 -25.16
C ILE D 5 -22.52 17.06 -23.73
N THR D 6 -21.66 16.72 -22.78
CA THR D 6 -22.06 16.67 -21.38
C THR D 6 -22.34 18.06 -20.85
N ALA D 7 -21.68 19.07 -21.39
CA ALA D 7 -21.88 20.42 -20.89
C ALA D 7 -23.31 20.88 -21.18
N VAL D 8 -23.81 20.55 -22.37
CA VAL D 8 -25.20 20.84 -22.72
C VAL D 8 -26.11 20.08 -21.76
N ILE D 9 -25.89 18.78 -21.64
CA ILE D 9 -26.71 17.96 -20.78
C ILE D 9 -26.72 18.51 -19.36
N ASN D 10 -25.58 18.93 -18.84
CA ASN D 10 -25.54 19.38 -17.46
C ASN D 10 -26.35 20.65 -17.29
N ASN D 11 -26.29 21.53 -18.27
CA ASN D 11 -27.02 22.79 -18.18
C ASN D 11 -28.52 22.52 -18.16
N TYR D 12 -28.98 21.55 -18.95
CA TYR D 12 -30.39 21.19 -18.98
C TYR D 12 -30.80 20.44 -17.72
N ASP D 13 -29.93 19.61 -17.18
CA ASP D 13 -30.25 18.87 -15.96
C ASP D 13 -30.42 19.78 -14.74
N VAL D 14 -29.65 20.87 -14.61
CA VAL D 14 -29.86 21.76 -13.49
C VAL D 14 -31.21 22.47 -13.65
N GLN D 15 -31.61 22.76 -14.89
CA GLN D 15 -32.92 23.33 -15.13
C GLN D 15 -33.99 22.26 -14.90
N GLY D 16 -33.62 21.00 -15.08
CA GLY D 16 -34.57 19.91 -15.02
C GLY D 16 -35.31 19.72 -16.35
N LYS D 17 -34.85 20.44 -17.38
CA LYS D 17 -35.50 20.48 -18.68
C LYS D 17 -35.10 19.25 -19.48
N TYR D 18 -36.03 18.70 -20.23
CA TYR D 18 -35.73 17.74 -21.28
C TYR D 18 -35.02 18.48 -22.40
N LEU D 19 -34.29 17.74 -23.23
CA LEU D 19 -33.50 18.36 -24.30
C LEU D 19 -34.45 18.95 -25.34
N ASP D 20 -34.13 20.18 -25.79
CA ASP D 20 -34.96 20.87 -26.76
C ASP D 20 -34.15 21.16 -28.01
N GLY D 21 -34.83 21.68 -29.04
CA GLY D 21 -34.24 21.90 -30.35
C GLY D 21 -33.01 22.83 -30.28
N ALA D 22 -33.09 23.89 -29.47
CA ALA D 22 -31.97 24.80 -29.33
C ALA D 22 -30.75 24.05 -28.78
N ALA D 23 -30.98 23.25 -27.73
CA ALA D 23 -29.94 22.39 -27.19
C ALA D 23 -29.44 21.43 -28.26
N LEU D 24 -30.37 20.84 -29.02
CA LEU D 24 -30.02 19.89 -30.05
C LEU D 24 -29.12 20.53 -31.10
N ASP D 25 -29.32 21.83 -31.37
CA ASP D 25 -28.53 22.54 -32.36
C ASP D 25 -27.07 22.65 -31.92
N LYS D 26 -26.84 22.89 -30.63
CA LYS D 26 -25.49 22.94 -30.10
C LYS D 26 -24.83 21.57 -30.24
N LEU D 27 -25.59 20.52 -29.95
CA LEU D 27 -25.07 19.16 -30.06
C LEU D 27 -24.75 18.86 -31.52
N LYS D 28 -25.59 19.32 -32.42
CA LYS D 28 -25.43 19.10 -33.85
C LYS D 28 -24.14 19.78 -34.31
N ALA D 29 -23.89 20.98 -33.80
CA ALA D 29 -22.71 21.74 -34.14
C ALA D 29 -21.46 20.94 -33.80
N TYR D 30 -21.44 20.33 -32.62
CA TYR D 30 -20.28 19.55 -32.19
C TYR D 30 -20.07 18.40 -33.15
N PHE D 31 -21.16 17.73 -33.57
CA PHE D 31 -21.04 16.50 -34.33
C PHE D 31 -20.41 16.74 -35.71
N THR D 32 -20.65 17.91 -36.30
CA THR D 32 -20.01 18.25 -37.56
C THR D 32 -18.50 18.50 -37.37
N THR D 33 -18.15 19.19 -36.27
CA THR D 33 -16.76 19.52 -35.98
C THR D 33 -15.97 18.24 -35.72
N GLY D 34 -16.64 17.23 -35.17
CA GLY D 34 -16.01 16.07 -34.57
C GLY D 34 -15.04 15.37 -35.50
N ALA D 35 -15.45 15.13 -36.74
CA ALA D 35 -14.63 14.38 -37.68
C ALA D 35 -13.27 15.06 -37.87
N VAL D 36 -13.30 16.39 -38.01
CA VAL D 36 -12.09 17.19 -38.19
C VAL D 36 -11.18 16.99 -36.98
N ARG D 37 -11.75 17.07 -35.79
CA ARG D 37 -10.97 16.98 -34.56
C ARG D 37 -10.27 15.64 -34.49
N VAL D 38 -10.95 14.55 -34.85
CA VAL D 38 -10.34 13.23 -34.75
C VAL D 38 -9.10 13.19 -35.64
N ARG D 39 -9.21 13.72 -36.86
CA ARG D 39 -8.10 13.71 -37.79
C ARG D 39 -6.95 14.53 -37.21
N ALA D 40 -7.26 15.69 -36.64
CA ALA D 40 -6.24 16.56 -36.07
C ALA D 40 -5.49 15.85 -34.96
N ALA D 41 -6.23 15.17 -34.09
CA ALA D 41 -5.64 14.48 -32.95
C ALA D 41 -4.63 13.44 -33.41
N ALA D 42 -4.95 12.70 -34.47
CA ALA D 42 -4.04 11.68 -34.97
C ALA D 42 -2.77 12.31 -35.52
N VAL D 43 -2.91 13.45 -36.18
CA VAL D 43 -1.75 14.16 -36.72
C VAL D 43 -0.84 14.53 -35.56
N ILE D 44 -1.41 15.12 -34.51
CA ILE D 44 -0.60 15.62 -33.41
C ILE D 44 0.13 14.45 -32.76
N SER D 45 -0.57 13.33 -32.52
CA SER D 45 0.03 12.21 -31.81
C SER D 45 1.24 11.66 -32.56
N SER D 46 1.14 11.57 -33.89
CA SER D 46 2.21 11.02 -34.70
C SER D 46 3.42 11.95 -34.73
N ASN D 47 3.18 13.26 -34.67
CA ASN D 47 4.25 14.23 -34.84
C ASN D 47 4.63 14.85 -33.51
N ALA D 48 4.25 14.21 -32.40
CA ALA D 48 4.37 14.82 -31.09
C ALA D 48 5.82 15.16 -30.77
N THR D 49 6.72 14.20 -31.01
CA THR D 49 8.11 14.38 -30.69
C THR D 49 8.69 15.57 -31.47
N THR D 50 8.37 15.62 -32.76
CA THR D 50 8.83 16.67 -33.64
C THR D 50 8.30 18.02 -33.15
N ILE D 51 7.02 18.07 -32.77
CA ILE D 51 6.42 19.31 -32.35
C ILE D 51 7.20 19.88 -31.18
N ILE D 52 7.60 19.03 -30.26
CA ILE D 52 8.26 19.50 -29.06
C ILE D 52 9.66 20.01 -29.41
N LYS D 53 10.35 19.27 -30.27
CA LYS D 53 11.68 19.65 -30.69
C LYS D 53 11.65 21.02 -31.35
N GLU D 54 10.73 21.21 -32.31
CA GLU D 54 10.64 22.47 -33.03
C GLU D 54 10.33 23.61 -32.08
N ALA D 55 9.40 23.38 -31.15
CA ALA D 55 9.00 24.43 -30.23
C ALA D 55 10.13 24.82 -29.30
N ALA D 56 10.94 23.84 -28.89
CA ALA D 56 12.07 24.11 -28.01
C ALA D 56 13.12 24.93 -28.74
N ALA D 57 13.37 24.55 -30.00
CA ALA D 57 14.31 25.26 -30.86
C ALA D 57 13.86 26.72 -31.04
N LYS D 58 12.56 26.93 -31.25
CA LYS D 58 12.03 28.26 -31.42
C LYS D 58 12.18 29.10 -30.15
N ALA D 59 11.92 28.53 -28.96
CA ALA D 59 11.87 29.37 -27.76
C ALA D 59 12.91 29.02 -26.69
N LEU D 60 12.99 27.76 -26.31
CA LEU D 60 13.73 27.42 -25.10
C LEU D 60 15.25 27.37 -25.34
N ILE D 61 15.72 26.64 -26.36
CA ILE D 61 17.15 26.35 -26.44
C ILE D 61 17.91 27.54 -27.04
N TYR D 62 19.24 27.42 -27.15
CA TYR D 62 20.12 28.46 -27.67
C TYR D 62 19.95 29.74 -26.89
N SER D 63 19.69 29.62 -25.59
CA SER D 63 19.25 30.76 -24.80
C SER D 63 20.07 30.79 -23.52
N ASP D 64 19.80 31.77 -22.68
CA ASP D 64 20.43 31.80 -21.36
C ASP D 64 19.91 30.68 -20.46
N LEU D 65 18.66 30.26 -20.67
CA LEU D 65 18.07 29.19 -19.90
C LEU D 65 18.88 27.91 -20.02
N THR D 66 19.32 27.58 -21.22
CA THR D 66 20.12 26.37 -21.39
C THR D 66 21.52 26.60 -20.84
N ARG D 67 22.00 27.82 -20.84
CA ARG D 67 23.38 28.08 -20.44
C ARG D 67 23.46 27.97 -18.93
N PRO D 68 24.64 27.75 -18.31
CA PRO D 68 24.76 27.51 -16.87
C PRO D 68 24.13 28.60 -16.02
N GLY D 69 23.45 28.16 -14.97
CA GLY D 69 22.67 29.04 -14.11
C GLY D 69 21.19 29.06 -14.52
N GLY D 70 20.90 28.67 -15.74
CA GLY D 70 19.55 28.75 -16.25
C GLY D 70 18.75 27.56 -15.79
N MET D 72 16.82 25.59 -17.40
CA MET D 72 16.88 24.46 -18.29
C MET D 72 18.33 23.94 -18.46
N TYR D 73 19.28 24.52 -17.73
CA TYR D 73 20.62 23.97 -17.64
C TYR D 73 20.65 22.73 -16.77
N THR D 74 21.59 21.82 -17.06
CA THR D 74 21.74 20.47 -16.52
C THR D 74 20.85 19.52 -17.34
N THR D 75 21.31 18.31 -17.54
CA THR D 75 20.53 17.38 -18.36
C THR D 75 19.22 17.00 -17.66
N ARG D 76 19.29 16.86 -16.34
CA ARG D 76 18.12 16.49 -15.56
C ARG D 76 17.01 17.51 -15.76
N ARG D 77 17.32 18.81 -15.66
CA ARG D 77 16.34 19.84 -15.90
C ARG D 77 15.92 19.93 -17.37
N TYR D 78 16.80 19.72 -18.32
CA TYR D 78 16.39 19.75 -19.69
C TYR D 78 15.33 18.68 -19.89
N ALA D 79 15.59 17.49 -19.36
CA ALA D 79 14.69 16.37 -19.60
C ALA D 79 13.35 16.64 -18.94
N ALA D 80 13.37 17.25 -17.75
CA ALA D 80 12.14 17.62 -17.08
C ALA D 80 11.30 18.58 -17.92
N CYS D 81 11.94 19.58 -18.50
CA CYS D 81 11.23 20.55 -19.29
C CYS D 81 10.56 19.89 -20.49
N ILE D 82 11.25 19.02 -21.22
CA ILE D 82 10.61 18.45 -22.39
C ILE D 82 9.53 17.47 -21.92
N ARG D 83 9.67 16.93 -20.71
CA ARG D 83 8.62 16.06 -20.16
C ARG D 83 7.35 16.88 -19.97
N ASP D 84 7.48 18.05 -19.34
CA ASP D 84 6.31 18.89 -19.15
C ASP D 84 5.67 19.32 -20.47
N MET D 85 6.48 19.61 -21.47
CA MET D 85 5.96 20.04 -22.75
C MET D 85 5.09 18.94 -23.31
N ASP D 86 5.58 17.70 -23.25
CA ASP D 86 4.80 16.59 -23.75
C ASP D 86 3.47 16.44 -23.02
N TYR D 87 3.45 16.62 -21.71
CA TYR D 87 2.20 16.57 -20.96
C TYR D 87 1.22 17.61 -21.51
N PHE D 88 1.66 18.86 -21.60
CA PHE D 88 0.78 19.89 -22.09
C PHE D 88 0.23 19.53 -23.46
N LEU D 89 1.07 19.02 -24.34
CA LEU D 89 0.61 18.69 -25.67
C LEU D 89 -0.46 17.61 -25.62
N ARG D 90 -0.25 16.57 -24.81
CA ARG D 90 -1.18 15.46 -24.72
C ARG D 90 -2.54 15.93 -24.20
N TYR D 91 -2.54 16.79 -23.18
CA TYR D 91 -3.78 17.26 -22.61
C TYR D 91 -4.49 18.21 -23.56
N ALA D 92 -3.76 19.06 -24.25
CA ALA D 92 -4.39 19.91 -25.25
C ALA D 92 -5.10 19.06 -26.30
N THR D 93 -4.47 17.97 -26.72
CA THR D 93 -5.11 17.10 -27.69
C THR D 93 -6.40 16.52 -27.10
N TYR D 94 -6.37 16.12 -25.83
CA TYR D 94 -7.56 15.58 -25.18
C TYR D 94 -8.65 16.64 -25.16
N ALA D 95 -8.28 17.89 -24.84
CA ALA D 95 -9.25 18.97 -24.77
C ALA D 95 -9.88 19.23 -26.13
N MET D 96 -9.08 19.15 -27.17
CA MET D 96 -9.56 19.42 -28.50
C MET D 96 -10.60 18.37 -28.89
N LEU D 97 -10.34 17.11 -28.60
CA LEU D 97 -11.33 16.08 -28.88
C LEU D 97 -12.59 16.36 -28.06
N ALA D 98 -12.41 16.64 -26.77
CA ALA D 98 -13.55 16.82 -25.89
C ALA D 98 -14.37 18.02 -26.32
N GLY D 99 -13.71 19.05 -26.84
CA GLY D 99 -14.38 20.29 -27.18
C GLY D 99 -14.65 21.14 -25.95
N ASP D 100 -13.98 20.84 -24.84
CA ASP D 100 -14.15 21.62 -23.63
C ASP D 100 -12.78 21.82 -22.97
N PRO D 101 -12.51 22.98 -22.35
CA PRO D 101 -11.25 23.19 -21.65
C PRO D 101 -11.17 22.70 -20.22
N SER D 102 -12.25 22.08 -19.73
CA SER D 102 -12.36 21.71 -18.32
C SER D 102 -11.20 20.81 -17.86
N ILE D 103 -10.87 19.82 -18.68
CA ILE D 103 -9.83 18.86 -18.36
C ILE D 103 -8.52 19.59 -18.07
N LEU D 104 -8.24 20.66 -18.81
CA LEU D 104 -7.02 21.42 -18.63
C LEU D 104 -7.01 22.03 -17.23
N ASP D 105 -8.18 22.54 -16.80
CA ASP D 105 -8.27 23.16 -15.49
C ASP D 105 -8.06 22.15 -14.37
N GLU D 106 -8.65 20.96 -14.55
CA GLU D 106 -8.55 19.93 -13.53
C GLU D 106 -7.14 19.36 -13.37
N ARG D 107 -6.61 18.68 -14.38
CA ARG D 107 -5.34 17.99 -14.21
C ARG D 107 -4.11 18.82 -14.52
N VAL D 108 -4.17 19.63 -15.56
CA VAL D 108 -2.99 20.34 -15.98
C VAL D 108 -2.79 21.54 -15.06
N LEU D 109 -3.81 22.35 -14.86
CA LEU D 109 -3.54 23.68 -14.33
C LEU D 109 -3.55 23.71 -12.82
N ASN D 110 -3.91 22.62 -12.15
CA ASN D 110 -4.09 22.66 -10.70
C ASN D 110 -2.80 22.73 -9.90
N GLY D 111 -2.59 23.86 -9.19
CA GLY D 111 -1.39 24.06 -8.41
C GLY D 111 -0.13 24.31 -9.23
N LEU D 112 -0.26 24.46 -10.55
CA LEU D 112 0.91 24.44 -11.40
C LEU D 112 1.72 25.71 -11.18
N LYS D 113 1.03 26.83 -11.14
CA LYS D 113 1.68 28.13 -11.05
C LYS D 113 2.50 28.21 -9.78
N GLU D 114 1.88 27.78 -8.67
CA GLU D 114 2.51 27.86 -7.37
C GLU D 114 3.72 26.93 -7.32
N THR D 115 3.59 25.73 -7.90
CA THR D 115 4.68 24.79 -7.94
C THR D 115 5.82 25.37 -8.74
N TYR D 116 5.51 25.92 -9.90
CA TYR D 116 6.52 26.52 -10.76
C TYR D 116 7.25 27.62 -10.02
N ASN D 117 6.51 28.45 -9.27
CA ASN D 117 7.14 29.56 -8.58
C ASN D 117 8.14 29.06 -7.53
N SER D 118 7.77 28.03 -6.78
CA SER D 118 8.69 27.47 -5.80
C SER D 118 9.88 26.81 -6.47
N LEU D 119 9.65 26.08 -7.56
CA LEU D 119 10.74 25.43 -8.29
C LEU D 119 11.69 26.48 -8.86
N GLY D 120 11.14 27.61 -9.33
CA GLY D 120 11.94 28.58 -10.03
C GLY D 120 11.88 28.37 -11.53
N VAL D 121 10.99 27.50 -11.99
CA VAL D 121 10.69 27.37 -13.40
C VAL D 121 10.17 28.73 -13.84
N PRO D 122 10.68 29.33 -14.96
CA PRO D 122 10.18 30.63 -15.40
C PRO D 122 8.87 30.55 -16.18
N ILE D 123 7.80 31.16 -15.67
CA ILE D 123 6.47 31.01 -16.25
C ILE D 123 6.44 31.59 -17.66
N ALA D 124 7.02 32.77 -17.83
CA ALA D 124 6.99 33.47 -19.10
C ALA D 124 7.54 32.61 -20.23
N ALA D 125 8.68 31.95 -19.96
CA ALA D 125 9.32 31.09 -20.95
C ALA D 125 8.45 29.89 -21.26
N THR D 126 7.77 29.36 -20.23
CA THR D 126 6.90 28.20 -20.39
C THR D 126 5.75 28.60 -21.31
N VAL D 127 5.15 29.75 -21.03
CA VAL D 127 4.07 30.26 -21.84
C VAL D 127 4.56 30.38 -23.28
N GLY D 128 5.75 30.94 -23.45
CA GLY D 128 6.35 31.08 -24.77
C GLY D 128 6.46 29.76 -25.51
N GLY D 129 6.86 28.71 -24.78
CA GLY D 129 6.97 27.35 -25.31
C GLY D 129 5.62 26.78 -25.70
N ILE D 130 4.55 27.08 -24.94
CA ILE D 130 3.22 26.62 -25.29
C ILE D 130 2.79 27.29 -26.59
N GLN D 131 3.02 28.61 -26.69
CA GLN D 131 2.65 29.37 -27.87
C GLN D 131 3.43 28.85 -29.08
N ALA D 132 4.70 28.51 -28.88
CA ALA D 132 5.49 27.94 -29.95
C ALA D 132 4.93 26.62 -30.43
N MET D 133 4.50 25.76 -29.49
CA MET D 133 3.91 24.48 -29.86
C MET D 133 2.68 24.73 -30.71
N LYS D 134 1.90 25.74 -30.34
CA LYS D 134 0.64 26.02 -31.01
C LYS D 134 0.90 26.30 -32.49
N GLU D 135 1.87 27.18 -32.74
CA GLU D 135 2.24 27.56 -34.10
C GLU D 135 2.61 26.31 -34.89
N VAL D 136 3.47 25.45 -34.31
CA VAL D 136 3.93 24.26 -35.00
C VAL D 136 2.73 23.36 -35.29
N VAL D 137 1.85 23.20 -34.29
CA VAL D 137 0.69 22.32 -34.40
C VAL D 137 -0.20 22.86 -35.51
N GLY D 138 -0.40 24.18 -35.52
CA GLY D 138 -1.26 24.83 -36.49
C GLY D 138 -0.90 24.40 -37.92
N GLY D 139 0.39 24.44 -38.23
CA GLY D 139 0.88 24.02 -39.53
C GLY D 139 0.50 22.58 -39.85
N LEU D 140 0.77 21.66 -38.91
CA LEU D 140 0.56 20.25 -39.15
C LEU D 140 -0.92 19.94 -39.37
N VAL D 141 -1.79 20.50 -38.52
CA VAL D 141 -3.19 20.12 -38.46
C VAL D 141 -3.90 20.65 -39.70
N GLY D 142 -3.48 21.82 -40.19
CA GLY D 142 -4.18 22.53 -41.25
C GLY D 142 -5.14 23.57 -40.69
N PRO D 143 -5.57 24.58 -41.49
CA PRO D 143 -6.25 25.77 -40.97
C PRO D 143 -7.56 25.58 -40.19
N ASP D 144 -8.47 24.76 -40.74
CA ASP D 144 -9.75 24.52 -40.09
C ASP D 144 -9.53 23.96 -38.69
N ALA D 145 -8.65 22.94 -38.61
CA ALA D 145 -8.33 22.30 -37.36
C ALA D 145 -7.63 23.29 -36.43
N ALA D 146 -6.77 24.14 -37.00
CA ALA D 146 -5.89 25.02 -36.24
C ALA D 146 -6.68 25.96 -35.34
N LYS D 147 -7.81 26.48 -35.83
CA LYS D 147 -8.60 27.41 -35.05
C LYS D 147 -9.06 26.74 -33.75
N GLU D 148 -9.57 25.52 -33.90
CA GLU D 148 -10.04 24.73 -32.76
C GLU D 148 -8.86 24.45 -31.83
N ALA D 149 -7.74 24.01 -32.40
CA ALA D 149 -6.56 23.66 -31.63
C ALA D 149 -6.06 24.88 -30.86
N SER D 150 -6.12 26.06 -31.48
CA SER D 150 -5.52 27.24 -30.89
C SER D 150 -6.14 27.58 -29.55
N ILE D 151 -7.46 27.42 -29.42
CA ILE D 151 -8.12 27.94 -28.21
C ILE D 151 -7.64 27.19 -26.99
N TYR D 152 -7.35 25.89 -27.14
CA TYR D 152 -6.94 25.09 -26.00
C TYR D 152 -5.51 25.45 -25.59
N PHE D 153 -4.65 25.68 -26.57
CA PHE D 153 -3.30 26.13 -26.27
C PHE D 153 -3.34 27.48 -25.57
N ASP D 154 -4.24 28.36 -26.04
CA ASP D 154 -4.35 29.69 -25.46
C ASP D 154 -4.86 29.60 -24.02
N TYR D 155 -5.75 28.63 -23.78
CA TYR D 155 -6.32 28.42 -22.46
C TYR D 155 -5.24 28.02 -21.46
N LEU D 156 -4.34 27.14 -21.90
CA LEU D 156 -3.23 26.70 -21.06
C LEU D 156 -2.35 27.89 -20.73
N SER D 157 -2.03 28.69 -21.74
CA SER D 157 -1.09 29.78 -21.58
C SER D 157 -1.64 30.82 -20.60
N SER D 158 -2.93 31.14 -20.74
CA SER D 158 -3.57 32.10 -19.87
C SER D 158 -3.60 31.61 -18.42
N GLY D 159 -3.82 30.31 -18.24
CA GLY D 159 -3.86 29.72 -16.92
C GLY D 159 -2.52 29.85 -16.21
N LEU D 160 -1.46 29.57 -16.96
CA LEU D 160 -0.12 29.52 -16.42
C LEU D 160 0.29 30.94 -16.03
N SER D 161 -0.05 31.89 -16.89
CA SER D 161 0.20 33.29 -16.60
C SER D 161 -0.95 33.87 -15.74
N SER E 2 -7.52 -6.86 -29.20
CA SER E 2 -8.48 -6.41 -30.23
C SER E 2 -9.38 -5.34 -29.60
N VAL E 3 -10.44 -4.95 -30.31
CA VAL E 3 -11.46 -4.12 -29.72
C VAL E 3 -12.15 -4.89 -28.61
N LEU E 4 -12.40 -6.18 -28.86
CA LEU E 4 -13.09 -7.02 -27.89
C LEU E 4 -12.30 -7.07 -26.61
N THR E 5 -11.03 -7.46 -26.73
CA THR E 5 -10.21 -7.64 -25.56
C THR E 5 -10.23 -6.37 -24.73
N LYS E 6 -10.01 -5.23 -25.36
CA LYS E 6 -9.90 -3.99 -24.65
C LYS E 6 -11.18 -3.71 -23.84
N ALA E 7 -12.33 -3.91 -24.48
CA ALA E 7 -13.60 -3.61 -23.84
C ALA E 7 -13.82 -4.49 -22.61
N ILE E 8 -13.56 -5.79 -22.78
CA ILE E 8 -13.77 -6.75 -21.75
C ILE E 8 -12.86 -6.45 -20.58
N VAL E 9 -11.60 -6.14 -20.85
CA VAL E 9 -10.64 -5.88 -19.80
C VAL E 9 -11.08 -4.72 -18.93
N ASN E 10 -11.60 -3.65 -19.54
CA ASN E 10 -12.05 -2.52 -18.74
C ASN E 10 -13.23 -2.90 -17.86
N ALA E 11 -14.17 -3.67 -18.44
CA ALA E 11 -15.33 -4.12 -17.70
C ALA E 11 -14.92 -4.99 -16.52
N ASP E 12 -14.02 -5.96 -16.77
CA ASP E 12 -13.61 -6.91 -15.73
C ASP E 12 -13.00 -6.15 -14.57
N ALA E 13 -12.17 -5.15 -14.88
CA ALA E 13 -11.50 -4.38 -13.85
C ALA E 13 -12.51 -3.65 -12.98
N GLU E 14 -13.56 -3.13 -13.60
CA GLU E 14 -14.63 -2.48 -12.86
C GLU E 14 -15.67 -3.47 -12.37
N ALA E 15 -15.46 -4.76 -12.66
CA ALA E 15 -16.26 -5.84 -12.11
C ALA E 15 -17.71 -5.71 -12.53
N ARG E 16 -17.95 -5.36 -13.78
CA ARG E 16 -19.29 -5.01 -14.26
C ARG E 16 -19.50 -5.63 -15.62
N TYR E 17 -20.75 -5.73 -16.06
CA TYR E 17 -21.08 -6.10 -17.42
C TYR E 17 -20.72 -4.93 -18.32
N LEU E 18 -20.67 -5.21 -19.62
CA LEU E 18 -20.33 -4.23 -20.62
C LEU E 18 -21.38 -3.13 -20.69
N SER E 19 -20.88 -1.88 -20.74
CA SER E 19 -21.69 -0.69 -20.89
C SER E 19 -22.38 -0.70 -22.24
N PRO E 20 -23.46 0.10 -22.42
CA PRO E 20 -24.05 0.32 -23.75
C PRO E 20 -23.02 0.88 -24.74
N GLY E 21 -22.18 1.82 -24.29
CA GLY E 21 -21.10 2.35 -25.10
C GLY E 21 -20.12 1.26 -25.57
N GLU E 22 -19.72 0.39 -24.64
CA GLU E 22 -18.79 -0.69 -24.95
C GLU E 22 -19.42 -1.66 -25.95
N LEU E 23 -20.70 -1.97 -25.75
CA LEU E 23 -21.42 -2.82 -26.67
C LEU E 23 -21.51 -2.18 -28.05
N ASP E 24 -21.72 -0.86 -28.10
CA ASP E 24 -21.87 -0.15 -29.38
C ASP E 24 -20.57 -0.26 -30.15
N ARG E 25 -19.44 -0.12 -29.45
CA ARG E 25 -18.16 -0.14 -30.12
C ARG E 25 -17.91 -1.52 -30.72
N ILE E 26 -18.38 -2.57 -30.04
CA ILE E 26 -18.24 -3.91 -30.56
C ILE E 26 -19.08 -4.07 -31.81
N LYS E 27 -20.29 -3.51 -31.79
CA LYS E 27 -21.19 -3.62 -32.93
C LYS E 27 -20.55 -2.94 -34.14
N SER E 28 -19.98 -1.75 -33.94
CA SER E 28 -19.44 -0.98 -35.04
C SER E 28 -18.27 -1.75 -35.67
N PHE E 29 -17.44 -2.29 -34.79
CA PHE E 29 -16.24 -3.00 -35.17
C PHE E 29 -16.57 -4.23 -36.01
N VAL E 30 -17.58 -4.97 -35.60
CA VAL E 30 -17.89 -6.23 -36.28
C VAL E 30 -18.51 -5.93 -37.63
N ALA E 31 -19.21 -4.79 -37.76
CA ALA E 31 -19.72 -4.36 -39.06
C ALA E 31 -18.56 -4.05 -40.00
N SER E 32 -17.52 -3.39 -39.48
CA SER E 32 -16.37 -3.00 -40.27
C SER E 32 -15.51 -4.19 -40.66
N GLY E 33 -15.74 -5.37 -40.09
CA GLY E 33 -14.83 -6.50 -40.17
C GLY E 33 -14.45 -6.88 -41.59
N GLU E 34 -15.47 -6.99 -42.45
CA GLU E 34 -15.26 -7.45 -43.82
C GLU E 34 -14.36 -6.46 -44.56
N ARG E 35 -14.65 -5.16 -44.43
CA ARG E 35 -13.79 -4.13 -44.99
C ARG E 35 -12.36 -4.25 -44.47
N ARG E 36 -12.19 -4.44 -43.15
CA ARG E 36 -10.85 -4.52 -42.58
C ARG E 36 -10.10 -5.71 -43.18
N LEU E 37 -10.79 -6.83 -43.38
CA LEU E 37 -10.15 -8.02 -43.91
C LEU E 37 -9.68 -7.75 -45.32
N ARG E 38 -10.46 -6.98 -46.09
CA ARG E 38 -10.11 -6.65 -47.46
C ARG E 38 -8.84 -5.79 -47.48
N ILE E 39 -8.74 -4.80 -46.60
CA ILE E 39 -7.58 -3.93 -46.54
C ILE E 39 -6.34 -4.77 -46.25
N ALA E 40 -6.46 -5.72 -45.31
CA ALA E 40 -5.35 -6.55 -44.92
C ALA E 40 -4.91 -7.43 -46.09
N GLN E 41 -5.88 -7.95 -46.84
CA GLN E 41 -5.60 -8.86 -47.93
C GLN E 41 -4.81 -8.15 -49.02
N THR E 42 -5.22 -6.92 -49.35
CA THR E 42 -4.55 -6.13 -50.37
C THR E 42 -3.08 -5.98 -50.00
N LEU E 43 -2.81 -5.57 -48.76
CA LEU E 43 -1.45 -5.31 -48.34
C LEU E 43 -0.64 -6.61 -48.32
N THR E 44 -1.27 -7.71 -47.93
CA THR E 44 -0.59 -9.00 -47.88
C THR E 44 -0.13 -9.40 -49.28
N GLU E 45 -1.00 -9.19 -50.26
CA GLU E 45 -0.73 -9.59 -51.64
C GLU E 45 0.45 -8.79 -52.19
N ALA E 46 0.50 -7.49 -51.86
CA ALA E 46 1.49 -6.59 -52.43
C ALA E 46 2.70 -6.43 -51.51
N ARG E 47 2.92 -7.42 -50.64
CA ARG E 47 3.89 -7.28 -49.59
C ARG E 47 5.30 -7.03 -50.16
N GLU E 48 5.67 -7.90 -51.11
CA GLU E 48 7.00 -7.88 -51.67
C GLU E 48 7.28 -6.54 -52.31
N ARG E 49 6.29 -6.00 -53.02
CA ARG E 49 6.40 -4.71 -53.67
C ARG E 49 6.54 -3.62 -52.61
N ILE E 50 5.70 -3.66 -51.56
CA ILE E 50 5.71 -2.57 -50.59
C ILE E 50 7.10 -2.49 -49.95
N VAL E 51 7.61 -3.65 -49.54
CA VAL E 51 8.87 -3.68 -48.82
C VAL E 51 9.96 -3.11 -49.74
N LYS E 52 9.99 -3.64 -50.96
CA LYS E 52 11.10 -3.38 -51.87
C LYS E 52 11.10 -1.92 -52.28
N GLN E 53 9.95 -1.41 -52.74
CA GLN E 53 9.89 -0.01 -53.17
C GLN E 53 10.20 0.91 -52.00
N ALA E 54 9.68 0.57 -50.79
CA ALA E 54 9.98 1.40 -49.63
C ALA E 54 11.47 1.32 -49.29
N GLY E 55 12.02 0.12 -49.40
CA GLY E 55 13.44 -0.11 -49.20
C GLY E 55 14.26 0.79 -50.10
N ASP E 56 13.93 0.84 -51.39
CA ASP E 56 14.67 1.65 -52.36
C ASP E 56 14.62 3.11 -51.95
N GLN E 57 13.43 3.60 -51.61
CA GLN E 57 13.29 4.98 -51.18
C GLN E 57 14.16 5.22 -49.94
N LEU E 58 14.15 4.29 -49.00
CA LEU E 58 14.92 4.41 -47.77
C LEU E 58 16.40 4.52 -48.10
N PHE E 59 16.90 3.67 -49.00
CA PHE E 59 18.32 3.69 -49.32
C PHE E 59 18.68 5.00 -50.03
N GLN E 60 17.76 5.53 -50.85
CA GLN E 60 17.96 6.84 -51.44
C GLN E 60 17.97 7.90 -50.33
N LYS E 61 16.99 7.83 -49.40
CA LYS E 61 16.89 8.82 -48.34
C LYS E 61 18.10 8.78 -47.44
N ARG E 62 18.60 7.58 -47.12
CA ARG E 62 19.77 7.40 -46.26
C ARG E 62 20.80 6.56 -46.99
N PRO E 63 21.62 7.16 -47.87
CA PRO E 63 22.64 6.40 -48.58
C PRO E 63 23.62 5.76 -47.60
N ASP E 64 23.88 6.49 -46.49
CA ASP E 64 24.96 6.15 -45.57
C ASP E 64 24.80 4.73 -45.03
N VAL E 65 23.57 4.36 -44.62
CA VAL E 65 23.40 3.07 -43.99
C VAL E 65 23.93 1.99 -44.92
N VAL E 66 23.63 2.08 -46.23
CA VAL E 66 24.15 1.13 -47.20
C VAL E 66 25.40 1.70 -47.85
N SER E 67 26.43 1.91 -47.01
CA SER E 67 27.72 2.39 -47.45
C SER E 67 28.79 1.70 -46.62
N PRO E 68 30.06 1.58 -47.07
CA PRO E 68 31.03 0.71 -46.38
C PRO E 68 31.17 1.08 -44.89
N GLY E 69 31.16 2.39 -44.60
CA GLY E 69 31.12 2.88 -43.22
C GLY E 69 29.85 2.44 -42.51
N GLY E 70 28.70 2.54 -43.20
CA GLY E 70 27.37 2.31 -42.63
C GLY E 70 27.16 0.89 -42.12
N ASN E 71 26.21 0.77 -41.19
CA ASN E 71 25.87 -0.49 -40.54
C ASN E 71 25.20 -1.47 -41.51
N ALA E 72 24.34 -0.95 -42.37
CA ALA E 72 23.53 -1.81 -43.23
C ALA E 72 24.36 -2.38 -44.39
N TYR E 73 25.62 -1.88 -44.57
CA TYR E 73 26.44 -2.23 -45.72
C TYR E 73 26.66 -3.74 -45.81
N GLY E 74 26.68 -4.19 -47.06
CA GLY E 74 26.87 -5.59 -47.37
C GLY E 74 25.51 -6.17 -47.72
N GLU E 75 25.50 -7.23 -48.54
CA GLU E 75 24.27 -7.82 -49.02
C GLU E 75 23.53 -8.50 -47.88
N LYS E 76 24.22 -9.30 -47.06
CA LYS E 76 23.56 -9.96 -45.94
C LYS E 76 22.88 -8.91 -45.07
N MET E 77 23.61 -7.85 -44.72
CA MET E 77 23.05 -6.80 -43.90
C MET E 77 21.84 -6.17 -44.59
N THR E 78 21.95 -5.93 -45.89
CA THR E 78 20.87 -5.32 -46.63
C THR E 78 19.65 -6.23 -46.60
N ALA E 79 19.87 -7.54 -46.70
CA ALA E 79 18.76 -8.47 -46.66
C ALA E 79 18.05 -8.37 -45.32
N LEU E 80 18.82 -8.33 -44.24
CA LEU E 80 18.25 -8.24 -42.90
C LEU E 80 17.39 -7.00 -42.80
N CYS E 81 17.86 -5.86 -43.34
CA CYS E 81 17.06 -4.64 -43.25
C CYS E 81 15.74 -4.81 -43.99
N LEU E 82 15.77 -5.52 -45.11
CA LEU E 82 14.55 -5.79 -45.85
C LEU E 82 13.66 -6.77 -45.06
N ARG E 83 14.28 -7.78 -44.46
CA ARG E 83 13.54 -8.75 -43.69
C ARG E 83 12.77 -8.04 -42.57
N ASP E 84 13.45 -7.08 -41.92
CA ASP E 84 12.84 -6.30 -40.87
C ASP E 84 11.63 -5.56 -41.39
N LEU E 85 11.76 -4.94 -42.56
CA LEU E 85 10.65 -4.20 -43.14
C LEU E 85 9.49 -5.14 -43.37
N ASP E 86 9.76 -6.36 -43.82
CA ASP E 86 8.69 -7.30 -44.06
C ASP E 86 7.95 -7.66 -42.77
N TYR E 87 8.73 -7.87 -41.69
CA TYR E 87 8.18 -8.16 -40.40
C TYR E 87 7.22 -7.05 -39.96
N TYR E 88 7.66 -5.80 -40.10
CA TYR E 88 6.84 -4.68 -39.68
C TYR E 88 5.58 -4.60 -40.52
N LEU E 89 5.66 -4.92 -41.80
CA LEU E 89 4.46 -4.86 -42.62
C LEU E 89 3.46 -5.91 -42.17
N ARG E 90 3.94 -7.12 -41.85
CA ARG E 90 3.04 -8.15 -41.40
C ARG E 90 2.30 -7.71 -40.13
N LEU E 91 3.05 -7.12 -39.19
CA LEU E 91 2.48 -6.60 -37.97
C LEU E 91 1.35 -5.60 -38.26
N VAL E 92 1.55 -4.70 -39.20
CA VAL E 92 0.54 -3.71 -39.48
C VAL E 92 -0.79 -4.37 -39.86
N THR E 93 -0.70 -5.44 -40.66
CA THR E 93 -1.92 -6.09 -41.13
C THR E 93 -2.66 -6.69 -39.95
N TYR E 94 -1.93 -7.31 -39.01
CA TYR E 94 -2.54 -7.85 -37.82
C TYR E 94 -3.32 -6.78 -37.06
N GLY E 95 -2.71 -5.59 -36.94
CA GLY E 95 -3.33 -4.47 -36.26
C GLY E 95 -4.68 -4.09 -36.88
N ILE E 96 -4.70 -4.04 -38.21
CA ILE E 96 -5.87 -3.58 -38.91
C ILE E 96 -7.04 -4.51 -38.62
N VAL E 97 -6.80 -5.83 -38.66
CA VAL E 97 -7.89 -6.76 -38.47
C VAL E 97 -8.34 -6.74 -37.01
N ALA E 98 -7.40 -6.56 -36.07
CA ALA E 98 -7.76 -6.51 -34.68
C ALA E 98 -8.52 -5.22 -34.33
N GLY E 99 -8.21 -4.13 -35.03
CA GLY E 99 -8.83 -2.86 -34.74
C GLY E 99 -8.16 -2.17 -33.55
N ASP E 100 -7.00 -2.71 -33.12
CA ASP E 100 -6.25 -2.06 -32.07
C ASP E 100 -4.81 -2.57 -32.14
N VAL E 101 -3.98 -2.09 -31.22
CA VAL E 101 -2.54 -2.21 -31.36
C VAL E 101 -2.07 -3.34 -30.46
N THR E 102 -2.95 -3.91 -29.58
CA THR E 102 -2.46 -4.85 -28.59
C THR E 102 -1.51 -5.85 -29.27
N PRO E 103 -1.92 -6.56 -30.35
CA PRO E 103 -1.04 -7.49 -31.04
C PRO E 103 0.25 -6.84 -31.50
N ILE E 104 0.14 -5.69 -32.16
CA ILE E 104 1.31 -4.98 -32.66
C ILE E 104 2.27 -4.68 -31.52
N GLU E 105 1.72 -4.19 -30.39
CA GLU E 105 2.53 -3.60 -29.34
C GLU E 105 3.41 -4.66 -28.67
N GLU E 106 2.77 -5.80 -28.32
CA GLU E 106 3.47 -6.88 -27.65
C GLU E 106 4.54 -7.47 -28.55
N ILE E 107 4.25 -7.65 -29.84
CA ILE E 107 5.17 -8.32 -30.74
C ILE E 107 6.30 -7.41 -31.20
N GLY E 108 6.05 -6.11 -31.36
CA GLY E 108 7.00 -5.28 -32.09
C GLY E 108 7.41 -3.98 -31.42
N ILE E 109 6.71 -3.42 -30.41
CA ILE E 109 7.17 -2.13 -29.92
C ILE E 109 7.72 -2.23 -28.50
N ILE E 110 7.22 -3.14 -27.64
CA ILE E 110 7.70 -3.08 -26.25
C ILE E 110 9.02 -3.81 -26.19
N GLY E 111 10.07 -3.10 -25.76
CA GLY E 111 11.42 -3.63 -25.78
C GLY E 111 12.15 -3.34 -27.08
N VAL E 112 11.50 -2.65 -28.02
CA VAL E 112 12.11 -2.40 -29.32
C VAL E 112 13.32 -1.48 -29.16
N LYS E 113 13.22 -0.47 -28.28
CA LYS E 113 14.32 0.47 -28.07
C LYS E 113 15.56 -0.31 -27.70
N GLU E 114 15.43 -1.26 -26.75
CA GLU E 114 16.57 -2.04 -26.30
C GLU E 114 17.22 -2.84 -27.41
N MET E 115 16.43 -3.52 -28.24
CA MET E 115 16.98 -4.49 -29.18
C MET E 115 17.80 -3.79 -30.25
N TYR E 116 17.22 -2.76 -30.88
CA TYR E 116 17.93 -2.09 -31.97
C TYR E 116 19.18 -1.40 -31.42
N ASN E 117 19.11 -0.84 -30.21
CA ASN E 117 20.26 -0.17 -29.65
C ASN E 117 21.43 -1.15 -29.49
N SER E 118 21.14 -2.37 -29.05
CA SER E 118 22.22 -3.34 -28.96
C SER E 118 22.79 -3.61 -30.35
N LEU E 119 21.92 -3.83 -31.33
CA LEU E 119 22.36 -4.14 -32.68
C LEU E 119 23.13 -2.95 -33.26
N GLN E 120 22.79 -1.72 -32.83
CA GLN E 120 23.43 -0.51 -33.32
C GLN E 120 22.77 -0.02 -34.61
N THR E 121 21.72 -0.72 -35.06
CA THR E 121 20.87 -0.23 -36.13
C THR E 121 20.26 1.09 -35.69
N PRO E 122 20.20 2.14 -36.53
CA PRO E 122 19.65 3.44 -36.09
C PRO E 122 18.13 3.55 -36.17
N ILE E 123 17.47 3.71 -35.02
CA ILE E 123 16.02 3.75 -34.96
C ILE E 123 15.55 5.06 -35.62
N PRO E 124 16.21 6.21 -35.37
CA PRO E 124 15.87 7.46 -36.05
C PRO E 124 15.92 7.34 -37.57
N ALA E 125 15.46 6.19 -38.07
CA ALA E 125 15.56 5.82 -39.47
C ALA E 125 14.67 4.61 -39.76
N VAL E 126 14.50 3.74 -38.78
CA VAL E 126 13.51 2.68 -38.84
C VAL E 126 12.15 3.34 -38.99
N ALA E 127 11.90 4.42 -38.23
CA ALA E 127 10.62 5.11 -38.32
C ALA E 127 10.40 5.62 -39.75
N GLU E 128 11.47 6.08 -40.38
CA GLU E 128 11.41 6.61 -41.73
C GLU E 128 11.01 5.50 -42.70
N GLY E 129 11.59 4.31 -42.51
CA GLY E 129 11.24 3.14 -43.30
C GLY E 129 9.75 2.80 -43.19
N VAL E 130 9.16 2.96 -42.00
CA VAL E 130 7.74 2.69 -41.83
C VAL E 130 6.96 3.78 -42.56
N ARG E 131 7.39 5.04 -42.46
CA ARG E 131 6.76 6.13 -43.20
C ARG E 131 6.76 5.80 -44.69
N ALA E 132 7.92 5.36 -45.17
CA ALA E 132 8.06 4.99 -46.56
C ALA E 132 7.02 3.92 -46.94
N MET E 133 6.91 2.91 -46.08
CA MET E 133 6.01 1.80 -46.34
C MET E 133 4.58 2.31 -46.41
N LYS E 134 4.24 3.30 -45.57
CA LYS E 134 2.91 3.87 -45.54
C LYS E 134 2.57 4.44 -46.89
N ASN E 135 3.52 5.19 -47.47
CA ASN E 135 3.28 5.88 -48.73
C ASN E 135 2.97 4.88 -49.84
N VAL E 136 3.77 3.81 -49.91
CA VAL E 136 3.56 2.81 -50.93
C VAL E 136 2.21 2.13 -50.69
N ALA E 137 1.97 1.70 -49.44
CA ALA E 137 0.78 0.89 -49.14
C ALA E 137 -0.47 1.72 -49.40
N THR E 138 -0.40 3.02 -49.07
CA THR E 138 -1.57 3.87 -49.16
C THR E 138 -1.99 4.00 -50.63
N SER E 139 -1.03 3.99 -51.57
CA SER E 139 -1.33 4.11 -52.98
C SER E 139 -2.06 2.89 -53.55
N LEU E 140 -2.04 1.73 -52.89
CA LEU E 140 -2.75 0.56 -53.35
C LEU E 140 -4.12 0.45 -52.71
N LEU E 141 -4.57 1.47 -51.97
CA LEU E 141 -5.84 1.37 -51.24
C LEU E 141 -6.77 2.50 -51.70
N SER E 142 -8.08 2.25 -51.57
CA SER E 142 -9.09 3.29 -51.74
C SER E 142 -8.96 4.30 -50.59
N GLY E 143 -9.41 5.54 -50.85
CA GLY E 143 -9.19 6.67 -49.95
C GLY E 143 -9.63 6.38 -48.52
N ASP E 144 -10.85 5.85 -48.36
CA ASP E 144 -11.37 5.51 -47.05
C ASP E 144 -10.52 4.40 -46.42
N ASP E 145 -10.22 3.36 -47.22
CA ASP E 145 -9.39 2.25 -46.75
C ASP E 145 -7.99 2.75 -46.37
N ALA E 146 -7.46 3.67 -47.18
CA ALA E 146 -6.12 4.18 -46.98
C ALA E 146 -6.00 4.89 -45.63
N ALA E 147 -7.04 5.65 -45.29
CA ALA E 147 -7.01 6.40 -44.05
C ALA E 147 -6.97 5.44 -42.87
N GLU E 148 -7.81 4.41 -42.92
CA GLU E 148 -7.85 3.40 -41.88
C GLU E 148 -6.45 2.79 -41.72
N ALA E 149 -5.87 2.37 -42.85
CA ALA E 149 -4.55 1.77 -42.83
C ALA E 149 -3.48 2.74 -42.30
N GLY E 150 -3.66 4.01 -42.65
CA GLY E 150 -2.69 5.02 -42.28
C GLY E 150 -2.51 5.12 -40.75
N PHE E 151 -3.63 5.04 -40.01
CA PHE E 151 -3.59 5.21 -38.57
C PHE E 151 -2.57 4.21 -38.01
N TYR E 152 -2.66 2.96 -38.46
CA TYR E 152 -1.85 1.90 -37.89
C TYR E 152 -0.38 2.15 -38.21
N PHE E 153 -0.11 2.61 -39.42
CA PHE E 153 1.26 2.95 -39.79
C PHE E 153 1.80 4.09 -38.92
N ASP E 154 0.96 5.10 -38.70
CA ASP E 154 1.34 6.24 -37.90
C ASP E 154 1.63 5.82 -36.46
N TYR E 155 0.82 4.92 -35.90
CA TYR E 155 1.04 4.42 -34.56
C TYR E 155 2.46 3.87 -34.45
N LEU E 156 2.87 3.06 -35.42
CA LEU E 156 4.19 2.46 -35.38
C LEU E 156 5.24 3.57 -35.33
N VAL E 157 5.08 4.56 -36.18
CA VAL E 157 6.05 5.63 -36.25
C VAL E 157 6.10 6.35 -34.90
N GLY E 158 4.94 6.59 -34.30
CA GLY E 158 4.87 7.20 -32.98
C GLY E 158 5.61 6.37 -31.92
N ALA E 159 5.38 5.05 -31.95
CA ALA E 159 5.86 4.16 -30.91
C ALA E 159 7.39 4.10 -30.91
N MET E 160 8.00 4.23 -32.09
CA MET E 160 9.45 4.38 -32.15
C MET E 160 9.88 5.85 -31.95
N MET F 1 -5.71 -11.99 -21.63
CA MET F 1 -6.73 -12.88 -22.25
C MET F 1 -6.51 -12.91 -23.76
N GLN F 2 -7.30 -13.74 -24.46
CA GLN F 2 -7.24 -13.85 -25.90
C GLN F 2 -8.66 -13.91 -26.44
N ASP F 3 -8.88 -13.35 -27.62
CA ASP F 3 -10.19 -13.42 -28.25
C ASP F 3 -10.02 -14.22 -29.54
N ALA F 4 -11.13 -14.47 -30.24
CA ALA F 4 -11.06 -15.27 -31.45
C ALA F 4 -10.15 -14.62 -32.49
N ILE F 5 -10.31 -13.31 -32.71
CA ILE F 5 -9.52 -12.62 -33.70
C ILE F 5 -8.04 -12.73 -33.34
N THR F 6 -7.69 -12.46 -32.08
CA THR F 6 -6.29 -12.49 -31.68
C THR F 6 -5.76 -13.92 -31.71
N ALA F 7 -6.62 -14.90 -31.47
CA ALA F 7 -6.16 -16.28 -31.47
C ALA F 7 -5.66 -16.69 -32.85
N VAL F 8 -6.36 -16.26 -33.90
CA VAL F 8 -5.92 -16.53 -35.26
C VAL F 8 -4.60 -15.82 -35.49
N ILE F 9 -4.54 -14.53 -35.17
CA ILE F 9 -3.34 -13.76 -35.35
C ILE F 9 -2.16 -14.43 -34.65
N ASN F 10 -2.36 -14.90 -33.42
CA ASN F 10 -1.24 -15.45 -32.66
C ASN F 10 -0.73 -16.71 -33.35
N ASN F 11 -1.64 -17.52 -33.86
CA ASN F 11 -1.26 -18.77 -34.49
C ASN F 11 -0.43 -18.50 -35.74
N TYR F 12 -0.80 -17.46 -36.51
CA TYR F 12 -0.05 -17.09 -37.69
C TYR F 12 1.28 -16.45 -37.35
N ASP F 13 1.34 -15.67 -36.27
CA ASP F 13 2.57 -15.03 -35.86
C ASP F 13 3.64 -16.05 -35.44
N VAL F 14 3.27 -17.14 -34.76
CA VAL F 14 4.28 -18.13 -34.39
C VAL F 14 4.80 -18.81 -35.65
N GLN F 15 3.94 -19.01 -36.65
CA GLN F 15 4.38 -19.58 -37.91
C GLN F 15 5.21 -18.53 -38.66
N GLY F 16 4.94 -17.25 -38.40
CA GLY F 16 5.58 -16.17 -39.14
C GLY F 16 4.85 -15.87 -40.44
N LYS F 17 3.73 -16.56 -40.67
CA LYS F 17 2.97 -16.46 -41.90
C LYS F 17 2.19 -15.14 -41.93
N TYR F 18 2.13 -14.51 -43.12
CA TYR F 18 1.18 -13.45 -43.36
C TYR F 18 -0.22 -14.06 -43.36
N LEU F 19 -1.23 -13.23 -43.11
CA LEU F 19 -2.60 -13.74 -43.01
C LEU F 19 -3.07 -14.22 -44.37
N ASP F 20 -3.70 -15.40 -44.40
CA ASP F 20 -4.09 -16.01 -45.65
C ASP F 20 -5.60 -16.22 -45.68
N GLY F 21 -6.12 -16.59 -46.85
CA GLY F 21 -7.54 -16.71 -47.08
C GLY F 21 -8.22 -17.66 -46.09
N ALA F 22 -7.58 -18.80 -45.81
CA ALA F 22 -8.12 -19.77 -44.87
C ALA F 22 -8.26 -19.12 -43.48
N ALA F 23 -7.21 -18.42 -43.05
CA ALA F 23 -7.25 -17.65 -41.81
C ALA F 23 -8.37 -16.62 -41.87
N LEU F 24 -8.47 -15.92 -43.01
CA LEU F 24 -9.47 -14.88 -43.19
C LEU F 24 -10.87 -15.46 -43.01
N ASP F 25 -11.07 -16.71 -43.45
CA ASP F 25 -12.39 -17.34 -43.38
C ASP F 25 -12.79 -17.57 -41.92
N LYS F 26 -11.84 -17.96 -41.08
CA LYS F 26 -12.12 -18.16 -39.66
C LYS F 26 -12.51 -16.83 -39.03
N LEU F 27 -11.78 -15.76 -39.39
CA LEU F 27 -12.07 -14.44 -38.87
C LEU F 27 -13.46 -13.99 -39.32
N LYS F 28 -13.78 -14.30 -40.57
CA LYS F 28 -15.06 -13.91 -41.16
C LYS F 28 -16.19 -14.62 -40.43
N ALA F 29 -15.96 -15.88 -40.08
CA ALA F 29 -16.95 -16.66 -39.34
C ALA F 29 -17.29 -15.99 -38.02
N TYR F 30 -16.28 -15.50 -37.30
CA TYR F 30 -16.52 -14.84 -36.03
C TYR F 30 -17.37 -13.58 -36.26
N PHE F 31 -17.07 -12.83 -37.33
CA PHE F 31 -17.70 -11.54 -37.54
C PHE F 31 -19.21 -11.67 -37.78
N THR F 32 -19.65 -12.78 -38.40
CA THR F 32 -21.06 -13.01 -38.60
C THR F 32 -21.75 -13.34 -37.26
N THR F 33 -21.08 -14.14 -36.42
CA THR F 33 -21.64 -14.57 -35.15
C THR F 33 -21.78 -13.35 -34.22
N GLY F 34 -20.88 -12.37 -34.38
CA GLY F 34 -20.67 -11.32 -33.40
C GLY F 34 -21.95 -10.57 -33.03
N ALA F 35 -22.74 -10.18 -34.03
CA ALA F 35 -23.93 -9.39 -33.79
C ALA F 35 -24.88 -10.11 -32.83
N VAL F 36 -25.06 -11.42 -33.05
CA VAL F 36 -25.92 -12.26 -32.23
C VAL F 36 -25.41 -12.25 -30.79
N ARG F 37 -24.09 -12.40 -30.63
CA ARG F 37 -23.48 -12.47 -29.31
C ARG F 37 -23.76 -11.20 -28.54
N VAL F 38 -23.65 -10.04 -29.19
CA VAL F 38 -23.85 -8.79 -28.49
C VAL F 38 -25.28 -8.72 -27.96
N ARG F 39 -26.26 -9.14 -28.76
CA ARG F 39 -27.64 -9.14 -28.32
C ARG F 39 -27.82 -10.06 -27.12
N ALA F 40 -27.20 -11.24 -27.17
CA ALA F 40 -27.31 -12.20 -26.08
C ALA F 40 -26.75 -11.61 -24.77
N ALA F 41 -25.60 -10.97 -24.88
CA ALA F 41 -24.94 -10.39 -23.73
C ALA F 41 -25.83 -9.37 -23.02
N ALA F 42 -26.53 -8.53 -23.80
CA ALA F 42 -27.39 -7.52 -23.21
C ALA F 42 -28.55 -8.16 -22.46
N VAL F 43 -29.08 -9.25 -23.04
CA VAL F 43 -30.17 -9.97 -22.39
C VAL F 43 -29.70 -10.47 -21.03
N ILE F 44 -28.52 -11.10 -21.01
CA ILE F 44 -28.02 -11.71 -19.79
C ILE F 44 -27.82 -10.64 -18.73
N SER F 45 -27.22 -9.51 -19.09
CA SER F 45 -26.91 -8.48 -18.11
C SER F 45 -28.18 -7.95 -17.45
N SER F 46 -29.24 -7.75 -18.22
CA SER F 46 -30.48 -7.21 -17.70
C SER F 46 -31.18 -8.21 -16.78
N ASN F 47 -31.04 -9.51 -17.07
CA ASN F 47 -31.78 -10.52 -16.33
C ASN F 47 -30.88 -11.26 -15.35
N ALA F 48 -29.72 -10.68 -15.03
CA ALA F 48 -28.68 -11.42 -14.33
C ALA F 48 -29.17 -11.87 -12.97
N THR F 49 -29.77 -10.96 -12.21
CA THR F 49 -30.21 -11.28 -10.87
C THR F 49 -31.25 -12.39 -10.91
N THR F 50 -32.19 -12.30 -11.85
CA THR F 50 -33.23 -13.32 -12.00
C THR F 50 -32.60 -14.66 -12.33
N ILE F 51 -31.61 -14.67 -13.23
CA ILE F 51 -31.00 -15.92 -13.65
C ILE F 51 -30.43 -16.63 -12.43
N ILE F 52 -29.80 -15.87 -11.54
CA ILE F 52 -29.14 -16.47 -10.40
C ILE F 52 -30.18 -17.01 -9.43
N LYS F 53 -31.24 -16.23 -9.22
CA LYS F 53 -32.32 -16.65 -8.33
C LYS F 53 -32.93 -17.95 -8.81
N GLU F 54 -33.28 -18.04 -10.10
CA GLU F 54 -33.90 -19.22 -10.65
C GLU F 54 -32.97 -20.42 -10.51
N ALA F 55 -31.70 -20.24 -10.81
CA ALA F 55 -30.74 -21.33 -10.76
C ALA F 55 -30.55 -21.82 -9.35
N ALA F 56 -30.57 -20.92 -8.37
CA ALA F 56 -30.40 -21.30 -6.97
C ALA F 56 -31.62 -22.10 -6.51
N ALA F 57 -32.81 -21.63 -6.91
CA ALA F 57 -34.06 -22.31 -6.61
C ALA F 57 -34.05 -23.73 -7.17
N LYS F 58 -33.56 -23.88 -8.40
CA LYS F 58 -33.48 -25.18 -9.04
C LYS F 58 -32.52 -26.11 -8.31
N ALA F 59 -31.35 -25.63 -7.86
CA ALA F 59 -30.34 -26.55 -7.33
C ALA F 59 -29.96 -26.29 -5.87
N LEU F 60 -29.57 -25.08 -5.53
CA LEU F 60 -28.93 -24.86 -4.25
C LEU F 60 -29.94 -24.81 -3.08
N ILE F 61 -31.01 -24.01 -3.16
CA ILE F 61 -31.83 -23.76 -1.99
C ILE F 61 -32.78 -24.95 -1.76
N TYR F 62 -33.50 -24.92 -0.63
CA TYR F 62 -34.43 -25.97 -0.22
C TYR F 62 -33.73 -27.32 -0.17
N SER F 63 -32.48 -27.30 0.26
CA SER F 63 -31.62 -28.46 0.17
C SER F 63 -30.89 -28.61 1.49
N ASP F 64 -29.99 -29.59 1.58
CA ASP F 64 -29.22 -29.77 2.79
C ASP F 64 -28.17 -28.67 2.94
N LEU F 65 -27.69 -28.13 1.81
CA LEU F 65 -26.70 -27.05 1.82
C LEU F 65 -27.22 -25.87 2.61
N THR F 66 -28.47 -25.48 2.37
CA THR F 66 -29.02 -24.34 3.07
C THR F 66 -29.31 -24.70 4.51
N ARG F 67 -29.62 -25.98 4.79
CA ARG F 67 -30.02 -26.39 6.12
C ARG F 67 -28.79 -26.37 7.01
N PRO F 68 -28.92 -26.25 8.35
CA PRO F 68 -27.75 -26.14 9.24
C PRO F 68 -26.79 -27.29 9.09
N GLY F 69 -25.50 -26.96 9.08
CA GLY F 69 -24.45 -27.93 8.80
C GLY F 69 -24.08 -28.03 7.32
N GLY F 70 -24.77 -27.27 6.48
CA GLY F 70 -24.47 -27.25 5.06
C GLY F 70 -23.55 -26.09 4.72
N MET F 72 -23.76 -23.86 2.43
CA MET F 72 -24.45 -22.62 2.15
C MET F 72 -25.25 -22.14 3.37
N TYR F 73 -25.11 -22.80 4.51
CA TYR F 73 -25.75 -22.35 5.74
C TYR F 73 -25.04 -21.13 6.35
N THR F 74 -25.80 -20.25 7.01
CA THR F 74 -25.39 -18.93 7.50
C THR F 74 -25.51 -17.88 6.40
N THR F 75 -25.86 -16.66 6.77
CA THR F 75 -26.07 -15.62 5.77
C THR F 75 -24.77 -15.34 5.02
N ARG F 76 -23.65 -15.33 5.75
CA ARG F 76 -22.37 -15.02 5.14
C ARG F 76 -22.04 -16.00 4.02
N ARG F 77 -22.22 -17.30 4.27
CA ARG F 77 -22.00 -18.29 3.25
C ARG F 77 -23.05 -18.26 2.14
N TYR F 78 -24.30 -18.00 2.46
CA TYR F 78 -25.29 -17.91 1.38
C TYR F 78 -24.87 -16.78 0.45
N ALA F 79 -24.48 -15.64 1.03
CA ALA F 79 -24.17 -14.49 0.21
C ALA F 79 -22.94 -14.77 -0.64
N ALA F 80 -21.96 -15.46 -0.08
CA ALA F 80 -20.77 -15.80 -0.83
C ALA F 80 -21.09 -16.72 -2.00
N CYS F 81 -21.96 -17.67 -1.81
CA CYS F 81 -22.33 -18.57 -2.88
C CYS F 81 -23.01 -17.81 -4.01
N ILE F 82 -23.95 -16.91 -3.74
CA ILE F 82 -24.62 -16.25 -4.83
C ILE F 82 -23.65 -15.26 -5.49
N ARG F 83 -22.64 -14.78 -4.75
CA ARG F 83 -21.60 -13.94 -5.33
C ARG F 83 -20.79 -14.75 -6.34
N ASP F 84 -20.41 -15.96 -6.00
CA ASP F 84 -19.69 -16.80 -6.93
C ASP F 84 -20.53 -17.10 -8.16
N MET F 85 -21.81 -17.32 -7.99
CA MET F 85 -22.66 -17.60 -9.10
C MET F 85 -22.64 -16.42 -10.07
N ASP F 86 -22.76 -15.23 -9.53
CA ASP F 86 -22.69 -14.01 -10.32
C ASP F 86 -21.37 -13.93 -11.08
N TYR F 87 -20.24 -14.24 -10.44
CA TYR F 87 -18.96 -14.27 -11.13
C TYR F 87 -19.03 -15.20 -12.34
N PHE F 88 -19.45 -16.43 -12.14
CA PHE F 88 -19.49 -17.37 -13.24
C PHE F 88 -20.33 -16.82 -14.38
N LEU F 89 -21.49 -16.25 -14.07
CA LEU F 89 -22.34 -15.74 -15.11
C LEU F 89 -21.63 -14.63 -15.88
N ARG F 90 -21.00 -13.70 -15.16
CA ARG F 90 -20.38 -12.54 -15.78
C ARG F 90 -19.24 -12.98 -16.68
N TYR F 91 -18.43 -13.93 -16.23
CA TYR F 91 -17.27 -14.36 -17.00
C TYR F 91 -17.72 -15.17 -18.20
N ALA F 92 -18.73 -16.00 -18.06
CA ALA F 92 -19.24 -16.70 -19.22
C ALA F 92 -19.72 -15.70 -20.28
N THR F 93 -20.39 -14.64 -19.86
CA THR F 93 -20.82 -13.63 -20.81
C THR F 93 -19.62 -13.00 -21.51
N TYR F 94 -18.55 -12.71 -20.76
CA TYR F 94 -17.36 -12.14 -21.33
C TYR F 94 -16.79 -13.10 -22.36
N ALA F 95 -16.74 -14.39 -22.03
CA ALA F 95 -16.16 -15.38 -22.92
C ALA F 95 -17.00 -15.49 -24.19
N MET F 96 -18.31 -15.41 -24.06
CA MET F 96 -19.19 -15.55 -25.19
C MET F 96 -18.94 -14.40 -26.16
N LEU F 97 -18.80 -13.17 -25.66
CA LEU F 97 -18.48 -12.06 -26.54
C LEU F 97 -17.14 -12.31 -27.19
N ALA F 98 -16.14 -12.68 -26.38
CA ALA F 98 -14.79 -12.84 -26.88
C ALA F 98 -14.71 -13.95 -27.93
N GLY F 99 -15.55 -14.98 -27.76
CA GLY F 99 -15.50 -16.14 -28.62
C GLY F 99 -14.32 -17.05 -28.27
N ASP F 100 -13.75 -16.87 -27.08
CA ASP F 100 -12.62 -17.66 -26.67
C ASP F 100 -12.80 -18.05 -25.21
N PRO F 101 -12.42 -19.28 -24.82
CA PRO F 101 -12.51 -19.71 -23.43
C PRO F 101 -11.34 -19.28 -22.54
N SER F 102 -10.34 -18.63 -23.13
CA SER F 102 -9.08 -18.34 -22.44
C SER F 102 -9.33 -17.55 -21.17
N ILE F 103 -10.16 -16.51 -21.25
CA ILE F 103 -10.38 -15.63 -20.11
C ILE F 103 -10.87 -16.44 -18.92
N LEU F 104 -11.67 -17.48 -19.15
CA LEU F 104 -12.17 -18.32 -18.06
C LEU F 104 -10.98 -18.99 -17.37
N ASP F 105 -10.02 -19.47 -18.15
CA ASP F 105 -8.86 -20.15 -17.57
C ASP F 105 -7.99 -19.19 -16.79
N GLU F 106 -7.79 -18.01 -17.36
CA GLU F 106 -6.90 -17.00 -16.83
C GLU F 106 -7.43 -16.43 -15.52
N ARG F 107 -8.74 -16.18 -15.41
CA ARG F 107 -9.26 -15.50 -14.23
C ARG F 107 -10.10 -16.40 -13.35
N VAL F 108 -11.07 -17.10 -13.91
CA VAL F 108 -11.98 -17.83 -13.06
C VAL F 108 -11.31 -19.11 -12.60
N LEU F 109 -10.79 -19.88 -13.55
CA LEU F 109 -10.47 -21.27 -13.30
C LEU F 109 -9.17 -21.41 -12.53
N ASN F 110 -8.28 -20.42 -12.61
CA ASN F 110 -6.94 -20.59 -12.09
C ASN F 110 -6.87 -20.46 -10.57
N GLY F 111 -6.52 -21.54 -9.89
CA GLY F 111 -6.44 -21.56 -8.43
C GLY F 111 -7.79 -21.85 -7.75
N LEU F 112 -8.85 -22.07 -8.53
CA LEU F 112 -10.18 -22.12 -7.94
C LEU F 112 -10.30 -23.42 -7.15
N LYS F 113 -9.84 -24.53 -7.73
CA LYS F 113 -9.99 -25.83 -7.12
C LYS F 113 -9.30 -25.86 -5.77
N GLU F 114 -8.08 -25.35 -5.72
CA GLU F 114 -7.28 -25.36 -4.52
C GLU F 114 -7.93 -24.50 -3.45
N THR F 115 -8.43 -23.33 -3.85
CA THR F 115 -9.09 -22.44 -2.91
C THR F 115 -10.34 -23.13 -2.37
N TYR F 116 -11.12 -23.72 -3.25
CA TYR F 116 -12.33 -24.40 -2.87
C TYR F 116 -12.03 -25.51 -1.89
N ASN F 117 -10.95 -26.27 -2.12
CA ASN F 117 -10.63 -27.39 -1.26
C ASN F 117 -10.29 -26.91 0.14
N SER F 118 -9.51 -25.84 0.25
CA SER F 118 -9.20 -25.29 1.57
C SER F 118 -10.45 -24.74 2.25
N LEU F 119 -11.30 -24.04 1.50
CA LEU F 119 -12.52 -23.48 2.06
C LEU F 119 -13.45 -24.61 2.50
N GLY F 120 -13.50 -25.71 1.75
CA GLY F 120 -14.48 -26.75 2.00
C GLY F 120 -15.73 -26.58 1.15
N VAL F 121 -15.69 -25.65 0.21
CA VAL F 121 -16.77 -25.45 -0.72
C VAL F 121 -16.91 -26.74 -1.52
N PRO F 122 -18.12 -27.31 -1.67
CA PRO F 122 -18.30 -28.52 -2.46
C PRO F 122 -18.38 -28.28 -3.97
N ILE F 123 -17.41 -28.83 -4.71
CA ILE F 123 -17.28 -28.57 -6.13
C ILE F 123 -18.50 -29.08 -6.89
N ALA F 124 -18.96 -30.28 -6.55
CA ALA F 124 -20.04 -30.90 -7.31
C ALA F 124 -21.29 -30.03 -7.31
N ALA F 125 -21.61 -29.46 -6.14
CA ALA F 125 -22.78 -28.61 -6.00
C ALA F 125 -22.62 -27.34 -6.83
N THR F 126 -21.39 -26.82 -6.86
CA THR F 126 -21.09 -25.61 -7.59
C THR F 126 -21.30 -25.86 -9.06
N VAL F 127 -20.77 -26.99 -9.53
CA VAL F 127 -20.93 -27.39 -10.92
C VAL F 127 -22.42 -27.47 -11.23
N GLY F 128 -23.18 -28.08 -10.33
CA GLY F 128 -24.62 -28.22 -10.51
C GLY F 128 -25.32 -26.87 -10.71
N GLY F 129 -24.88 -25.89 -9.91
CA GLY F 129 -25.38 -24.52 -9.99
C GLY F 129 -25.05 -23.84 -11.33
N ILE F 130 -23.84 -24.12 -11.85
CA ILE F 130 -23.43 -23.57 -13.14
C ILE F 130 -24.32 -24.16 -14.24
N GLN F 131 -24.55 -25.48 -14.17
CA GLN F 131 -25.37 -26.15 -15.17
C GLN F 131 -26.80 -25.61 -15.13
N ALA F 132 -27.30 -25.36 -13.92
CA ALA F 132 -28.62 -24.78 -13.78
C ALA F 132 -28.70 -23.40 -14.43
N MET F 133 -27.66 -22.58 -14.22
CA MET F 133 -27.66 -21.25 -14.80
C MET F 133 -27.71 -21.36 -16.31
N LYS F 134 -27.01 -22.35 -16.86
CA LYS F 134 -26.91 -22.48 -18.31
C LYS F 134 -28.30 -22.67 -18.89
N GLU F 135 -29.07 -23.59 -18.30
CA GLU F 135 -30.42 -23.87 -18.75
C GLU F 135 -31.26 -22.60 -18.72
N VAL F 136 -31.21 -21.85 -17.62
CA VAL F 136 -31.99 -20.64 -17.48
C VAL F 136 -31.56 -19.64 -18.56
N VAL F 137 -30.25 -19.49 -18.75
CA VAL F 137 -29.70 -18.55 -19.71
C VAL F 137 -30.18 -18.93 -21.10
N GLY F 138 -30.13 -20.24 -21.39
CA GLY F 138 -30.53 -20.74 -22.70
C GLY F 138 -31.91 -20.23 -23.10
N GLY F 139 -32.86 -20.30 -22.17
CA GLY F 139 -34.20 -19.82 -22.41
C GLY F 139 -34.21 -18.33 -22.76
N LEU F 140 -33.54 -17.51 -21.94
CA LEU F 140 -33.56 -16.06 -22.12
C LEU F 140 -32.95 -15.66 -23.47
N VAL F 141 -31.78 -16.24 -23.79
CA VAL F 141 -31.00 -15.78 -24.92
C VAL F 141 -31.68 -16.17 -26.22
N GLY F 142 -32.36 -17.32 -26.23
CA GLY F 142 -32.93 -17.89 -27.45
C GLY F 142 -31.97 -18.92 -28.06
N PRO F 143 -32.46 -19.82 -28.94
CA PRO F 143 -31.70 -21.02 -29.36
C PRO F 143 -30.34 -20.80 -30.03
N ASP F 144 -30.29 -19.89 -31.02
CA ASP F 144 -29.05 -19.63 -31.74
C ASP F 144 -27.96 -19.19 -30.76
N ALA F 145 -28.32 -18.24 -29.89
CA ALA F 145 -27.40 -17.72 -28.89
C ALA F 145 -27.03 -18.82 -27.90
N ALA F 146 -28.00 -19.68 -27.56
CA ALA F 146 -27.86 -20.65 -26.49
C ALA F 146 -26.71 -21.62 -26.77
N LYS F 147 -26.55 -22.04 -28.02
CA LYS F 147 -25.52 -23.00 -28.37
C LYS F 147 -24.15 -22.42 -28.01
N GLU F 148 -23.94 -21.15 -28.41
CA GLU F 148 -22.69 -20.46 -28.15
C GLU F 148 -22.52 -20.30 -26.64
N ALA F 149 -23.57 -19.87 -25.95
CA ALA F 149 -23.53 -19.66 -24.52
C ALA F 149 -23.19 -20.96 -23.80
N SER F 150 -23.75 -22.08 -24.26
CA SER F 150 -23.62 -23.34 -23.56
C SER F 150 -22.16 -23.77 -23.42
N ILE F 151 -21.35 -23.55 -24.47
CA ILE F 151 -20.02 -24.13 -24.47
C ILE F 151 -19.18 -23.51 -23.35
N TYR F 152 -19.39 -22.22 -23.07
CA TYR F 152 -18.59 -21.55 -22.07
C TYR F 152 -19.02 -22.01 -20.68
N PHE F 153 -20.32 -22.20 -20.46
CA PHE F 153 -20.78 -22.75 -19.20
C PHE F 153 -20.20 -24.14 -18.99
N ASP F 154 -20.18 -24.94 -20.06
CA ASP F 154 -19.66 -26.30 -19.97
C ASP F 154 -18.17 -26.28 -19.66
N TYR F 155 -17.47 -25.30 -20.23
CA TYR F 155 -16.04 -25.16 -20.04
C TYR F 155 -15.72 -24.87 -18.57
N LEU F 156 -16.52 -24.01 -17.95
CA LEU F 156 -16.38 -23.68 -16.54
C LEU F 156 -16.58 -24.93 -15.71
N SER F 157 -17.65 -25.68 -16.02
CA SER F 157 -18.03 -26.83 -15.22
C SER F 157 -16.93 -27.88 -15.26
N SER F 158 -16.39 -28.13 -16.45
CA SER F 158 -15.34 -29.13 -16.62
C SER F 158 -14.07 -28.72 -15.87
N GLY F 159 -13.77 -27.42 -15.87
CA GLY F 159 -12.58 -26.92 -15.21
C GLY F 159 -12.68 -27.13 -13.70
N LEU F 160 -13.86 -26.85 -13.16
CA LEU F 160 -14.09 -26.89 -11.73
C LEU F 160 -13.99 -28.34 -11.29
N SER F 161 -14.61 -29.23 -12.08
CA SER F 161 -14.51 -30.66 -11.83
C SER F 161 -13.26 -31.21 -12.57
N SER G 2 -18.28 -14.17 21.93
CA SER G 2 -18.45 -14.09 23.41
C SER G 2 -17.69 -12.88 23.96
N VAL G 3 -17.91 -12.60 25.23
CA VAL G 3 -17.16 -11.57 25.94
C VAL G 3 -15.68 -11.96 25.94
N LEU G 4 -15.42 -13.25 26.19
CA LEU G 4 -14.05 -13.69 26.35
C LEU G 4 -13.32 -13.48 25.02
N THR G 5 -13.92 -14.00 23.96
CA THR G 5 -13.29 -13.92 22.66
C THR G 5 -12.92 -12.48 22.35
N LYS G 6 -13.87 -11.56 22.51
CA LYS G 6 -13.64 -10.18 22.15
C LYS G 6 -12.46 -9.60 22.91
N ALA G 7 -12.37 -9.88 24.23
CA ALA G 7 -11.31 -9.32 25.04
C ALA G 7 -9.93 -9.81 24.58
N ILE G 8 -9.85 -11.12 24.33
CA ILE G 8 -8.61 -11.73 23.90
C ILE G 8 -8.19 -11.14 22.57
N VAL G 9 -9.13 -11.03 21.65
CA VAL G 9 -8.83 -10.53 20.32
C VAL G 9 -8.26 -9.10 20.38
N ASN G 10 -8.81 -8.24 21.22
CA ASN G 10 -8.29 -6.88 21.31
C ASN G 10 -6.87 -6.88 21.87
N ALA G 11 -6.63 -7.71 22.89
CA ALA G 11 -5.32 -7.82 23.46
C ALA G 11 -4.32 -8.33 22.41
N ASP G 12 -4.70 -9.34 21.65
CA ASP G 12 -3.80 -9.95 20.69
C ASP G 12 -3.40 -8.93 19.63
N ALA G 13 -4.34 -8.08 19.22
CA ALA G 13 -4.05 -7.03 18.25
C ALA G 13 -3.01 -6.06 18.80
N GLU G 14 -3.13 -5.71 20.07
CA GLU G 14 -2.14 -4.84 20.68
C GLU G 14 -0.90 -5.63 21.11
N ALA G 15 -0.95 -6.96 21.00
CA ALA G 15 0.13 -7.86 21.40
C ALA G 15 0.50 -7.65 22.87
N ARG G 16 -0.52 -7.56 23.72
CA ARG G 16 -0.36 -7.29 25.13
C ARG G 16 -1.14 -8.33 25.94
N TYR G 17 -0.78 -8.46 27.22
CA TYR G 17 -1.58 -9.26 28.14
C TYR G 17 -2.86 -8.48 28.45
N LEU G 18 -3.88 -9.18 28.95
CA LEU G 18 -5.21 -8.62 29.14
C LEU G 18 -5.17 -7.53 30.22
N SER G 19 -5.81 -6.39 29.92
CA SER G 19 -5.80 -5.20 30.76
C SER G 19 -6.54 -5.47 32.06
N PRO G 20 -6.31 -4.70 33.13
CA PRO G 20 -7.07 -4.86 34.37
C PRO G 20 -8.57 -4.68 34.15
N GLY G 21 -8.92 -3.66 33.37
CA GLY G 21 -10.31 -3.44 32.98
C GLY G 21 -10.92 -4.62 32.22
N GLU G 22 -10.17 -5.17 31.26
CA GLU G 22 -10.63 -6.32 30.49
C GLU G 22 -10.81 -7.54 31.40
N LEU G 23 -9.89 -7.75 32.33
CA LEU G 23 -10.01 -8.82 33.29
C LEU G 23 -11.25 -8.65 34.16
N ASP G 24 -11.54 -7.41 34.55
CA ASP G 24 -12.68 -7.15 35.40
C ASP G 24 -13.97 -7.51 34.67
N ARG G 25 -14.02 -7.17 33.39
CA ARG G 25 -15.20 -7.44 32.59
C ARG G 25 -15.43 -8.95 32.47
N ILE G 26 -14.35 -9.73 32.41
CA ILE G 26 -14.47 -11.17 32.36
C ILE G 26 -15.04 -11.69 33.67
N LYS G 27 -14.57 -11.13 34.78
CA LYS G 27 -15.05 -11.54 36.08
C LYS G 27 -16.56 -11.28 36.19
N SER G 28 -16.99 -10.10 35.74
CA SER G 28 -18.38 -9.71 35.88
C SER G 28 -19.25 -10.65 35.07
N PHE G 29 -18.80 -10.99 33.86
CA PHE G 29 -19.53 -11.84 32.95
C PHE G 29 -19.73 -13.24 33.54
N VAL G 30 -18.72 -13.79 34.21
CA VAL G 30 -18.84 -15.14 34.74
C VAL G 30 -19.83 -15.14 35.91
N ALA G 31 -19.89 -14.05 36.68
CA ALA G 31 -20.89 -13.92 37.73
C ALA G 31 -22.29 -13.85 37.12
N SER G 32 -22.44 -13.10 36.02
CA SER G 32 -23.72 -12.90 35.37
C SER G 32 -24.21 -14.20 34.73
N GLY G 33 -23.29 -15.13 34.47
CA GLY G 33 -23.52 -16.26 33.57
C GLY G 33 -24.68 -17.12 34.03
N GLU G 34 -24.77 -17.39 35.34
CA GLU G 34 -25.81 -18.25 35.87
C GLU G 34 -27.20 -17.67 35.57
N ARG G 35 -27.38 -16.39 35.85
CA ARG G 35 -28.62 -15.69 35.51
C ARG G 35 -28.89 -15.80 34.01
N ARG G 36 -27.85 -15.58 33.19
CA ARG G 36 -28.01 -15.59 31.75
C ARG G 36 -28.53 -16.97 31.30
N LEU G 37 -28.00 -18.04 31.90
CA LEU G 37 -28.38 -19.37 31.49
C LEU G 37 -29.87 -19.59 31.76
N ARG G 38 -30.36 -19.05 32.87
CA ARG G 38 -31.77 -19.18 33.23
C ARG G 38 -32.64 -18.47 32.20
N ILE G 39 -32.25 -17.24 31.82
CA ILE G 39 -32.99 -16.46 30.85
C ILE G 39 -33.10 -17.24 29.54
N ALA G 40 -32.00 -17.84 29.12
CA ALA G 40 -31.95 -18.57 27.87
C ALA G 40 -32.86 -19.79 27.92
N GLN G 41 -32.89 -20.45 29.08
CA GLN G 41 -33.68 -21.66 29.23
C GLN G 41 -35.16 -21.33 29.10
N THR G 42 -35.58 -20.23 29.72
CA THR G 42 -36.96 -19.80 29.66
C THR G 42 -37.40 -19.63 28.21
N LEU G 43 -36.60 -18.90 27.43
CA LEU G 43 -36.92 -18.64 26.03
C LEU G 43 -36.95 -19.95 25.23
N THR G 44 -36.04 -20.86 25.52
CA THR G 44 -35.96 -22.12 24.81
C THR G 44 -37.24 -22.93 25.03
N GLU G 45 -37.73 -22.94 26.26
CA GLU G 45 -38.92 -23.71 26.59
C GLU G 45 -40.13 -23.16 25.86
N ALA G 46 -40.22 -21.83 25.79
CA ALA G 46 -41.40 -21.17 25.23
C ALA G 46 -41.24 -20.90 23.74
N ARG G 47 -40.25 -21.53 23.11
CA ARG G 47 -39.84 -21.13 21.79
C ARG G 47 -40.96 -21.32 20.79
N GLU G 48 -41.59 -22.48 20.82
CA GLU G 48 -42.64 -22.80 19.86
C GLU G 48 -43.75 -21.75 19.92
N ARG G 49 -44.12 -21.40 21.14
CA ARG G 49 -45.15 -20.38 21.37
C ARG G 49 -44.65 -19.03 20.86
N ILE G 50 -43.42 -18.64 21.19
CA ILE G 50 -42.91 -17.32 20.82
C ILE G 50 -42.96 -17.15 19.31
N VAL G 51 -42.47 -18.15 18.59
CA VAL G 51 -42.39 -18.05 17.15
C VAL G 51 -43.81 -17.89 16.60
N LYS G 52 -44.71 -18.75 17.08
CA LYS G 52 -46.07 -18.78 16.55
C LYS G 52 -46.75 -17.43 16.80
N GLN G 53 -46.72 -16.96 18.04
CA GLN G 53 -47.35 -15.70 18.39
C GLN G 53 -46.76 -14.54 17.60
N ALA G 54 -45.44 -14.51 17.44
CA ALA G 54 -44.77 -13.41 16.75
C ALA G 54 -45.19 -13.41 15.28
N GLY G 55 -45.26 -14.61 14.68
CA GLY G 55 -45.70 -14.73 13.31
C GLY G 55 -47.10 -14.12 13.21
N ASP G 56 -47.99 -14.53 14.11
CA ASP G 56 -49.34 -13.97 14.13
C ASP G 56 -49.26 -12.45 14.04
N GLN G 57 -48.65 -11.85 15.06
CA GLN G 57 -48.60 -10.40 15.10
C GLN G 57 -48.05 -9.76 13.84
N LEU G 58 -46.98 -10.34 13.27
CA LEU G 58 -46.36 -9.77 12.10
C LEU G 58 -47.36 -9.74 10.94
N PHE G 59 -48.05 -10.87 10.75
CA PHE G 59 -49.00 -10.96 9.65
C PHE G 59 -50.18 -10.00 9.86
N GLN G 60 -50.55 -9.81 11.12
CA GLN G 60 -51.62 -8.85 11.43
C GLN G 60 -51.12 -7.44 11.12
N LYS G 61 -49.90 -7.11 11.56
CA LYS G 61 -49.34 -5.78 11.33
C LYS G 61 -49.18 -5.51 9.83
N ARG G 62 -48.74 -6.51 9.07
CA ARG G 62 -48.52 -6.35 7.64
C ARG G 62 -49.34 -7.40 6.88
N PRO G 63 -50.58 -7.09 6.43
CA PRO G 63 -51.34 -8.05 5.64
C PRO G 63 -50.57 -8.46 4.38
N ASP G 64 -49.83 -7.50 3.79
CA ASP G 64 -49.25 -7.65 2.47
C ASP G 64 -48.37 -8.88 2.36
N VAL G 65 -47.49 -9.13 3.32
CA VAL G 65 -46.55 -10.23 3.19
C VAL G 65 -47.32 -11.53 2.98
N VAL G 66 -48.43 -11.72 3.70
CA VAL G 66 -49.30 -12.88 3.52
C VAL G 66 -50.44 -12.51 2.57
N SER G 67 -50.08 -12.12 1.35
CA SER G 67 -51.05 -11.74 0.32
C SER G 67 -50.46 -12.16 -1.03
N PRO G 68 -51.26 -12.31 -2.11
CA PRO G 68 -50.77 -12.96 -3.32
C PRO G 68 -49.49 -12.32 -3.88
N GLY G 69 -49.42 -10.98 -3.80
CA GLY G 69 -48.20 -10.26 -4.15
C GLY G 69 -47.03 -10.63 -3.24
N GLY G 70 -47.31 -10.74 -1.93
CA GLY G 70 -46.28 -10.89 -0.91
C GLY G 70 -45.53 -12.23 -1.02
N ASN G 71 -44.31 -12.24 -0.45
CA ASN G 71 -43.43 -13.37 -0.51
C ASN G 71 -43.94 -14.51 0.37
N ALA G 72 -44.52 -14.13 1.52
CA ALA G 72 -44.94 -15.10 2.52
C ALA G 72 -46.18 -15.89 2.06
N TYR G 73 -46.87 -15.40 1.01
CA TYR G 73 -48.16 -15.95 0.60
C TYR G 73 -48.06 -17.43 0.25
N GLY G 74 -49.07 -18.19 0.70
CA GLY G 74 -49.08 -19.64 0.53
C GLY G 74 -48.54 -20.35 1.78
N GLU G 75 -48.93 -21.61 1.97
CA GLU G 75 -48.61 -22.34 3.18
C GLU G 75 -47.10 -22.55 3.29
N LYS G 76 -46.51 -23.09 2.21
CA LYS G 76 -45.09 -23.41 2.21
C LYS G 76 -44.31 -22.13 2.54
N MET G 77 -44.66 -21.03 1.85
CA MET G 77 -43.95 -19.79 2.06
C MET G 77 -44.13 -19.33 3.51
N THR G 78 -45.34 -19.45 4.05
CA THR G 78 -45.57 -19.01 5.40
C THR G 78 -44.73 -19.86 6.36
N ALA G 79 -44.62 -21.15 6.09
CA ALA G 79 -43.80 -21.99 6.95
C ALA G 79 -42.36 -21.52 6.94
N LEU G 80 -41.84 -21.23 5.74
CA LEU G 80 -40.45 -20.78 5.63
C LEU G 80 -40.25 -19.50 6.42
N CYS G 81 -41.22 -18.58 6.37
CA CYS G 81 -41.11 -17.34 7.11
C CYS G 81 -41.06 -17.63 8.60
N LEU G 82 -41.83 -18.62 9.06
CA LEU G 82 -41.78 -19.02 10.46
C LEU G 82 -40.44 -19.66 10.77
N ARG G 83 -39.93 -20.49 9.86
CA ARG G 83 -38.63 -21.12 10.07
C ARG G 83 -37.57 -20.04 10.29
N ASP G 84 -37.61 -18.98 9.48
CA ASP G 84 -36.68 -17.89 9.63
C ASP G 84 -36.77 -17.27 11.03
N LEU G 85 -37.99 -17.05 11.49
CA LEU G 85 -38.17 -16.47 12.80
C LEU G 85 -37.57 -17.38 13.86
N ASP G 86 -37.74 -18.69 13.68
CA ASP G 86 -37.20 -19.62 14.64
C ASP G 86 -35.68 -19.56 14.68
N TYR G 87 -35.05 -19.47 13.49
CA TYR G 87 -33.61 -19.32 13.38
C TYR G 87 -33.13 -18.12 14.18
N TYR G 88 -33.79 -16.99 14.01
CA TYR G 88 -33.37 -15.78 14.69
C TYR G 88 -33.56 -15.92 16.18
N LEU G 89 -34.60 -16.62 16.63
CA LEU G 89 -34.79 -16.79 18.06
C LEU G 89 -33.65 -17.63 18.63
N ARG G 90 -33.29 -18.70 17.93
CA ARG G 90 -32.21 -19.56 18.39
C ARG G 90 -30.93 -18.75 18.53
N LEU G 91 -30.63 -17.91 17.53
CA LEU G 91 -29.47 -17.05 17.55
C LEU G 91 -29.49 -16.16 18.79
N VAL G 92 -30.63 -15.55 19.09
CA VAL G 92 -30.71 -14.67 20.23
C VAL G 92 -30.35 -15.42 21.50
N THR G 93 -30.80 -16.68 21.66
CA THR G 93 -30.51 -17.40 22.87
C THR G 93 -29.01 -17.61 22.99
N TYR G 94 -28.36 -18.00 21.88
CA TYR G 94 -26.92 -18.15 21.86
C TYR G 94 -26.24 -16.85 22.30
N GLY G 95 -26.74 -15.71 21.80
CA GLY G 95 -26.20 -14.42 22.16
C GLY G 95 -26.27 -14.15 23.65
N ILE G 96 -27.38 -14.49 24.29
CA ILE G 96 -27.56 -14.16 25.69
C ILE G 96 -26.53 -14.92 26.52
N VAL G 97 -26.29 -16.20 26.21
CA VAL G 97 -25.34 -16.95 27.01
C VAL G 97 -23.92 -16.48 26.73
N ALA G 98 -23.63 -16.09 25.49
CA ALA G 98 -22.31 -15.61 25.13
C ALA G 98 -22.03 -14.23 25.74
N GLY G 99 -23.08 -13.43 25.93
CA GLY G 99 -22.93 -12.09 26.48
C GLY G 99 -22.51 -11.10 25.40
N ASP G 100 -22.54 -11.55 24.14
CA ASP G 100 -22.15 -10.68 23.04
C ASP G 100 -22.92 -11.13 21.81
N VAL G 101 -22.94 -10.30 20.77
CA VAL G 101 -23.67 -10.63 19.56
C VAL G 101 -22.76 -11.34 18.56
N THR G 102 -21.50 -11.53 18.91
CA THR G 102 -20.55 -12.18 18.03
C THR G 102 -21.16 -13.45 17.43
N PRO G 103 -21.68 -14.40 18.24
CA PRO G 103 -22.32 -15.59 17.69
C PRO G 103 -23.46 -15.25 16.73
N ILE G 104 -24.32 -14.35 17.16
CA ILE G 104 -25.46 -13.92 16.37
C ILE G 104 -24.98 -13.38 15.03
N GLU G 105 -23.96 -12.53 15.08
CA GLU G 105 -23.55 -11.70 13.95
C GLU G 105 -22.99 -12.57 12.83
N GLU G 106 -22.12 -13.53 13.17
CA GLU G 106 -21.54 -14.41 12.18
C GLU G 106 -22.60 -15.26 11.47
N ILE G 107 -23.58 -15.79 12.22
CA ILE G 107 -24.54 -16.69 11.64
C ILE G 107 -25.64 -15.95 10.89
N GLY G 108 -26.03 -14.76 11.36
CA GLY G 108 -27.27 -14.15 10.90
C GLY G 108 -27.17 -12.74 10.34
N ILE G 109 -26.19 -11.90 10.70
CA ILE G 109 -26.31 -10.51 10.31
C ILE G 109 -25.38 -10.18 9.13
N ILE G 110 -24.39 -11.01 8.79
CA ILE G 110 -23.46 -10.63 7.73
C ILE G 110 -23.90 -11.27 6.43
N GLY G 111 -24.16 -10.43 5.41
CA GLY G 111 -24.67 -10.90 4.13
C GLY G 111 -26.19 -11.06 4.14
N VAL G 112 -26.85 -10.64 5.21
CA VAL G 112 -28.28 -10.88 5.33
C VAL G 112 -29.03 -10.08 4.28
N LYS G 113 -28.62 -8.82 4.04
CA LYS G 113 -29.28 -7.97 3.06
C LYS G 113 -29.23 -8.67 1.71
N GLU G 114 -28.03 -9.14 1.34
CA GLU G 114 -27.82 -9.74 0.05
C GLU G 114 -28.64 -11.01 -0.13
N MET G 115 -28.72 -11.82 0.94
CA MET G 115 -29.50 -13.05 0.89
C MET G 115 -30.97 -12.71 0.67
N TYR G 116 -31.50 -11.78 1.48
CA TYR G 116 -32.90 -11.47 1.40
C TYR G 116 -33.21 -10.82 0.06
N ASN G 117 -32.31 -9.99 -0.46
CA ASN G 117 -32.54 -9.35 -1.75
C ASN G 117 -32.67 -10.39 -2.86
N SER G 118 -31.86 -11.44 -2.84
CA SER G 118 -32.04 -12.49 -3.84
C SER G 118 -33.41 -13.12 -3.67
N LEU G 119 -33.79 -13.46 -2.44
CA LEU G 119 -35.07 -14.10 -2.17
C LEU G 119 -36.20 -13.14 -2.54
N GLN G 120 -35.95 -11.82 -2.41
CA GLN G 120 -36.90 -10.76 -2.68
C GLN G 120 -37.81 -10.51 -1.48
N THR G 121 -37.53 -11.21 -0.37
CA THR G 121 -38.18 -10.94 0.89
C THR G 121 -37.91 -9.50 1.30
N PRO G 122 -38.94 -8.73 1.77
CA PRO G 122 -38.70 -7.38 2.26
C PRO G 122 -38.07 -7.32 3.66
N ILE G 123 -36.95 -6.60 3.76
CA ILE G 123 -36.14 -6.61 4.97
C ILE G 123 -36.92 -5.95 6.10
N PRO G 124 -37.63 -4.81 5.88
CA PRO G 124 -38.32 -4.14 6.99
C PRO G 124 -39.37 -5.03 7.66
N ALA G 125 -40.02 -5.89 6.88
CA ALA G 125 -40.99 -6.83 7.42
C ALA G 125 -40.29 -7.82 8.34
N VAL G 126 -39.10 -8.29 7.92
CA VAL G 126 -38.35 -9.23 8.72
C VAL G 126 -38.03 -8.59 10.06
N ALA G 127 -37.63 -7.32 10.02
CA ALA G 127 -37.30 -6.59 11.24
C ALA G 127 -38.53 -6.53 12.15
N GLU G 128 -39.71 -6.35 11.55
CA GLU G 128 -40.94 -6.29 12.31
C GLU G 128 -41.20 -7.60 13.03
N GLY G 129 -40.96 -8.71 12.33
CA GLY G 129 -41.08 -10.04 12.90
C GLY G 129 -40.20 -10.21 14.14
N VAL G 130 -38.98 -9.67 14.08
CA VAL G 130 -38.07 -9.78 15.21
C VAL G 130 -38.58 -8.90 16.35
N ARG G 131 -39.09 -7.71 16.03
CA ARG G 131 -39.69 -6.84 17.03
C ARG G 131 -40.84 -7.58 17.70
N ALA G 132 -41.68 -8.22 16.89
CA ALA G 132 -42.80 -8.99 17.40
C ALA G 132 -42.29 -10.03 18.39
N MET G 133 -41.24 -10.75 18.01
CA MET G 133 -40.70 -11.81 18.84
C MET G 133 -40.23 -11.25 20.17
N LYS G 134 -39.68 -10.05 20.15
CA LYS G 134 -39.19 -9.41 21.36
C LYS G 134 -40.36 -9.19 22.33
N ASN G 135 -41.50 -8.74 21.79
CA ASN G 135 -42.65 -8.41 22.63
C ASN G 135 -43.18 -9.66 23.31
N VAL G 136 -43.26 -10.77 22.57
CA VAL G 136 -43.70 -12.02 23.14
C VAL G 136 -42.71 -12.45 24.22
N ALA G 137 -41.42 -12.43 23.87
CA ALA G 137 -40.37 -12.88 24.77
C ALA G 137 -40.37 -12.07 26.06
N THR G 138 -40.58 -10.77 25.94
CA THR G 138 -40.54 -9.87 27.08
C THR G 138 -41.61 -10.26 28.09
N SER G 139 -42.79 -10.62 27.59
CA SER G 139 -43.92 -10.95 28.46
C SER G 139 -43.59 -12.17 29.33
N LEU G 140 -42.90 -13.16 28.76
CA LEU G 140 -42.59 -14.39 29.47
C LEU G 140 -41.50 -14.12 30.50
N LEU G 141 -40.56 -13.23 30.14
CA LEU G 141 -39.41 -12.97 30.97
C LEU G 141 -39.77 -12.02 32.11
N SER G 142 -39.00 -12.12 33.20
CA SER G 142 -39.04 -11.15 34.28
C SER G 142 -38.51 -9.82 33.76
N GLY G 143 -38.93 -8.72 34.40
CA GLY G 143 -38.62 -7.37 33.92
C GLY G 143 -37.11 -7.14 33.73
N ASP G 144 -36.32 -7.54 34.73
CA ASP G 144 -34.87 -7.42 34.64
C ASP G 144 -34.34 -8.31 33.52
N ASP G 145 -34.83 -9.55 33.47
CA ASP G 145 -34.42 -10.51 32.45
C ASP G 145 -34.81 -9.97 31.07
N ALA G 146 -36.00 -9.37 30.97
CA ALA G 146 -36.53 -8.89 29.71
C ALA G 146 -35.64 -7.79 29.15
N ALA G 147 -35.13 -6.92 30.03
CA ALA G 147 -34.28 -5.83 29.57
C ALA G 147 -33.01 -6.39 28.93
N GLU G 148 -32.39 -7.38 29.60
CA GLU G 148 -31.20 -8.02 29.08
C GLU G 148 -31.53 -8.60 27.70
N ALA G 149 -32.62 -9.37 27.63
CA ALA G 149 -33.01 -10.01 26.38
C ALA G 149 -33.31 -8.97 25.31
N GLY G 150 -33.88 -7.83 25.71
CA GLY G 150 -34.24 -6.79 24.77
C GLY G 150 -33.05 -6.30 23.97
N PHE G 151 -31.90 -6.10 24.63
CA PHE G 151 -30.72 -5.58 23.95
C PHE G 151 -30.39 -6.47 22.75
N TYR G 152 -30.39 -7.78 22.96
CA TYR G 152 -29.99 -8.71 21.92
C TYR G 152 -31.01 -8.65 20.78
N PHE G 153 -32.27 -8.57 21.13
CA PHE G 153 -33.33 -8.46 20.14
C PHE G 153 -33.17 -7.16 19.35
N ASP G 154 -32.88 -6.07 20.06
CA ASP G 154 -32.71 -4.78 19.43
C ASP G 154 -31.56 -4.81 18.43
N TYR G 155 -30.43 -5.42 18.81
CA TYR G 155 -29.30 -5.51 17.91
C TYR G 155 -29.73 -6.13 16.58
N LEU G 156 -30.48 -7.24 16.65
CA LEU G 156 -30.94 -7.90 15.45
C LEU G 156 -31.74 -6.91 14.61
N VAL G 157 -32.67 -6.20 15.24
CA VAL G 157 -33.55 -5.32 14.50
C VAL G 157 -32.72 -4.24 13.83
N GLY G 158 -31.74 -3.71 14.55
CA GLY G 158 -30.84 -2.71 13.99
C GLY G 158 -30.06 -3.25 12.79
N ALA G 159 -29.55 -4.49 12.90
CA ALA G 159 -28.73 -5.07 11.86
C ALA G 159 -29.55 -5.32 10.58
N MET G 160 -30.78 -5.76 10.75
CA MET G 160 -31.69 -6.05 9.65
C MET G 160 -32.46 -4.78 9.34
N GLN G 161 -31.77 -3.79 8.81
CA GLN G 161 -32.38 -2.50 8.51
C GLN G 161 -31.57 -1.81 7.39
N MET H 1 -11.09 -17.89 15.99
CA MET H 1 -10.88 -18.73 17.20
C MET H 1 -12.23 -18.98 17.87
N GLN H 2 -12.23 -19.91 18.83
CA GLN H 2 -13.42 -20.19 19.62
C GLN H 2 -13.00 -20.33 21.07
N ASP H 3 -13.92 -19.99 21.98
CA ASP H 3 -13.74 -20.22 23.41
C ASP H 3 -14.71 -21.32 23.83
N ALA H 4 -14.78 -21.59 25.14
CA ALA H 4 -15.65 -22.64 25.65
C ALA H 4 -17.11 -22.40 25.24
N ILE H 5 -17.58 -21.19 25.50
CA ILE H 5 -18.95 -20.85 25.22
C ILE H 5 -19.23 -20.97 23.73
N THR H 6 -18.38 -20.40 22.88
CA THR H 6 -18.66 -20.41 21.47
C THR H 6 -18.48 -21.81 20.91
N ALA H 7 -17.68 -22.65 21.59
CA ALA H 7 -17.49 -24.01 21.12
C ALA H 7 -18.79 -24.78 21.18
N VAL H 8 -19.53 -24.60 22.28
CA VAL H 8 -20.83 -25.19 22.45
C VAL H 8 -21.80 -24.61 21.42
N ILE H 9 -21.88 -23.29 21.32
CA ILE H 9 -22.78 -22.67 20.38
C ILE H 9 -22.54 -23.19 18.97
N ASN H 10 -21.27 -23.31 18.55
CA ASN H 10 -21.01 -23.68 17.17
C ASN H 10 -21.47 -25.10 16.93
N ASN H 11 -21.28 -25.94 17.95
CA ASN H 11 -21.63 -27.35 17.85
C ASN H 11 -23.14 -27.52 17.70
N TYR H 12 -23.91 -26.68 18.38
CA TYR H 12 -25.36 -26.70 18.27
C TYR H 12 -25.86 -26.02 17.00
N ASP H 13 -25.17 -24.96 16.54
CA ASP H 13 -25.59 -24.26 15.36
C ASP H 13 -25.52 -25.14 14.11
N VAL H 14 -24.53 -26.03 14.02
CA VAL H 14 -24.43 -26.86 12.82
C VAL H 14 -25.58 -27.86 12.81
N GLN H 15 -26.03 -28.29 13.98
CA GLN H 15 -27.19 -29.16 14.08
C GLN H 15 -28.49 -28.36 13.95
N GLY H 16 -28.41 -27.05 14.21
CA GLY H 16 -29.56 -26.18 14.19
C GLY H 16 -30.41 -26.35 15.44
N LYS H 17 -29.79 -26.90 16.49
CA LYS H 17 -30.47 -27.16 17.74
C LYS H 17 -30.42 -25.95 18.67
N TYR H 18 -31.56 -25.69 19.33
CA TYR H 18 -31.63 -24.78 20.45
C TYR H 18 -30.82 -25.38 21.59
N LEU H 19 -30.28 -24.53 22.45
CA LEU H 19 -29.44 -25.03 23.54
C LEU H 19 -30.33 -25.87 24.45
N ASP H 20 -29.82 -27.03 24.87
CA ASP H 20 -30.55 -27.96 25.71
C ASP H 20 -29.82 -28.10 27.04
N GLY H 21 -30.36 -28.94 27.93
CA GLY H 21 -29.84 -29.12 29.27
C GLY H 21 -28.37 -29.56 29.29
N ALA H 22 -28.02 -30.51 28.41
CA ALA H 22 -26.64 -30.97 28.30
C ALA H 22 -25.72 -29.78 27.97
N ALA H 23 -26.11 -29.01 26.93
CA ALA H 23 -25.37 -27.83 26.55
C ALA H 23 -25.25 -26.90 27.74
N LEU H 24 -26.39 -26.66 28.41
CA LEU H 24 -26.43 -25.71 29.52
C LEU H 24 -25.46 -26.13 30.63
N ASP H 25 -25.29 -27.44 30.81
CA ASP H 25 -24.41 -27.94 31.86
C ASP H 25 -22.94 -27.63 31.57
N LYS H 26 -22.55 -27.78 30.29
CA LYS H 26 -21.20 -27.52 29.86
C LYS H 26 -20.92 -26.03 30.09
N LEU H 27 -21.86 -25.16 29.71
CA LEU H 27 -21.66 -23.73 29.84
C LEU H 27 -21.50 -23.38 31.31
N LYS H 28 -22.29 -24.05 32.15
CA LYS H 28 -22.27 -23.79 33.59
C LYS H 28 -20.90 -24.17 34.18
N ALA H 29 -20.34 -25.27 33.67
CA ALA H 29 -19.04 -25.73 34.10
C ALA H 29 -17.97 -24.66 33.84
N TYR H 30 -18.03 -24.01 32.66
CA TYR H 30 -17.07 -22.95 32.37
C TYR H 30 -17.28 -21.80 33.36
N PHE H 31 -18.54 -21.34 33.51
CA PHE H 31 -18.85 -20.10 34.21
C PHE H 31 -18.36 -20.14 35.65
N THR H 32 -18.41 -21.33 36.24
CA THR H 32 -18.03 -21.54 37.62
C THR H 32 -16.51 -21.43 37.80
N THR H 33 -15.71 -21.79 36.78
CA THR H 33 -14.24 -21.71 36.87
C THR H 33 -13.70 -20.33 36.48
N GLY H 34 -14.54 -19.51 35.85
CA GLY H 34 -14.09 -18.29 35.19
C GLY H 34 -13.25 -17.38 36.10
N ALA H 35 -13.77 -17.12 37.30
CA ALA H 35 -13.17 -16.14 38.19
C ALA H 35 -11.73 -16.55 38.51
N VAL H 36 -11.51 -17.86 38.70
CA VAL H 36 -10.20 -18.39 38.99
C VAL H 36 -9.23 -18.09 37.85
N ARG H 37 -9.69 -18.35 36.62
CA ARG H 37 -8.84 -18.13 35.46
C ARG H 37 -8.39 -16.66 35.40
N VAL H 38 -9.32 -15.73 35.64
CA VAL H 38 -8.98 -14.32 35.53
C VAL H 38 -7.83 -14.02 36.50
N ARG H 39 -7.91 -14.55 37.72
CA ARG H 39 -6.88 -14.28 38.70
C ARG H 39 -5.53 -14.83 38.25
N ALA H 40 -5.56 -16.04 37.69
CA ALA H 40 -4.34 -16.69 37.22
C ALA H 40 -3.68 -15.84 36.12
N ALA H 41 -4.49 -15.39 35.16
CA ALA H 41 -4.00 -14.61 34.04
C ALA H 41 -3.26 -13.36 34.53
N ALA H 42 -3.81 -12.68 35.54
CA ALA H 42 -3.19 -11.48 36.05
C ALA H 42 -1.82 -11.79 36.66
N VAL H 43 -1.73 -12.93 37.34
CA VAL H 43 -0.48 -13.33 37.97
C VAL H 43 0.56 -13.54 36.88
N ILE H 44 0.20 -14.29 35.83
CA ILE H 44 1.15 -14.61 34.79
C ILE H 44 1.63 -13.32 34.13
N SER H 45 0.70 -12.41 33.78
CA SER H 45 1.07 -11.21 33.04
C SER H 45 2.07 -10.38 33.83
N SER H 46 1.86 -10.25 35.14
CA SER H 46 2.72 -9.43 35.98
C SER H 46 4.10 -10.06 36.14
N ASN H 47 4.19 -11.39 36.08
CA ASN H 47 5.46 -12.08 36.33
C ASN H 47 6.06 -12.64 35.05
N ALA H 48 5.58 -12.16 33.89
CA ALA H 48 5.90 -12.77 32.61
C ALA H 48 7.40 -12.80 32.37
N THR H 49 8.08 -11.67 32.60
CA THR H 49 9.50 -11.59 32.31
C THR H 49 10.25 -12.58 33.17
N THR H 50 9.91 -12.63 34.47
CA THR H 50 10.56 -13.50 35.42
C THR H 50 10.35 -14.95 35.01
N ILE H 51 9.13 -15.29 34.57
CA ILE H 51 8.81 -16.66 34.22
C ILE H 51 9.73 -17.11 33.11
N ILE H 52 9.99 -16.24 32.14
CA ILE H 52 10.80 -16.61 30.99
C ILE H 52 12.28 -16.74 31.39
N LYS H 53 12.75 -15.83 32.25
CA LYS H 53 14.10 -15.91 32.77
C LYS H 53 14.31 -17.24 33.48
N GLU H 54 13.41 -17.57 34.43
CA GLU H 54 13.56 -18.78 35.22
C GLU H 54 13.54 -20.00 34.32
N ALA H 55 12.64 -20.01 33.36
CA ALA H 55 12.45 -21.16 32.47
C ALA H 55 13.68 -21.36 31.60
N ALA H 56 14.31 -20.26 31.17
CA ALA H 56 15.50 -20.36 30.32
C ALA H 56 16.66 -20.90 31.15
N ALA H 57 16.81 -20.35 32.37
CA ALA H 57 17.84 -20.77 33.29
C ALA H 57 17.73 -22.27 33.55
N LYS H 58 16.50 -22.75 33.77
CA LYS H 58 16.30 -24.16 34.10
C LYS H 58 16.56 -25.05 32.89
N ALA H 59 16.25 -24.60 31.66
CA ALA H 59 16.18 -25.53 30.54
C ALA H 59 17.07 -25.20 29.35
N LEU H 60 17.38 -23.92 29.04
CA LEU H 60 18.07 -23.58 27.80
C LEU H 60 19.53 -23.12 28.03
N ILE H 61 19.77 -22.12 28.87
CA ILE H 61 21.08 -21.47 28.90
C ILE H 61 22.08 -22.32 29.68
N TYR H 62 23.30 -21.81 29.89
CA TYR H 62 24.37 -22.49 30.59
C TYR H 62 24.62 -23.84 29.91
N SER H 63 24.45 -23.89 28.61
CA SER H 63 24.42 -25.15 27.88
C SER H 63 25.18 -25.01 26.57
N ASP H 64 25.13 -26.09 25.76
CA ASP H 64 25.72 -26.10 24.44
C ASP H 64 24.92 -25.27 23.46
N LEU H 65 23.61 -25.14 23.67
CA LEU H 65 22.76 -24.29 22.85
C LEU H 65 23.29 -22.86 22.80
N THR H 66 23.65 -22.29 23.96
CA THR H 66 24.11 -20.92 24.01
C THR H 66 25.55 -20.81 23.53
N ARG H 67 26.29 -21.92 23.50
CA ARG H 67 27.70 -21.89 23.14
C ARG H 67 27.85 -21.98 21.63
N PRO H 68 28.98 -21.51 21.04
CA PRO H 68 29.19 -21.47 19.59
C PRO H 68 28.93 -22.82 18.92
N GLY H 69 28.21 -22.77 17.80
CA GLY H 69 27.67 -23.98 17.17
C GLY H 69 26.22 -24.27 17.58
N GLY H 70 25.72 -23.58 18.61
CA GLY H 70 24.38 -23.84 19.11
C GLY H 70 23.38 -22.90 18.47
N MET H 72 21.01 -21.21 19.85
CA MET H 72 20.75 -19.96 20.55
C MET H 72 22.05 -19.22 20.82
N TYR H 73 23.10 -19.52 20.04
CA TYR H 73 24.31 -18.72 20.03
C TYR H 73 24.15 -17.48 19.17
N THR H 74 24.82 -16.38 19.56
CA THR H 74 24.66 -15.03 19.02
C THR H 74 23.52 -14.31 19.71
N THR H 75 23.68 -13.00 19.91
CA THR H 75 22.65 -12.24 20.57
C THR H 75 21.35 -12.29 19.75
N ARG H 76 21.50 -12.22 18.43
CA ARG H 76 20.38 -12.25 17.53
C ARG H 76 19.48 -13.45 17.74
N ARG H 77 20.06 -14.63 17.79
CA ARG H 77 19.29 -15.84 18.01
C ARG H 77 18.86 -16.03 19.45
N TYR H 78 19.64 -15.57 20.44
CA TYR H 78 19.13 -15.65 21.78
C TYR H 78 17.87 -14.80 21.86
N ALA H 79 17.90 -13.62 21.29
CA ALA H 79 16.78 -12.71 21.38
C ALA H 79 15.57 -13.30 20.68
N ALA H 80 15.77 -13.95 19.55
CA ALA H 80 14.67 -14.58 18.86
C ALA H 80 14.00 -15.67 19.67
N CYS H 81 14.82 -16.47 20.34
CA CYS H 81 14.29 -17.56 21.13
C CYS H 81 13.47 -17.02 22.30
N ILE H 82 13.95 -16.00 23.03
CA ILE H 82 13.17 -15.56 24.17
C ILE H 82 11.95 -14.78 23.69
N ARG H 83 11.97 -14.27 22.47
CA ARG H 83 10.79 -13.67 21.87
C ARG H 83 9.71 -14.73 21.64
N ASP H 84 10.11 -15.87 21.11
CA ASP H 84 9.16 -16.95 20.92
C ASP H 84 8.61 -17.44 22.25
N MET H 85 9.46 -17.49 23.28
CA MET H 85 9.02 -17.94 24.57
C MET H 85 7.91 -17.04 25.06
N ASP H 86 8.11 -15.73 24.93
CA ASP H 86 7.11 -14.78 25.32
C ASP H 86 5.74 -15.00 24.67
N TYR H 87 5.72 -15.25 23.37
CA TYR H 87 4.44 -15.52 22.71
C TYR H 87 3.80 -16.79 23.26
N PHE H 88 4.57 -17.87 23.39
CA PHE H 88 3.98 -19.09 23.89
C PHE H 88 3.33 -18.79 25.23
N LEU H 89 4.01 -18.05 26.10
CA LEU H 89 3.42 -17.77 27.40
C LEU H 89 2.12 -16.98 27.22
N ARG H 90 2.14 -15.95 26.36
CA ARG H 90 1.00 -15.07 26.20
C ARG H 90 -0.18 -15.83 25.62
N TYR H 91 0.07 -16.69 24.63
CA TYR H 91 -1.00 -17.42 23.98
C TYR H 91 -1.55 -18.47 24.91
N ALA H 92 -0.71 -19.15 25.68
CA ALA H 92 -1.21 -20.10 26.65
C ALA H 92 -2.13 -19.40 27.64
N THR H 93 -1.77 -18.19 28.08
CA THR H 93 -2.63 -17.47 28.98
C THR H 93 -3.97 -17.17 28.30
N TYR H 94 -3.96 -16.78 27.03
CA TYR H 94 -5.20 -16.51 26.31
C TYR H 94 -6.03 -17.79 26.28
N ALA H 95 -5.39 -18.94 26.01
CA ALA H 95 -6.11 -20.20 25.91
C ALA H 95 -6.74 -20.56 27.24
N MET H 96 -6.02 -20.33 28.31
CA MET H 96 -6.50 -20.67 29.62
C MET H 96 -7.73 -19.84 29.97
N LEU H 97 -7.72 -18.54 29.66
CA LEU H 97 -8.89 -17.72 29.89
C LEU H 97 -10.03 -18.28 29.03
N ALA H 98 -9.77 -18.53 27.74
CA ALA H 98 -10.81 -18.94 26.83
C ALA H 98 -11.39 -20.28 27.26
N GLY H 99 -10.56 -21.15 27.84
CA GLY H 99 -10.95 -22.51 28.16
C GLY H 99 -11.04 -23.37 26.89
N ASP H 100 -10.36 -22.94 25.82
CA ASP H 100 -10.34 -23.68 24.58
C ASP H 100 -8.94 -23.62 24.01
N PRO H 101 -8.43 -24.71 23.42
CA PRO H 101 -7.11 -24.70 22.80
C PRO H 101 -7.07 -24.22 21.37
N SER H 102 -8.22 -23.85 20.80
CA SER H 102 -8.32 -23.55 19.38
C SER H 102 -7.35 -22.44 18.97
N ILE H 103 -7.29 -21.38 19.78
CA ILE H 103 -6.43 -20.26 19.48
C ILE H 103 -4.99 -20.74 19.31
N LEU H 104 -4.55 -21.74 20.06
CA LEU H 104 -3.19 -22.25 19.94
C LEU H 104 -3.01 -22.85 18.55
N ASP H 105 -4.02 -23.53 18.03
CA ASP H 105 -3.91 -24.14 16.71
C ASP H 105 -3.87 -23.09 15.62
N GLU H 106 -4.75 -22.10 15.76
CA GLU H 106 -4.98 -21.12 14.73
C GLU H 106 -3.82 -20.14 14.62
N ARG H 107 -3.30 -19.70 15.75
CA ARG H 107 -2.38 -18.59 15.81
C ARG H 107 -1.04 -18.96 16.43
N VAL H 108 -0.74 -20.22 16.75
CA VAL H 108 0.60 -20.55 17.19
C VAL H 108 1.09 -21.74 16.41
N LEU H 109 0.32 -22.84 16.39
CA LEU H 109 0.87 -24.11 15.96
C LEU H 109 0.92 -24.16 14.43
N ASN H 110 0.07 -23.37 13.80
CA ASN H 110 -0.07 -23.39 12.35
C ASN H 110 1.04 -22.66 11.62
N GLY H 111 1.88 -23.41 10.90
CA GLY H 111 3.01 -22.85 10.19
C GLY H 111 4.25 -22.64 11.06
N LEU H 112 4.14 -22.92 12.37
CA LEU H 112 5.28 -22.84 13.24
C LEU H 112 6.22 -24.00 12.89
N LYS H 113 5.65 -25.19 12.69
CA LYS H 113 6.46 -26.37 12.48
C LYS H 113 7.26 -26.19 11.19
N GLU H 114 6.60 -25.70 10.14
CA GLU H 114 7.25 -25.54 8.85
C GLU H 114 8.37 -24.52 8.94
N THR H 115 8.12 -23.41 9.62
CA THR H 115 9.14 -22.39 9.79
C THR H 115 10.32 -22.97 10.55
N TYR H 116 10.02 -23.66 11.65
CA TYR H 116 11.05 -24.23 12.48
C TYR H 116 11.85 -25.23 11.66
N ASN H 117 11.20 -26.04 10.83
CA ASN H 117 11.91 -27.06 10.08
C ASN H 117 12.89 -26.43 9.12
N SER H 118 12.48 -25.37 8.42
CA SER H 118 13.40 -24.69 7.54
C SER H 118 14.56 -24.05 8.30
N LEU H 119 14.27 -23.42 9.44
CA LEU H 119 15.32 -22.81 10.24
C LEU H 119 16.27 -23.86 10.81
N GLY H 120 15.74 -25.03 11.22
CA GLY H 120 16.53 -26.01 11.93
C GLY H 120 16.45 -25.81 13.45
N VAL H 121 15.54 -24.95 13.91
CA VAL H 121 15.32 -24.75 15.32
C VAL H 121 15.14 -26.10 15.97
N PRO H 122 15.83 -26.43 17.09
CA PRO H 122 15.71 -27.75 17.71
C PRO H 122 14.45 -27.92 18.54
N ILE H 123 13.59 -28.86 18.12
CA ILE H 123 12.23 -28.94 18.64
C ILE H 123 12.26 -29.38 20.09
N ALA H 124 13.10 -30.37 20.41
CA ALA H 124 13.11 -30.94 21.74
C ALA H 124 13.43 -29.86 22.77
N ALA H 125 14.40 -29.00 22.44
CA ALA H 125 14.81 -27.93 23.34
C ALA H 125 13.66 -26.94 23.53
N THR H 126 12.92 -26.67 22.46
CA THR H 126 11.80 -25.74 22.51
C THR H 126 10.73 -26.31 23.42
N VAL H 127 10.40 -27.57 23.18
CA VAL H 127 9.40 -28.26 23.98
C VAL H 127 9.87 -28.25 25.43
N GLY H 128 11.15 -28.52 25.65
CA GLY H 128 11.74 -28.45 26.98
C GLY H 128 11.51 -27.09 27.63
N GLY H 129 11.68 -26.02 26.85
CA GLY H 129 11.44 -24.65 27.29
C GLY H 129 9.98 -24.39 27.59
N ILE H 130 9.06 -24.96 26.81
CA ILE H 130 7.64 -24.82 27.07
C ILE H 130 7.30 -25.56 28.36
N GLN H 131 7.84 -26.79 28.51
CA GLN H 131 7.62 -27.59 29.70
C GLN H 131 8.19 -26.87 30.92
N ALA H 132 9.34 -26.24 30.76
CA ALA H 132 9.95 -25.49 31.85
C ALA H 132 9.05 -24.34 32.27
N MET H 133 8.46 -23.63 31.30
CA MET H 133 7.58 -22.51 31.63
C MET H 133 6.40 -23.04 32.43
N LYS H 134 5.91 -24.22 32.07
CA LYS H 134 4.74 -24.78 32.72
C LYS H 134 5.02 -24.98 34.20
N GLU H 135 6.15 -25.60 34.49
CA GLU H 135 6.58 -25.87 35.85
C GLU H 135 6.65 -24.56 36.65
N VAL H 136 7.25 -23.51 36.08
CA VAL H 136 7.39 -22.24 36.78
C VAL H 136 6.01 -21.69 37.10
N VAL H 137 5.10 -21.74 36.12
CA VAL H 137 3.84 -21.05 36.24
C VAL H 137 3.02 -21.66 37.37
N GLY H 138 2.99 -22.99 37.41
CA GLY H 138 2.23 -23.75 38.38
C GLY H 138 2.41 -23.23 39.80
N GLY H 139 3.67 -22.92 40.18
CA GLY H 139 3.95 -22.34 41.47
C GLY H 139 3.16 -21.05 41.72
N LEU H 140 3.30 -20.11 40.77
CA LEU H 140 2.81 -18.75 40.96
C LEU H 140 1.28 -18.76 41.06
N VAL H 141 0.60 -19.51 40.18
CA VAL H 141 -0.84 -19.35 40.04
C VAL H 141 -1.55 -19.99 41.23
N GLY H 142 -0.97 -21.08 41.76
CA GLY H 142 -1.55 -21.73 42.92
C GLY H 142 -2.51 -22.87 42.59
N PRO H 143 -3.00 -23.59 43.63
CA PRO H 143 -3.99 -24.67 43.51
C PRO H 143 -5.24 -24.46 42.67
N ASP H 144 -5.92 -23.31 42.82
CA ASP H 144 -7.12 -22.98 42.06
C ASP H 144 -6.89 -23.20 40.55
N ALA H 145 -5.73 -22.72 40.05
CA ALA H 145 -5.50 -22.48 38.65
C ALA H 145 -4.50 -23.42 38.00
N ALA H 146 -3.65 -24.08 38.80
CA ALA H 146 -2.47 -24.76 38.27
C ALA H 146 -2.83 -25.84 37.23
N LYS H 147 -3.89 -26.61 37.55
CA LYS H 147 -4.27 -27.72 36.68
C LYS H 147 -4.68 -27.14 35.32
N GLU H 148 -5.50 -26.10 35.38
CA GLU H 148 -6.11 -25.50 34.20
C GLU H 148 -5.01 -24.92 33.31
N ALA H 149 -4.09 -24.16 33.93
CA ALA H 149 -3.00 -23.55 33.18
C ALA H 149 -2.15 -24.61 32.46
N SER H 150 -1.91 -25.71 33.16
CA SER H 150 -0.96 -26.71 32.70
C SER H 150 -1.38 -27.33 31.35
N ILE H 151 -2.68 -27.51 31.16
CA ILE H 151 -3.13 -28.29 30.01
C ILE H 151 -2.79 -27.56 28.72
N TYR H 152 -2.81 -26.22 28.74
CA TYR H 152 -2.56 -25.45 27.53
C TYR H 152 -1.07 -25.51 27.19
N PHE H 153 -0.21 -25.45 28.20
CA PHE H 153 1.21 -25.62 27.96
C PHE H 153 1.46 -27.01 27.38
N ASP H 154 0.77 -28.02 27.91
CA ASP H 154 0.92 -29.39 27.42
C ASP H 154 0.45 -29.51 25.97
N TYR H 155 -0.59 -28.77 25.64
CA TYR H 155 -1.16 -28.78 24.30
C TYR H 155 -0.15 -28.22 23.29
N LEU H 156 0.54 -27.14 23.68
CA LEU H 156 1.56 -26.54 22.83
C LEU H 156 2.67 -27.56 22.60
N SER H 157 3.12 -28.21 23.69
CA SER H 157 4.28 -29.07 23.59
C SER H 157 3.98 -30.26 22.70
N SER H 158 2.78 -30.83 22.86
CA SER H 158 2.41 -32.00 22.10
C SER H 158 2.23 -31.65 20.63
N GLY H 159 1.81 -30.42 20.34
CA GLY H 159 1.66 -29.96 18.96
C GLY H 159 2.99 -29.92 18.23
N LEU H 160 4.06 -29.50 18.92
CA LEU H 160 5.35 -29.39 18.27
C LEU H 160 5.89 -30.80 18.08
N SER H 161 5.81 -31.61 19.13
CA SER H 161 6.32 -32.96 19.10
C SER H 161 5.28 -33.91 18.47
N SER I 2 -10.69 5.50 30.53
CA SER I 2 -11.83 4.93 31.27
C SER I 2 -12.43 3.76 30.50
N VAL I 3 -13.38 3.07 31.13
CA VAL I 3 -14.15 2.04 30.46
C VAL I 3 -14.91 2.67 29.30
N LEU I 4 -15.48 3.84 29.55
CA LEU I 4 -16.32 4.49 28.57
C LEU I 4 -15.48 4.81 27.34
N THR I 5 -14.37 5.50 27.57
CA THR I 5 -13.54 5.93 26.46
C THR I 5 -13.20 4.73 25.59
N LYS I 6 -12.72 3.66 26.22
CA LYS I 6 -12.25 2.50 25.50
C LYS I 6 -13.37 1.94 24.61
N ALA I 7 -14.58 1.82 25.17
CA ALA I 7 -15.70 1.24 24.44
C ALA I 7 -16.06 2.08 23.23
N ILE I 8 -16.11 3.40 23.42
CA ILE I 8 -16.48 4.32 22.34
C ILE I 8 -15.44 4.20 21.24
N VAL I 9 -14.16 4.21 21.61
CA VAL I 9 -13.09 4.16 20.63
C VAL I 9 -13.18 2.90 19.77
N ASN I 10 -13.47 1.74 20.36
CA ASN I 10 -13.56 0.52 19.59
C ASN I 10 -14.74 0.57 18.63
N ALA I 11 -15.86 1.10 19.09
CA ALA I 11 -17.04 1.24 18.26
C ALA I 11 -16.75 2.18 17.09
N ASP I 12 -16.08 3.31 17.36
CA ASP I 12 -15.81 4.28 16.33
C ASP I 12 -14.94 3.68 15.23
N ALA I 13 -13.97 2.85 15.61
CA ALA I 13 -13.12 2.18 14.65
C ALA I 13 -13.93 1.24 13.75
N GLU I 14 -14.87 0.52 14.36
CA GLU I 14 -15.78 -0.33 13.62
C GLU I 14 -16.85 0.48 12.89
N ALA I 15 -16.97 1.78 13.23
CA ALA I 15 -17.99 2.66 12.70
C ALA I 15 -19.40 2.12 12.97
N ARG I 16 -19.61 1.65 14.20
CA ARG I 16 -20.88 1.06 14.59
C ARG I 16 -21.33 1.68 15.90
N TYR I 17 -22.62 1.55 16.22
CA TYR I 17 -23.12 1.92 17.54
C TYR I 17 -22.62 0.89 18.53
N LEU I 18 -22.65 1.23 19.82
CA LEU I 18 -22.08 0.40 20.86
C LEU I 18 -22.87 -0.90 20.99
N SER I 19 -22.14 -2.02 21.09
CA SER I 19 -22.73 -3.36 21.07
C SER I 19 -23.50 -3.60 22.35
N PRO I 20 -24.45 -4.57 22.39
CA PRO I 20 -25.19 -4.88 23.62
C PRO I 20 -24.26 -5.26 24.77
N GLY I 21 -23.26 -6.08 24.46
CA GLY I 21 -22.24 -6.46 25.42
C GLY I 21 -21.46 -5.26 25.95
N GLU I 22 -21.06 -4.34 25.07
CA GLU I 22 -20.33 -3.15 25.46
C GLU I 22 -21.20 -2.25 26.33
N LEU I 23 -22.48 -2.13 26.00
CA LEU I 23 -23.41 -1.38 26.82
C LEU I 23 -23.55 -2.00 28.20
N ASP I 24 -23.57 -3.33 28.26
CA ASP I 24 -23.71 -4.03 29.53
C ASP I 24 -22.51 -3.75 30.43
N ARG I 25 -21.33 -3.71 29.82
CA ARG I 25 -20.09 -3.45 30.54
C ARG I 25 -20.13 -2.06 31.14
N ILE I 26 -20.72 -1.10 30.43
CA ILE I 26 -20.86 0.26 30.94
C ILE I 26 -21.80 0.26 32.13
N LYS I 27 -22.89 -0.49 32.04
CA LYS I 27 -23.85 -0.56 33.14
C LYS I 27 -23.17 -1.12 34.38
N SER I 28 -22.36 -2.16 34.22
CA SER I 28 -21.71 -2.81 35.34
C SER I 28 -20.75 -1.81 36.01
N PHE I 29 -20.02 -1.08 35.19
CA PHE I 29 -19.04 -0.12 35.63
C PHE I 29 -19.67 1.00 36.44
N VAL I 30 -20.84 1.49 36.03
CA VAL I 30 -21.47 2.59 36.75
C VAL I 30 -21.95 2.10 38.11
N ALA I 31 -22.38 0.83 38.20
CA ALA I 31 -22.75 0.26 39.48
C ALA I 31 -21.52 0.14 40.39
N SER I 32 -20.39 -0.28 39.80
CA SER I 32 -19.16 -0.51 40.54
C SER I 32 -18.58 0.80 41.05
N GLY I 33 -18.96 1.93 40.42
CA GLY I 33 -18.21 3.16 40.55
C GLY I 33 -18.15 3.66 41.99
N GLU I 34 -19.26 3.56 42.71
CA GLU I 34 -19.34 4.05 44.08
C GLU I 34 -18.32 3.34 44.97
N ARG I 35 -18.28 2.00 44.86
CA ARG I 35 -17.29 1.20 45.57
C ARG I 35 -15.88 1.64 45.17
N ARG I 36 -15.64 1.83 43.87
CA ARG I 36 -14.33 2.20 43.36
C ARG I 36 -13.88 3.50 43.99
N LEU I 37 -14.80 4.46 44.14
CA LEU I 37 -14.44 5.76 44.67
C LEU I 37 -13.94 5.61 46.11
N ARG I 38 -14.60 4.72 46.86
CA ARG I 38 -14.24 4.47 48.25
C ARG I 38 -12.83 3.87 48.32
N ILE I 39 -12.54 2.89 47.47
CA ILE I 39 -11.23 2.25 47.45
C ILE I 39 -10.16 3.29 47.19
N ALA I 40 -10.41 4.19 46.23
CA ALA I 40 -9.43 5.20 45.87
C ALA I 40 -9.18 6.14 47.05
N GLN I 41 -10.24 6.48 47.76
CA GLN I 41 -10.14 7.42 48.86
C GLN I 41 -9.27 6.83 49.97
N THR I 42 -9.49 5.55 50.28
CA THR I 42 -8.72 4.87 51.30
C THR I 42 -7.23 4.97 51.00
N LEU I 43 -6.84 4.63 49.75
CA LEU I 43 -5.45 4.66 49.35
C LEU I 43 -4.88 6.08 49.42
N THR I 44 -5.69 7.08 49.06
CA THR I 44 -5.24 8.45 49.08
C THR I 44 -4.89 8.86 50.51
N GLU I 45 -5.73 8.47 51.47
CA GLU I 45 -5.54 8.86 52.85
C GLU I 45 -4.26 8.23 53.39
N ALA I 46 -3.99 6.97 53.02
CA ALA I 46 -2.87 6.21 53.59
C ALA I 46 -1.60 6.38 52.76
N ARG I 47 -1.61 7.33 51.82
CA ARG I 47 -0.60 7.36 50.78
C ARG I 47 0.78 7.57 51.38
N GLU I 48 0.89 8.55 52.28
CA GLU I 48 2.18 8.91 52.85
C GLU I 48 2.81 7.70 53.55
N ARG I 49 1.96 6.96 54.28
CA ARG I 49 2.41 5.76 54.96
C ARG I 49 2.81 4.69 53.96
N ILE I 50 1.99 4.49 52.91
CA ILE I 50 2.26 3.42 51.95
C ILE I 50 3.63 3.66 51.30
N VAL I 51 3.88 4.90 50.87
CA VAL I 51 5.09 5.21 50.16
C VAL I 51 6.28 4.92 51.07
N LYS I 52 6.21 5.41 52.31
CA LYS I 52 7.34 5.26 53.22
C LYS I 52 7.64 3.78 53.48
N GLN I 53 6.61 3.02 53.83
CA GLN I 53 6.80 1.60 54.10
C GLN I 53 7.37 0.87 52.88
N ALA I 54 6.84 1.19 51.69
CA ALA I 54 7.26 0.52 50.46
C ALA I 54 8.73 0.85 50.17
N GLY I 55 9.11 2.11 50.38
CA GLY I 55 10.48 2.53 50.20
C GLY I 55 11.45 1.65 51.00
N ASP I 56 11.09 1.50 52.29
CA ASP I 56 11.93 0.77 53.22
C ASP I 56 12.10 -0.66 52.73
N GLN I 57 10.98 -1.29 52.37
CA GLN I 57 11.02 -2.67 51.91
C GLN I 57 11.90 -2.78 50.67
N LEU I 58 11.77 -1.82 49.74
CA LEU I 58 12.53 -1.88 48.50
C LEU I 58 14.03 -1.81 48.81
N PHE I 59 14.41 -0.88 49.71
CA PHE I 59 15.81 -0.72 50.03
C PHE I 59 16.36 -1.96 50.74
N GLN I 60 15.51 -2.60 51.56
CA GLN I 60 15.92 -3.84 52.21
C GLN I 60 16.04 -4.94 51.14
N LYS I 61 15.08 -5.00 50.23
CA LYS I 61 15.08 -6.01 49.17
C LYS I 61 16.31 -5.84 48.27
N ARG I 62 16.67 -4.59 47.95
CA ARG I 62 17.81 -4.33 47.07
C ARG I 62 18.78 -3.38 47.76
N PRO I 63 19.88 -3.88 48.38
CA PRO I 63 20.87 -2.99 48.96
C PRO I 63 21.45 -2.03 47.92
N ASP I 64 21.63 -2.53 46.69
CA ASP I 64 22.45 -1.88 45.69
C ASP I 64 21.94 -0.47 45.38
N VAL I 65 20.63 -0.31 45.20
CA VAL I 65 20.11 0.99 44.80
C VAL I 65 20.56 2.05 45.81
N VAL I 66 20.52 1.72 47.11
CA VAL I 66 20.98 2.62 48.15
C VAL I 66 22.43 2.26 48.50
N SER I 67 23.31 2.38 47.51
CA SER I 67 24.72 2.12 47.68
C SER I 67 25.48 3.08 46.77
N PRO I 68 26.77 3.37 47.02
CA PRO I 68 27.45 4.46 46.29
C PRO I 68 27.39 4.29 44.78
N GLY I 69 27.50 3.04 44.31
CA GLY I 69 27.29 2.72 42.90
C GLY I 69 25.87 3.03 42.45
N GLY I 70 24.89 2.67 43.30
CA GLY I 70 23.47 2.73 42.95
C GLY I 70 22.97 4.14 42.67
N ASN I 71 21.87 4.21 41.91
CA ASN I 71 21.32 5.48 41.48
C ASN I 71 20.64 6.19 42.64
N ALA I 72 20.02 5.42 43.52
CA ALA I 72 19.24 5.99 44.62
C ALA I 72 20.13 6.62 45.70
N TYR I 73 21.44 6.32 45.66
CA TYR I 73 22.37 6.68 46.72
C TYR I 73 22.44 8.19 46.90
N GLY I 74 22.46 8.64 48.17
CA GLY I 74 22.45 10.06 48.49
C GLY I 74 21.03 10.54 48.79
N GLU I 75 20.90 11.64 49.53
CA GLU I 75 19.61 12.07 50.05
C GLU I 75 18.71 12.51 48.90
N LYS I 76 19.22 13.40 48.04
CA LYS I 76 18.45 13.91 46.92
C LYS I 76 17.92 12.73 46.12
N MET I 77 18.82 11.81 45.78
CA MET I 77 18.45 10.67 44.95
C MET I 77 17.40 9.83 45.66
N THR I 78 17.57 9.62 46.96
CA THR I 78 16.62 8.80 47.70
C THR I 78 15.25 9.50 47.69
N ALA I 79 15.25 10.82 47.82
CA ALA I 79 13.99 11.54 47.80
C ALA I 79 13.30 11.34 46.45
N LEU I 80 14.07 11.46 45.37
CA LEU I 80 13.53 11.32 44.03
C LEU I 80 12.92 9.94 43.88
N CYS I 81 13.57 8.90 44.40
CA CYS I 81 13.06 7.56 44.27
C CYS I 81 11.71 7.45 44.99
N LEU I 82 11.59 8.11 46.15
CA LEU I 82 10.33 8.12 46.87
C LEU I 82 9.30 8.93 46.09
N ARG I 83 9.71 10.06 45.51
CA ARG I 83 8.80 10.88 44.74
C ARG I 83 8.19 10.05 43.61
N ASP I 84 9.03 9.26 42.94
CA ASP I 84 8.57 8.40 41.87
C ASP I 84 7.52 7.43 42.39
N LEU I 85 7.76 6.84 43.55
CA LEU I 85 6.81 5.90 44.12
C LEU I 85 5.48 6.60 44.36
N ASP I 86 5.54 7.84 44.83
CA ASP I 86 4.32 8.59 45.10
C ASP I 86 3.54 8.80 43.80
N TYR I 87 4.26 9.17 42.73
CA TYR I 87 3.66 9.39 41.42
C TYR I 87 2.91 8.14 40.96
N TYR I 88 3.54 6.98 41.10
CA TYR I 88 2.90 5.76 40.67
C TYR I 88 1.67 5.47 41.51
N LEU I 89 1.71 5.79 42.81
CA LEU I 89 0.53 5.54 43.62
C LEU I 89 -0.62 6.44 43.17
N ARG I 90 -0.33 7.70 42.89
CA ARG I 90 -1.36 8.61 42.42
C ARG I 90 -2.01 8.08 41.15
N LEU I 91 -1.19 7.61 40.21
CA LEU I 91 -1.67 7.04 38.98
C LEU I 91 -2.59 5.85 39.25
N VAL I 92 -2.21 4.97 40.19
CA VAL I 92 -3.03 3.83 40.48
C VAL I 92 -4.42 4.26 40.93
N THR I 93 -4.51 5.32 41.74
CA THR I 93 -5.80 5.74 42.24
C THR I 93 -6.66 6.20 41.06
N TYR I 94 -6.07 6.98 40.16
CA TYR I 94 -6.78 7.44 38.98
C TYR I 94 -7.31 6.26 38.19
N GLY I 95 -6.48 5.23 38.06
CA GLY I 95 -6.87 4.04 37.32
C GLY I 95 -8.06 3.34 37.93
N ILE I 96 -8.11 3.25 39.26
CA ILE I 96 -9.19 2.54 39.92
C ILE I 96 -10.51 3.23 39.62
N VAL I 97 -10.54 4.56 39.68
CA VAL I 97 -11.81 5.25 39.45
C VAL I 97 -12.20 5.16 37.98
N ALA I 98 -11.22 5.19 37.07
CA ALA I 98 -11.50 5.10 35.66
C ALA I 98 -11.94 3.69 35.27
N GLY I 99 -11.46 2.67 35.99
CA GLY I 99 -11.80 1.29 35.68
C GLY I 99 -10.94 0.76 34.54
N ASP I 100 -9.92 1.54 34.16
CA ASP I 100 -9.07 1.17 33.04
C ASP I 100 -7.77 1.92 33.22
N VAL I 101 -6.74 1.42 32.56
CA VAL I 101 -5.39 1.92 32.74
C VAL I 101 -5.08 2.95 31.66
N THR I 102 -6.02 3.21 30.76
CA THR I 102 -5.79 4.15 29.68
C THR I 102 -5.21 5.46 30.25
N PRO I 103 -5.85 6.10 31.25
CA PRO I 103 -5.29 7.33 31.83
C PRO I 103 -3.89 7.10 32.38
N ILE I 104 -3.72 6.03 33.14
CA ILE I 104 -2.42 5.70 33.71
C ILE I 104 -1.37 5.59 32.63
N GLU I 105 -1.71 4.92 31.52
CA GLU I 105 -0.77 4.52 30.50
C GLU I 105 -0.09 5.72 29.82
N GLU I 106 -0.85 6.75 29.46
CA GLU I 106 -0.26 7.93 28.85
C GLU I 106 0.71 8.66 29.78
N ILE I 107 0.35 8.78 31.06
CA ILE I 107 1.14 9.56 32.01
C ILE I 107 2.37 8.77 32.47
N GLY I 108 2.27 7.45 32.62
CA GLY I 108 3.30 6.71 33.32
C GLY I 108 3.96 5.57 32.56
N ILE I 109 3.27 4.89 31.62
CA ILE I 109 3.84 3.64 31.14
C ILE I 109 4.46 3.81 29.76
N ILE I 110 4.15 4.88 29.00
CA ILE I 110 4.70 4.96 27.65
C ILE I 110 5.94 5.84 27.68
N GLY I 111 7.05 5.27 27.22
CA GLY I 111 8.33 5.96 27.28
C GLY I 111 9.03 5.76 28.62
N VAL I 112 8.47 4.96 29.52
CA VAL I 112 9.03 4.81 30.85
C VAL I 112 10.42 4.15 30.76
N LYS I 113 10.56 3.13 29.90
CA LYS I 113 11.82 2.43 29.77
C LYS I 113 12.89 3.43 29.34
N GLU I 114 12.56 4.22 28.32
CA GLU I 114 13.50 5.16 27.75
C GLU I 114 13.90 6.23 28.75
N MET I 115 12.94 6.70 29.55
CA MET I 115 13.23 7.71 30.56
C MET I 115 14.19 7.13 31.60
N TYR I 116 13.88 5.94 32.10
CA TYR I 116 14.69 5.35 33.14
C TYR I 116 16.07 5.02 32.59
N ASN I 117 16.16 4.56 31.34
CA ASN I 117 17.45 4.23 30.76
C ASN I 117 18.35 5.46 30.69
N SER I 118 17.80 6.63 30.34
CA SER I 118 18.63 7.81 30.35
C SER I 118 19.10 8.09 31.78
N LEU I 119 18.19 8.03 32.75
CA LEU I 119 18.53 8.30 34.13
C LEU I 119 19.54 7.26 34.62
N GLN I 120 19.46 6.05 34.08
CA GLN I 120 20.33 4.92 34.43
C GLN I 120 19.80 4.19 35.65
N THR I 121 18.62 4.60 36.13
CA THR I 121 17.90 3.87 37.17
C THR I 121 17.61 2.47 36.63
N PRO I 122 17.80 1.40 37.43
CA PRO I 122 17.43 0.04 37.01
C PRO I 122 15.92 -0.24 37.06
N ILE I 123 15.38 -0.69 35.93
CA ILE I 123 13.93 -0.82 35.78
C ILE I 123 13.41 -1.89 36.73
N PRO I 124 14.08 -3.05 36.88
CA PRO I 124 13.53 -4.12 37.73
C PRO I 124 13.36 -3.68 39.19
N ALA I 125 14.26 -2.82 39.67
CA ALA I 125 14.17 -2.28 41.02
C ALA I 125 12.90 -1.43 41.14
N VAL I 126 12.62 -0.63 40.12
CA VAL I 126 11.44 0.21 40.15
C VAL I 126 10.22 -0.69 40.29
N ALA I 127 10.20 -1.78 39.52
CA ALA I 127 9.08 -2.71 39.57
C ALA I 127 8.93 -3.28 40.98
N GLU I 128 10.05 -3.55 41.63
CA GLU I 128 10.04 -4.11 42.97
C GLU I 128 9.39 -3.14 43.94
N GLY I 129 9.73 -1.85 43.79
CA GLY I 129 9.13 -0.80 44.60
C GLY I 129 7.62 -0.76 44.44
N VAL I 130 7.12 -0.97 43.23
CA VAL I 130 5.69 -0.97 42.99
C VAL I 130 5.08 -2.20 43.64
N ARG I 131 5.74 -3.35 43.54
CA ARG I 131 5.29 -4.55 44.20
C ARG I 131 5.20 -4.30 45.70
N ALA I 132 6.23 -3.68 46.26
CA ALA I 132 6.25 -3.34 47.67
C ALA I 132 5.02 -2.52 48.02
N MET I 133 4.73 -1.51 47.20
CA MET I 133 3.62 -0.61 47.45
C MET I 133 2.31 -1.40 47.47
N LYS I 134 2.22 -2.39 46.58
CA LYS I 134 1.01 -3.21 46.49
C LYS I 134 0.78 -3.93 47.81
N ASN I 135 1.84 -4.49 48.39
CA ASN I 135 1.72 -5.29 49.60
C ASN I 135 1.21 -4.43 50.75
N VAL I 136 1.75 -3.23 50.88
CA VAL I 136 1.30 -2.32 51.92
C VAL I 136 -0.17 -1.96 51.67
N ALA I 137 -0.47 -1.58 50.43
CA ALA I 137 -1.81 -1.13 50.07
C ALA I 137 -2.84 -2.23 50.33
N THR I 138 -2.48 -3.47 50.00
CA THR I 138 -3.40 -4.59 50.11
C THR I 138 -3.81 -4.76 51.57
N SER I 139 -2.85 -4.58 52.50
CA SER I 139 -3.12 -4.78 53.91
C SER I 139 -4.17 -3.79 54.41
N LEU I 140 -4.12 -2.55 53.92
CA LEU I 140 -5.04 -1.51 54.35
C LEU I 140 -6.44 -1.77 53.76
N LEU I 141 -6.47 -2.29 52.54
CA LEU I 141 -7.72 -2.49 51.84
C LEU I 141 -8.41 -3.75 52.33
N SER I 142 -9.75 -3.77 52.18
CA SER I 142 -10.54 -4.97 52.39
C SER I 142 -10.21 -5.97 51.29
N GLY I 143 -10.40 -7.27 51.57
CA GLY I 143 -9.98 -8.35 50.67
C GLY I 143 -10.52 -8.18 49.25
N ASP I 144 -11.83 -7.90 49.14
CA ASP I 144 -12.44 -7.67 47.84
C ASP I 144 -11.86 -6.42 47.18
N ASP I 145 -11.73 -5.35 47.98
CA ASP I 145 -11.17 -4.09 47.50
C ASP I 145 -9.72 -4.33 47.06
N ALA I 146 -8.98 -5.11 47.84
CA ALA I 146 -7.57 -5.36 47.59
C ALA I 146 -7.37 -6.06 46.26
N ALA I 147 -8.27 -6.99 45.92
CA ALA I 147 -8.15 -7.70 44.65
C ALA I 147 -8.26 -6.72 43.49
N GLU I 148 -9.26 -5.84 43.56
CA GLU I 148 -9.45 -4.83 42.55
C GLU I 148 -8.18 -3.99 42.43
N ALA I 149 -7.69 -3.49 43.56
CA ALA I 149 -6.51 -2.66 43.59
C ALA I 149 -5.29 -3.42 43.07
N GLY I 150 -5.23 -4.73 43.35
CA GLY I 150 -4.12 -5.55 42.93
C GLY I 150 -3.89 -5.50 41.42
N PHE I 151 -4.99 -5.60 40.67
CA PHE I 151 -4.88 -5.66 39.22
C PHE I 151 -4.13 -4.43 38.73
N TYR I 152 -4.50 -3.24 39.25
CA TYR I 152 -3.93 -2.00 38.76
C TYR I 152 -2.45 -1.96 39.10
N PHE I 153 -2.11 -2.42 40.32
CA PHE I 153 -0.73 -2.48 40.73
C PHE I 153 0.05 -3.43 39.83
N ASP I 154 -0.54 -4.59 39.53
CA ASP I 154 0.08 -5.58 38.69
C ASP I 154 0.35 -5.01 37.29
N TYR I 155 -0.61 -4.28 36.72
CA TYR I 155 -0.42 -3.68 35.42
C TYR I 155 0.86 -2.84 35.40
N LEU I 156 1.04 -2.01 36.43
CA LEU I 156 2.22 -1.17 36.50
C LEU I 156 3.46 -2.04 36.48
N VAL I 157 3.45 -3.08 37.30
CA VAL I 157 4.62 -3.93 37.41
C VAL I 157 4.91 -4.58 36.06
N GLY I 158 3.86 -5.03 35.38
CA GLY I 158 3.99 -5.59 34.05
C GLY I 158 4.58 -4.59 33.05
N ALA I 159 4.12 -3.34 33.09
CA ALA I 159 4.60 -2.32 32.15
C ALA I 159 6.09 -2.01 32.36
N MET I 160 6.52 -1.96 33.60
CA MET I 160 7.92 -1.74 33.94
C MET I 160 8.64 -3.08 34.03
N GLN I 161 8.77 -3.74 32.88
CA GLN I 161 9.37 -5.06 32.81
C GLN I 161 9.85 -5.33 31.37
N MET J 1 -10.26 11.23 22.33
CA MET J 1 -11.49 11.81 22.96
C MET J 1 -11.31 11.80 24.47
N GLN J 2 -12.23 12.47 25.17
CA GLN J 2 -12.19 12.56 26.62
C GLN J 2 -13.62 12.40 27.16
N ASP J 3 -13.78 11.73 28.30
CA ASP J 3 -15.08 11.51 28.88
C ASP J 3 -15.13 12.25 30.20
N ALA J 4 -16.29 12.22 30.88
CA ALA J 4 -16.42 12.96 32.12
C ALA J 4 -15.42 12.49 33.18
N ILE J 5 -15.30 11.17 33.35
CA ILE J 5 -14.40 10.64 34.35
C ILE J 5 -12.97 11.06 34.02
N THR J 6 -12.56 10.91 32.78
CA THR J 6 -11.19 11.22 32.41
C THR J 6 -10.94 12.73 32.50
N ALA J 7 -11.98 13.53 32.26
CA ALA J 7 -11.82 14.97 32.29
C ALA J 7 -11.42 15.42 33.70
N VAL J 8 -12.06 14.83 34.73
CA VAL J 8 -11.72 15.14 36.10
C VAL J 8 -10.28 14.71 36.35
N ILE J 9 -9.96 13.46 36.00
CA ILE J 9 -8.63 12.94 36.23
C ILE J 9 -7.60 13.85 35.58
N ASN J 10 -7.84 14.29 34.35
CA ASN J 10 -6.85 15.06 33.64
C ASN J 10 -6.61 16.38 34.36
N ASN J 11 -7.68 16.99 34.86
CA ASN J 11 -7.58 18.29 35.50
C ASN J 11 -6.74 18.16 36.77
N TYR J 12 -6.92 17.07 37.52
CA TYR J 12 -6.14 16.83 38.72
C TYR J 12 -4.69 16.46 38.41
N ASP J 13 -4.46 15.72 37.31
CA ASP J 13 -3.13 15.34 36.93
C ASP J 13 -2.28 16.55 36.54
N VAL J 14 -2.83 17.56 35.86
CA VAL J 14 -2.03 18.72 35.51
C VAL J 14 -1.67 19.48 36.79
N GLN J 15 -2.58 19.49 37.78
CA GLN J 15 -2.28 20.11 39.06
C GLN J 15 -1.26 19.24 39.80
N GLY J 16 -1.28 17.93 39.53
CA GLY J 16 -0.47 16.98 40.27
C GLY J 16 -1.15 16.55 41.58
N LYS J 17 -2.39 17.00 41.78
CA LYS J 17 -3.15 16.73 42.99
C LYS J 17 -3.64 15.29 42.99
N TYR J 18 -3.61 14.65 44.18
CA TYR J 18 -4.34 13.40 44.37
C TYR J 18 -5.83 13.72 44.34
N LEU J 19 -6.65 12.71 44.03
CA LEU J 19 -8.09 12.91 43.91
C LEU J 19 -8.66 13.27 45.28
N ASP J 20 -9.53 14.28 45.30
CA ASP J 20 -10.10 14.75 46.55
C ASP J 20 -11.62 14.65 46.51
N GLY J 21 -12.26 14.91 47.66
CA GLY J 21 -13.69 14.75 47.82
C GLY J 21 -14.49 15.56 46.81
N ALA J 22 -14.07 16.81 46.56
CA ALA J 22 -14.75 17.65 45.59
C ALA J 22 -14.73 16.99 44.20
N ALA J 23 -13.54 16.51 43.82
CA ALA J 23 -13.37 15.76 42.58
C ALA J 23 -14.28 14.54 42.60
N LEU J 24 -14.28 13.82 43.73
CA LEU J 24 -15.07 12.61 43.87
C LEU J 24 -16.55 12.90 43.64
N ASP J 25 -17.01 14.09 44.06
CA ASP J 25 -18.41 14.46 43.92
C ASP J 25 -18.82 14.59 42.46
N LYS J 26 -17.91 15.16 41.64
CA LYS J 26 -18.17 15.30 40.22
C LYS J 26 -18.28 13.91 39.59
N LEU J 27 -17.38 13.01 40.00
CA LEU J 27 -17.36 11.65 39.48
C LEU J 27 -18.66 10.93 39.86
N LYS J 28 -19.09 11.19 41.10
CA LYS J 28 -20.28 10.55 41.64
C LYS J 28 -21.50 11.00 40.83
N ALA J 29 -21.53 12.29 40.48
CA ALA J 29 -22.62 12.84 39.69
C ALA J 29 -22.77 12.09 38.37
N TYR J 30 -21.65 11.82 37.70
CA TYR J 30 -21.71 11.14 36.41
C TYR J 30 -22.30 9.75 36.61
N PHE J 31 -21.89 9.05 37.69
CA PHE J 31 -22.25 7.66 37.88
C PHE J 31 -23.75 7.47 38.05
N THR J 32 -24.43 8.44 38.66
CA THR J 32 -25.89 8.35 38.77
C THR J 32 -26.56 8.51 37.41
N THR J 33 -26.06 9.45 36.61
CA THR J 33 -26.65 9.76 35.30
C THR J 33 -26.48 8.54 34.37
N GLY J 34 -25.39 7.79 34.58
CA GLY J 34 -24.88 6.83 33.62
C GLY J 34 -25.92 5.82 33.17
N ALA J 35 -26.65 5.24 34.12
CA ALA J 35 -27.58 4.16 33.79
C ALA J 35 -28.62 4.64 32.77
N VAL J 36 -29.13 5.86 32.99
CA VAL J 36 -30.12 6.45 32.11
C VAL J 36 -29.55 6.58 30.69
N ARG J 37 -28.32 7.07 30.61
CA ARG J 37 -27.67 7.30 29.34
C ARG J 37 -27.55 6.00 28.55
N VAL J 38 -27.19 4.91 29.22
CA VAL J 38 -27.01 3.65 28.53
C VAL J 38 -28.34 3.24 27.88
N ARG J 39 -29.44 3.38 28.61
CA ARG J 39 -30.73 3.01 28.08
C ARG J 39 -31.08 3.86 26.86
N ALA J 40 -30.79 5.16 26.95
CA ALA J 40 -31.08 6.07 25.84
C ALA J 40 -30.31 5.67 24.58
N ALA J 41 -29.03 5.35 24.77
CA ALA J 41 -28.17 4.99 23.66
C ALA J 41 -28.70 3.76 22.92
N ALA J 42 -29.21 2.77 23.64
CA ALA J 42 -29.72 1.57 23.01
C ALA J 42 -30.97 1.89 22.20
N VAL J 43 -31.81 2.78 22.72
CA VAL J 43 -33.01 3.17 22.01
C VAL J 43 -32.61 3.80 20.67
N ILE J 44 -31.65 4.73 20.72
CA ILE J 44 -31.27 5.45 19.53
C ILE J 44 -30.74 4.48 18.48
N SER J 45 -29.86 3.55 18.90
CA SER J 45 -29.23 2.65 17.96
C SER J 45 -30.25 1.79 17.21
N SER J 46 -31.27 1.31 17.93
CA SER J 46 -32.28 0.44 17.35
C SER J 46 -33.16 1.21 16.37
N ASN J 47 -33.41 2.50 16.63
CA ASN J 47 -34.35 3.25 15.82
C ASN J 47 -33.64 4.20 14.87
N ALA J 48 -32.34 3.97 14.65
CA ALA J 48 -31.51 4.97 14.00
C ALA J 48 -32.00 5.28 12.59
N THR J 49 -32.28 4.23 11.82
CA THR J 49 -32.69 4.41 10.44
C THR J 49 -33.99 5.20 10.39
N THR J 50 -34.95 4.86 11.26
CA THR J 50 -36.23 5.54 11.33
C THR J 50 -36.02 7.02 11.68
N ILE J 51 -35.14 7.29 12.64
CA ILE J 51 -34.91 8.65 13.07
C ILE J 51 -34.48 9.49 11.90
N ILE J 52 -33.61 8.94 11.06
CA ILE J 52 -33.07 9.71 9.95
C ILE J 52 -34.17 9.95 8.91
N LYS J 53 -34.96 8.92 8.65
CA LYS J 53 -36.04 9.02 7.70
C LYS J 53 -37.03 10.11 8.11
N GLU J 54 -37.45 10.09 9.37
CA GLU J 54 -38.40 11.05 9.87
C GLU J 54 -37.83 12.46 9.77
N ALA J 55 -36.58 12.63 10.15
CA ALA J 55 -35.96 13.94 10.15
C ALA J 55 -35.83 14.49 8.73
N ALA J 56 -35.55 13.62 7.77
CA ALA J 56 -35.44 14.04 6.38
C ALA J 56 -36.79 14.49 5.86
N ALA J 57 -37.83 13.71 6.19
CA ALA J 57 -39.19 14.03 5.80
C ALA J 57 -39.61 15.37 6.38
N LYS J 58 -39.26 15.63 7.64
CA LYS J 58 -39.57 16.89 8.29
C LYS J 58 -38.87 18.06 7.61
N ALA J 59 -37.59 17.94 7.23
CA ALA J 59 -36.85 19.12 6.78
C ALA J 59 -36.34 19.04 5.34
N LEU J 60 -35.63 17.97 5.01
CA LEU J 60 -34.88 17.98 3.78
C LEU J 60 -35.75 17.68 2.55
N ILE J 61 -36.54 16.61 2.56
CA ILE J 61 -37.18 16.16 1.33
C ILE J 61 -38.43 17.03 1.08
N TYR J 62 -39.07 16.81 -0.08
CA TYR J 62 -40.26 17.55 -0.51
C TYR J 62 -39.95 19.04 -0.55
N SER J 63 -38.72 19.39 -0.91
CA SER J 63 -38.24 20.75 -0.79
C SER J 63 -37.55 21.14 -2.09
N ASP J 64 -37.00 22.34 -2.13
CA ASP J 64 -36.22 22.79 -3.27
C ASP J 64 -34.89 22.03 -3.35
N LEU J 65 -34.34 21.62 -2.21
CA LEU J 65 -33.09 20.89 -2.17
C LEU J 65 -33.18 19.61 -2.99
N THR J 66 -34.28 18.89 -2.87
CA THR J 66 -34.43 17.66 -3.61
C THR J 66 -34.73 17.97 -5.06
N ARG J 67 -35.36 19.12 -5.35
CA ARG J 67 -35.77 19.41 -6.72
C ARG J 67 -34.53 19.76 -7.52
N PRO J 68 -34.53 19.58 -8.87
CA PRO J 68 -33.32 19.73 -9.69
C PRO J 68 -32.60 21.05 -9.50
N GLY J 69 -31.27 20.98 -9.39
CA GLY J 69 -30.44 22.11 -9.09
C GLY J 69 -30.12 22.24 -7.60
N GLY J 70 -30.92 21.58 -6.75
CA GLY J 70 -30.72 21.65 -5.31
C GLY J 70 -29.52 20.80 -4.91
N MET J 72 -29.20 18.62 -2.68
CA MET J 72 -29.51 17.22 -2.43
C MET J 72 -30.13 16.58 -3.65
N TYR J 73 -30.11 17.25 -4.81
CA TYR J 73 -30.57 16.64 -6.05
C TYR J 73 -29.52 15.70 -6.59
N THR J 74 -29.95 14.63 -7.28
CA THR J 74 -29.13 13.50 -7.74
C THR J 74 -29.03 12.45 -6.64
N THR J 75 -29.02 11.17 -7.02
CA THR J 75 -29.00 10.12 -6.03
C THR J 75 -27.71 10.19 -5.21
N ARG J 76 -26.61 10.47 -5.88
CA ARG J 76 -25.31 10.56 -5.23
C ARG J 76 -25.35 11.55 -4.06
N ARG J 77 -25.84 12.77 -4.31
CA ARG J 77 -25.93 13.76 -3.27
C ARG J 77 -26.98 13.41 -2.21
N TYR J 78 -28.12 12.84 -2.60
CA TYR J 78 -29.10 12.46 -1.61
C TYR J 78 -28.45 11.48 -0.65
N ALA J 79 -27.73 10.49 -1.20
CA ALA J 79 -27.18 9.45 -0.38
C ALA J 79 -26.12 10.01 0.55
N ALA J 80 -25.32 10.97 0.06
CA ALA J 80 -24.32 11.58 0.89
C ALA J 80 -24.92 12.34 2.06
N CYS J 81 -26.04 13.04 1.82
CA CYS J 81 -26.69 13.77 2.88
C CYS J 81 -27.16 12.83 3.97
N ILE J 82 -27.81 11.70 3.62
CA ILE J 82 -28.33 10.85 4.66
C ILE J 82 -27.16 10.14 5.37
N ARG J 83 -26.03 9.97 4.68
CA ARG J 83 -24.83 9.42 5.31
C ARG J 83 -24.31 10.37 6.38
N ASP J 84 -24.26 11.65 6.07
CA ASP J 84 -23.80 12.61 7.06
C ASP J 84 -24.73 12.66 8.25
N MET J 85 -26.04 12.54 8.00
CA MET J 85 -27.01 12.56 9.07
C MET J 85 -26.70 11.44 10.03
N ASP J 86 -26.48 10.25 9.47
CA ASP J 86 -26.15 9.08 10.26
C ASP J 86 -24.91 9.33 11.11
N TYR J 87 -23.86 9.93 10.55
CA TYR J 87 -22.67 10.23 11.33
C TYR J 87 -23.03 11.11 12.51
N PHE J 88 -23.72 12.23 12.29
CA PHE J 88 -24.07 13.10 13.39
C PHE J 88 -24.81 12.32 14.47
N LEU J 89 -25.77 11.48 14.08
CA LEU J 89 -26.52 10.74 15.08
C LEU J 89 -25.61 9.82 15.90
N ARG J 90 -24.72 9.10 15.21
CA ARG J 90 -23.83 8.15 15.87
C ARG J 90 -22.91 8.85 16.85
N TYR J 91 -22.35 10.00 16.46
CA TYR J 91 -21.41 10.69 17.31
C TYR J 91 -22.12 11.33 18.48
N ALA J 92 -23.31 11.88 18.27
CA ALA J 92 -24.07 12.42 19.38
C ALA J 92 -24.33 11.31 20.41
N THR J 93 -24.66 10.11 19.94
CA THR J 93 -24.89 9.02 20.88
C THR J 93 -23.61 8.74 21.68
N TYR J 94 -22.46 8.74 21.00
CA TYR J 94 -21.20 8.51 21.68
C TYR J 94 -20.97 9.58 22.73
N ALA J 95 -21.27 10.83 22.39
CA ALA J 95 -21.04 11.95 23.31
C ALA J 95 -21.94 11.83 24.53
N MET J 96 -23.17 11.39 24.31
CA MET J 96 -24.10 11.28 25.40
C MET J 96 -23.62 10.23 26.39
N LEU J 97 -23.14 9.08 25.91
CA LEU J 97 -22.59 8.08 26.80
C LEU J 97 -21.41 8.70 27.55
N ALA J 98 -20.50 9.33 26.80
CA ALA J 98 -19.27 9.84 27.39
C ALA J 98 -19.57 10.90 28.43
N GLY J 99 -20.64 11.67 28.20
CA GLY J 99 -20.97 12.79 29.07
C GLY J 99 -20.06 13.98 28.82
N ASP J 100 -19.40 13.99 27.65
CA ASP J 100 -18.50 15.09 27.34
C ASP J 100 -18.72 15.52 25.90
N PRO J 101 -18.69 16.84 25.61
CA PRO J 101 -18.78 17.31 24.22
C PRO J 101 -17.47 17.26 23.45
N SER J 102 -16.37 16.92 24.10
CA SER J 102 -15.05 17.06 23.49
C SER J 102 -14.95 16.19 22.23
N ILE J 103 -15.43 14.96 22.32
CA ILE J 103 -15.35 14.02 21.22
C ILE J 103 -16.01 14.61 19.97
N LEU J 104 -17.11 15.36 20.12
CA LEU J 104 -17.74 15.99 18.98
C LEU J 104 -16.80 16.99 18.34
N ASP J 105 -16.03 17.74 19.13
CA ASP J 105 -15.12 18.72 18.58
C ASP J 105 -13.98 18.06 17.83
N GLU J 106 -13.46 16.97 18.41
CA GLU J 106 -12.30 16.30 17.85
C GLU J 106 -12.65 15.58 16.56
N ARG J 107 -13.81 14.92 16.51
CA ARG J 107 -14.11 14.02 15.41
C ARG J 107 -15.13 14.55 14.42
N VAL J 108 -16.15 15.27 14.87
CA VAL J 108 -17.16 15.74 13.95
C VAL J 108 -16.82 17.17 13.55
N LEU J 109 -16.62 18.04 14.54
CA LEU J 109 -16.73 19.47 14.29
C LEU J 109 -15.51 20.02 13.58
N ASN J 110 -14.36 19.37 13.73
CA ASN J 110 -13.10 19.89 13.22
C ASN J 110 -13.00 19.85 11.69
N GLY J 111 -12.93 21.03 11.08
CA GLY J 111 -12.83 21.15 9.64
C GLY J 111 -14.17 21.08 8.91
N LEU J 112 -15.29 20.98 9.62
CA LEU J 112 -16.54 20.66 8.95
C LEU J 112 -17.00 21.86 8.15
N LYS J 113 -16.90 23.05 8.76
CA LYS J 113 -17.40 24.26 8.12
C LYS J 113 -16.67 24.49 6.80
N GLU J 114 -15.35 24.36 6.85
CA GLU J 114 -14.51 24.61 5.69
C GLU J 114 -14.83 23.59 4.59
N THR J 115 -14.99 22.33 4.96
CA THR J 115 -15.31 21.29 4.01
C THR J 115 -16.65 21.61 3.35
N TYR J 116 -17.64 21.95 4.17
CA TYR J 116 -18.95 22.24 3.66
C TYR J 116 -18.90 23.42 2.71
N ASN J 117 -18.11 24.44 3.05
CA ASN J 117 -18.06 25.63 2.21
C ASN J 117 -17.47 25.30 0.85
N SER J 118 -16.42 24.48 0.81
CA SER J 118 -15.85 24.08 -0.47
C SER J 118 -16.83 23.22 -1.25
N LEU J 119 -17.53 22.29 -0.59
CA LEU J 119 -18.48 21.46 -1.27
C LEU J 119 -19.65 22.30 -1.81
N GLY J 120 -20.07 23.32 -1.06
CA GLY J 120 -21.27 24.05 -1.41
C GLY J 120 -22.50 23.51 -0.69
N VAL J 121 -22.28 22.61 0.25
CA VAL J 121 -23.33 22.12 1.11
C VAL J 121 -23.85 23.32 1.89
N PRO J 122 -25.19 23.54 1.97
CA PRO J 122 -25.75 24.61 2.79
C PRO J 122 -25.80 24.27 4.28
N ILE J 123 -25.08 25.06 5.08
CA ILE J 123 -24.93 24.79 6.50
C ILE J 123 -26.28 24.90 7.20
N ALA J 124 -27.05 25.95 6.86
CA ALA J 124 -28.28 26.23 7.57
C ALA J 124 -29.24 25.05 7.48
N ALA J 125 -29.34 24.46 6.28
CA ALA J 125 -30.21 23.33 6.06
C ALA J 125 -29.75 22.12 6.88
N THR J 126 -28.42 21.95 6.97
CA THR J 126 -27.84 20.84 7.70
C THR J 126 -28.20 20.99 9.17
N VAL J 127 -28.01 22.21 9.70
CA VAL J 127 -28.35 22.50 11.06
C VAL J 127 -29.83 22.14 11.29
N GLY J 128 -30.68 22.56 10.36
CA GLY J 128 -32.10 22.26 10.44
C GLY J 128 -32.39 20.76 10.57
N GLY J 129 -31.65 19.96 9.78
CA GLY J 129 -31.75 18.51 9.80
C GLY J 129 -31.29 17.91 11.15
N ILE J 130 -30.26 18.50 11.76
CA ILE J 130 -29.79 18.06 13.06
C ILE J 130 -30.86 18.34 14.10
N GLN J 131 -31.45 19.55 14.04
CA GLN J 131 -32.50 19.93 14.98
C GLN J 131 -33.70 19.01 14.84
N ALA J 132 -34.02 18.65 13.60
CA ALA J 132 -35.12 17.73 13.35
C ALA J 132 -34.84 16.37 14.00
N MET J 133 -33.61 15.88 13.87
CA MET J 133 -33.26 14.59 14.44
C MET J 133 -33.44 14.66 15.95
N LYS J 134 -33.07 15.79 16.55
CA LYS J 134 -33.09 15.93 18.00
C LYS J 134 -34.53 15.74 18.49
N GLU J 135 -35.47 16.42 17.83
CA GLU J 135 -36.87 16.32 18.19
C GLU J 135 -37.34 14.87 18.12
N VAL J 136 -37.01 14.18 17.04
CA VAL J 136 -37.44 12.79 16.86
C VAL J 136 -36.83 11.94 17.97
N VAL J 137 -35.54 12.17 18.25
CA VAL J 137 -34.82 11.41 19.26
C VAL J 137 -35.47 11.63 20.60
N GLY J 138 -35.79 12.90 20.89
CA GLY J 138 -36.38 13.28 22.18
C GLY J 138 -37.61 12.41 22.49
N GLY J 139 -38.48 12.25 21.49
CA GLY J 139 -39.66 11.42 21.65
C GLY J 139 -39.29 9.98 22.01
N LEU J 140 -38.37 9.38 21.25
CA LEU J 140 -38.04 7.98 21.42
C LEU J 140 -37.43 7.73 22.81
N VAL J 141 -36.49 8.59 23.21
CA VAL J 141 -35.67 8.35 24.39
C VAL J 141 -36.53 8.51 25.65
N GLY J 142 -37.50 9.44 25.60
CA GLY J 142 -38.27 9.80 26.77
C GLY J 142 -37.68 11.03 27.45
N PRO J 143 -38.46 11.76 28.30
CA PRO J 143 -38.07 13.09 28.78
C PRO J 143 -36.75 13.23 29.55
N ASP J 144 -36.53 12.35 30.54
CA ASP J 144 -35.32 12.39 31.34
C ASP J 144 -34.09 12.29 30.44
N ALA J 145 -34.12 11.31 29.54
CA ALA J 145 -33.03 11.07 28.62
C ALA J 145 -32.90 12.26 27.65
N ALA J 146 -34.04 12.83 27.25
CA ALA J 146 -34.08 13.84 26.20
C ALA J 146 -33.23 15.06 26.54
N LYS J 147 -33.28 15.48 27.81
CA LYS J 147 -32.52 16.66 28.22
C LYS J 147 -31.04 16.44 27.95
N GLU J 148 -30.55 15.26 28.36
CA GLU J 148 -29.14 14.91 28.17
C GLU J 148 -28.83 14.83 26.68
N ALA J 149 -29.70 14.16 25.93
CA ALA J 149 -29.52 14.00 24.50
C ALA J 149 -29.47 15.36 23.81
N SER J 150 -30.33 16.28 24.24
CA SER J 150 -30.48 17.55 23.54
C SER J 150 -29.19 18.35 23.54
N ILE J 151 -28.43 18.32 24.62
CA ILE J 151 -27.30 19.24 24.74
C ILE J 151 -26.25 18.89 23.67
N TYR J 152 -26.09 17.60 23.38
CA TYR J 152 -25.07 17.18 22.43
C TYR J 152 -25.52 17.55 21.02
N PHE J 153 -26.81 17.36 20.72
CA PHE J 153 -27.32 17.79 19.43
C PHE J 153 -27.15 19.29 19.26
N ASP J 154 -27.41 20.04 20.33
CA ASP J 154 -27.30 21.49 20.27
C ASP J 154 -25.84 21.90 20.06
N TYR J 155 -24.93 21.14 20.65
CA TYR J 155 -23.52 21.42 20.53
C TYR J 155 -23.05 21.28 19.09
N LEU J 156 -23.53 20.23 18.42
CA LEU J 156 -23.22 20.01 17.01
C LEU J 156 -23.76 21.17 16.19
N SER J 157 -25.00 21.55 16.45
CA SER J 157 -25.67 22.56 15.62
C SER J 157 -24.94 23.90 15.74
N SER J 158 -24.56 24.26 16.97
CA SER J 158 -23.87 25.51 17.21
C SER J 158 -22.51 25.52 16.53
N GLY J 159 -21.83 24.36 16.53
CA GLY J 159 -20.52 24.27 15.92
C GLY J 159 -20.59 24.51 14.42
N LEU J 160 -21.62 23.93 13.79
CA LEU J 160 -21.75 23.98 12.35
C LEU J 160 -22.06 25.44 11.96
N SER J 161 -22.95 26.05 12.73
CA SER J 161 -23.26 27.46 12.55
C SER J 161 -22.30 28.30 13.41
N SER K 2 29.74 13.43 -3.61
CA SER K 2 31.04 13.31 -2.88
C SER K 2 31.02 12.03 -2.04
N VAL K 3 32.21 11.61 -1.61
CA VAL K 3 32.31 10.47 -0.71
C VAL K 3 31.59 10.78 0.58
N LEU K 4 31.79 12.01 1.07
CA LEU K 4 31.28 12.40 2.37
C LEU K 4 29.77 12.32 2.31
N THR K 5 29.21 13.01 1.32
CA THR K 5 27.77 13.10 1.20
C THR K 5 27.18 11.70 1.23
N LYS K 6 27.71 10.81 0.39
CA LYS K 6 27.13 9.49 0.25
C LYS K 6 27.12 8.76 1.59
N ALA K 7 28.22 8.83 2.35
CA ALA K 7 28.32 8.12 3.61
C ALA K 7 27.26 8.60 4.62
N ILE K 8 27.16 9.93 4.71
CA ILE K 8 26.26 10.54 5.65
C ILE K 8 24.82 10.16 5.29
N VAL K 9 24.50 10.24 4.01
CA VAL K 9 23.15 9.98 3.56
C VAL K 9 22.72 8.56 3.90
N ASN K 10 23.61 7.58 3.74
CA ASN K 10 23.24 6.20 4.06
C ASN K 10 22.99 6.04 5.55
N ALA K 11 23.83 6.67 6.37
CA ALA K 11 23.68 6.61 7.80
C ALA K 11 22.36 7.24 8.21
N ASP K 12 22.02 8.40 7.64
CA ASP K 12 20.78 9.10 8.02
C ASP K 12 19.59 8.19 7.77
N ALA K 13 19.57 7.50 6.63
CA ALA K 13 18.47 6.64 6.30
C ALA K 13 18.35 5.48 7.28
N GLU K 14 19.48 4.93 7.71
CA GLU K 14 19.51 3.89 8.71
C GLU K 14 19.31 4.46 10.11
N ALA K 15 19.34 5.81 10.24
CA ALA K 15 19.18 6.49 11.51
C ALA K 15 20.26 6.07 12.51
N ARG K 16 21.50 5.97 12.02
CA ARG K 16 22.61 5.52 12.83
C ARG K 16 23.75 6.52 12.70
N TYR K 17 24.65 6.51 13.70
CA TYR K 17 25.89 7.27 13.60
C TYR K 17 26.80 6.53 12.62
N LEU K 18 27.82 7.23 12.14
CA LEU K 18 28.61 6.74 11.02
C LEU K 18 29.46 5.54 11.45
N SER K 19 29.47 4.49 10.62
CA SER K 19 30.11 3.23 10.94
C SER K 19 31.63 3.39 10.96
N PRO K 20 32.38 2.48 11.63
CA PRO K 20 33.84 2.52 11.62
C PRO K 20 34.40 2.44 10.21
N GLY K 21 33.85 1.54 9.41
CA GLY K 21 34.21 1.42 8.02
C GLY K 21 33.95 2.69 7.21
N GLU K 22 32.79 3.33 7.42
CA GLU K 22 32.46 4.58 6.75
C GLU K 22 33.45 5.67 7.14
N LEU K 23 33.78 5.73 8.43
CA LEU K 23 34.76 6.70 8.92
C LEU K 23 36.11 6.47 8.26
N ASP K 24 36.50 5.19 8.11
CA ASP K 24 37.79 4.87 7.53
C ASP K 24 37.86 5.36 6.08
N ARG K 25 36.76 5.18 5.36
CA ARG K 25 36.70 5.59 3.96
C ARG K 25 36.82 7.10 3.84
N ILE K 26 36.28 7.84 4.81
CA ILE K 26 36.42 9.29 4.83
C ILE K 26 37.87 9.67 5.06
N LYS K 27 38.54 8.94 5.95
CA LYS K 27 39.93 9.22 6.24
C LYS K 27 40.76 9.02 4.98
N SER K 28 40.49 7.94 4.24
CA SER K 28 41.26 7.62 3.05
C SER K 28 41.10 8.72 2.03
N PHE K 29 39.86 9.19 1.86
CA PHE K 29 39.55 10.22 0.88
C PHE K 29 40.26 11.52 1.18
N VAL K 30 40.34 11.92 2.46
CA VAL K 30 40.97 13.18 2.80
C VAL K 30 42.46 13.09 2.56
N ALA K 31 43.04 11.90 2.78
CA ALA K 31 44.45 11.69 2.50
C ALA K 31 44.71 11.80 0.99
N SER K 32 43.82 11.22 0.20
CA SER K 32 44.00 11.18 -1.25
C SER K 32 43.75 12.55 -1.87
N GLY K 33 43.14 13.46 -1.11
CA GLY K 33 42.57 14.69 -1.66
C GLY K 33 43.61 15.54 -2.39
N GLU K 34 44.79 15.67 -1.78
CA GLU K 34 45.83 16.51 -2.33
C GLU K 34 46.24 16.03 -3.72
N ARG K 35 46.46 14.72 -3.85
CA ARG K 35 46.73 14.10 -5.13
C ARG K 35 45.61 14.40 -6.13
N ARG K 36 44.36 14.24 -5.68
CA ARG K 36 43.21 14.42 -6.56
C ARG K 36 43.21 15.84 -7.10
N LEU K 37 43.52 16.83 -6.24
CA LEU K 37 43.47 18.21 -6.65
C LEU K 37 44.48 18.46 -7.76
N ARG K 38 45.65 17.83 -7.65
CA ARG K 38 46.71 17.99 -8.63
C ARG K 38 46.26 17.41 -9.98
N ILE K 39 45.66 16.23 -9.97
CA ILE K 39 45.16 15.60 -11.19
C ILE K 39 44.16 16.52 -11.88
N ALA K 40 43.26 17.11 -11.10
CA ALA K 40 42.22 17.97 -11.65
C ALA K 40 42.84 19.21 -12.29
N GLN K 41 43.87 19.74 -11.64
CA GLN K 41 44.53 20.96 -12.11
C GLN K 41 45.17 20.71 -13.46
N THR K 42 45.85 19.57 -13.60
CA THR K 42 46.50 19.19 -14.84
C THR K 42 45.50 19.21 -15.98
N LEU K 43 44.35 18.54 -15.79
CA LEU K 43 43.36 18.44 -16.83
C LEU K 43 42.77 19.80 -17.17
N THR K 44 42.59 20.65 -16.15
CA THR K 44 42.03 21.97 -16.37
C THR K 44 42.96 22.80 -17.27
N GLU K 45 44.26 22.71 -17.01
CA GLU K 45 45.24 23.47 -17.76
C GLU K 45 45.24 23.04 -19.23
N ALA K 46 45.15 21.73 -19.45
CA ALA K 46 45.28 21.16 -20.78
C ALA K 46 43.95 21.03 -21.49
N ARG K 47 42.93 21.71 -20.97
CA ARG K 47 41.57 21.47 -21.40
C ARG K 47 41.40 21.77 -22.88
N GLU K 48 41.89 22.93 -23.31
CA GLU K 48 41.71 23.37 -24.68
C GLU K 48 42.31 22.34 -25.65
N ARG K 49 43.49 21.85 -25.29
CA ARG K 49 44.17 20.84 -26.08
C ARG K 49 43.38 19.54 -26.07
N ILE K 50 42.90 19.10 -24.90
CA ILE K 50 42.20 17.83 -24.79
C ILE K 50 40.96 17.84 -25.69
N VAL K 51 40.18 18.92 -25.61
CA VAL K 51 38.96 19.02 -26.37
C VAL K 51 39.29 18.95 -27.85
N LYS K 52 40.28 19.73 -28.29
CA LYS K 52 40.62 19.80 -29.70
C LYS K 52 41.07 18.44 -30.22
N GLN K 53 42.01 17.80 -29.52
CA GLN K 53 42.52 16.51 -29.96
C GLN K 53 41.40 15.48 -30.00
N ALA K 54 40.55 15.48 -28.97
CA ALA K 54 39.46 14.52 -28.89
C ALA K 54 38.47 14.71 -30.04
N GLY K 55 38.17 15.98 -30.31
CA GLY K 55 37.28 16.35 -31.39
C GLY K 55 37.78 15.76 -32.71
N ASP K 56 39.08 15.95 -32.98
CA ASP K 56 39.67 15.51 -34.23
C ASP K 56 39.48 14.01 -34.36
N GLN K 57 39.82 13.27 -33.30
CA GLN K 57 39.72 11.83 -33.33
C GLN K 57 38.27 11.42 -33.63
N LEU K 58 37.34 12.08 -32.94
CA LEU K 58 35.92 11.74 -33.09
C LEU K 58 35.48 11.94 -34.54
N PHE K 59 35.86 13.09 -35.12
CA PHE K 59 35.42 13.41 -36.48
C PHE K 59 36.06 12.44 -37.47
N GLN K 60 37.30 12.04 -37.20
CA GLN K 60 37.97 11.07 -38.07
C GLN K 60 37.23 9.74 -37.97
N LYS K 61 36.93 9.29 -36.75
CA LYS K 61 36.26 7.99 -36.55
C LYS K 61 34.87 8.01 -37.20
N ARG K 62 34.15 9.12 -37.05
CA ARG K 62 32.78 9.21 -37.59
C ARG K 62 32.69 10.39 -38.57
N PRO K 63 32.86 10.17 -39.88
CA PRO K 63 32.68 11.25 -40.85
C PRO K 63 31.28 11.86 -40.74
N ASP K 64 30.29 10.99 -40.50
CA ASP K 64 28.88 11.34 -40.68
C ASP K 64 28.50 12.55 -39.84
N VAL K 65 28.91 12.59 -38.56
CA VAL K 65 28.45 13.66 -37.70
C VAL K 65 28.80 15.01 -38.32
N VAL K 66 30.01 15.12 -38.90
CA VAL K 66 30.45 16.33 -39.58
C VAL K 66 30.17 16.18 -41.08
N SER K 67 28.90 16.00 -41.44
CA SER K 67 28.47 15.85 -42.81
C SER K 67 27.07 16.43 -42.95
N PRO K 68 26.57 16.74 -44.18
CA PRO K 68 25.30 17.44 -44.32
C PRO K 68 24.13 16.78 -43.59
N GLY K 69 24.10 15.45 -43.66
CA GLY K 69 23.11 14.68 -42.91
C GLY K 69 23.29 14.85 -41.40
N GLY K 70 24.55 14.84 -40.94
CA GLY K 70 24.88 14.78 -39.53
C GLY K 70 24.44 16.02 -38.76
N ASN K 71 24.32 15.85 -37.44
CA ASN K 71 23.87 16.90 -36.54
C ASN K 71 24.94 17.98 -36.40
N ALA K 72 26.20 17.54 -36.39
CA ALA K 72 27.31 18.44 -36.15
C ALA K 72 27.57 19.37 -37.34
N TYR K 73 26.97 19.09 -38.50
CA TYR K 73 27.27 19.81 -39.73
C TYR K 73 26.98 21.31 -39.61
N GLY K 74 27.90 22.13 -40.16
CA GLY K 74 27.84 23.57 -40.02
C GLY K 74 28.74 24.04 -38.88
N GLU K 75 29.22 25.29 -38.94
CA GLU K 75 30.18 25.76 -37.96
C GLU K 75 29.53 25.84 -36.57
N LYS K 76 28.36 26.49 -36.50
CA LYS K 76 27.66 26.63 -35.23
C LYS K 76 27.50 25.25 -34.59
N MET K 77 26.98 24.30 -35.38
CA MET K 77 26.73 22.98 -34.85
C MET K 77 28.04 22.33 -34.39
N THR K 78 29.10 22.51 -35.16
CA THR K 78 30.37 21.90 -34.80
C THR K 78 30.86 22.50 -33.49
N ALA K 79 30.67 23.80 -33.33
CA ALA K 79 31.08 24.45 -32.09
C ALA K 79 30.32 23.85 -30.91
N LEU K 80 29.01 23.68 -31.07
CA LEU K 80 28.18 23.13 -30.01
C LEU K 80 28.68 21.75 -29.64
N CYS K 81 29.07 20.92 -30.62
CA CYS K 81 29.58 19.59 -30.31
C CYS K 81 30.85 19.69 -29.48
N LEU K 82 31.70 20.67 -29.79
CA LEU K 82 32.89 20.88 -28.98
C LEU K 82 32.52 21.39 -27.60
N ARG K 83 31.53 22.29 -27.53
CA ARG K 83 31.09 22.83 -26.26
C ARG K 83 30.64 21.69 -25.35
N ASP K 84 29.91 20.74 -25.92
CA ASP K 84 29.45 19.59 -25.17
C ASP K 84 30.65 18.83 -24.59
N LEU K 85 31.67 18.62 -25.40
CA LEU K 85 32.83 17.88 -24.94
C LEU K 85 33.48 18.63 -23.79
N ASP K 86 33.53 19.95 -23.88
CA ASP K 86 34.13 20.73 -22.82
C ASP K 86 33.34 20.58 -21.52
N TYR K 87 32.00 20.61 -21.61
CA TYR K 87 31.13 20.41 -20.47
C TYR K 87 31.42 19.08 -19.78
N TYR K 88 31.54 18.02 -20.57
CA TYR K 88 31.79 16.72 -19.99
C TYR K 88 33.16 16.68 -19.33
N LEU K 89 34.15 17.38 -19.90
CA LEU K 89 35.45 17.38 -19.25
C LEU K 89 35.36 18.10 -17.91
N ARG K 90 34.65 19.21 -17.86
CA ARG K 90 34.50 19.95 -16.62
C ARG K 90 33.88 19.07 -15.55
N LEU K 91 32.81 18.35 -15.92
CA LEU K 91 32.15 17.40 -15.03
C LEU K 91 33.16 16.40 -14.49
N VAL K 92 33.98 15.82 -15.35
CA VAL K 92 34.92 14.82 -14.90
C VAL K 92 35.85 15.42 -13.85
N THR K 93 36.29 16.65 -14.02
CA THR K 93 37.23 17.22 -13.06
C THR K 93 36.54 17.36 -11.71
N TYR K 94 35.29 17.82 -11.71
CA TYR K 94 34.53 17.93 -10.48
C TYR K 94 34.41 16.57 -9.81
N GLY K 95 34.16 15.53 -10.61
CA GLY K 95 34.09 14.17 -10.10
C GLY K 95 35.38 13.74 -9.39
N ILE K 96 36.52 14.06 -9.97
CA ILE K 96 37.79 13.61 -9.42
C ILE K 96 37.99 14.23 -8.04
N VAL K 97 37.69 15.51 -7.88
CA VAL K 97 37.90 16.14 -6.59
C VAL K 97 36.88 15.63 -5.57
N ALA K 98 35.66 15.35 -6.02
CA ALA K 98 34.63 14.83 -5.13
C ALA K 98 34.93 13.39 -4.71
N GLY K 99 35.58 12.63 -5.58
CA GLY K 99 35.89 11.24 -5.28
C GLY K 99 34.71 10.35 -5.62
N ASP K 100 33.70 10.92 -6.28
CA ASP K 100 32.50 10.16 -6.60
C ASP K 100 31.92 10.70 -7.89
N VAL K 101 31.02 9.95 -8.53
CA VAL K 101 30.40 10.41 -9.76
C VAL K 101 29.10 11.16 -9.49
N THR K 102 28.72 11.23 -8.22
CA THR K 102 27.49 11.89 -7.85
C THR K 102 27.40 13.26 -8.52
N PRO K 103 28.40 14.15 -8.43
CA PRO K 103 28.37 15.43 -9.14
C PRO K 103 28.16 15.27 -10.62
N ILE K 104 28.94 14.38 -11.23
CA ILE K 104 28.84 14.11 -12.65
C ILE K 104 27.43 13.67 -13.00
N GLU K 105 26.88 12.76 -12.21
CA GLU K 105 25.67 12.02 -12.55
C GLU K 105 24.45 12.94 -12.58
N GLU K 106 24.31 13.79 -11.54
CA GLU K 106 23.17 14.68 -11.48
C GLU K 106 23.22 15.73 -12.59
N ILE K 107 24.41 16.24 -12.92
CA ILE K 107 24.50 17.31 -13.90
C ILE K 107 24.43 16.77 -15.34
N GLY K 108 24.96 15.59 -15.58
CA GLY K 108 25.18 15.16 -16.96
C GLY K 108 24.60 13.81 -17.34
N ILE K 109 24.44 12.84 -16.45
CA ILE K 109 24.05 11.50 -16.94
C ILE K 109 22.54 11.27 -16.80
N ILE K 110 21.85 11.91 -15.84
CA ILE K 110 20.42 11.62 -15.70
C ILE K 110 19.67 12.49 -16.71
N GLY K 111 18.89 11.84 -17.56
CA GLY K 111 18.12 12.54 -18.56
C GLY K 111 18.91 12.79 -19.85
N VAL K 112 20.14 12.28 -19.92
CA VAL K 112 20.99 12.58 -21.06
C VAL K 112 20.40 12.00 -22.33
N LYS K 113 19.89 10.76 -22.24
CA LYS K 113 19.31 10.07 -23.38
C LYS K 113 18.19 10.93 -23.92
N GLU K 114 17.29 11.36 -23.04
CA GLU K 114 16.11 12.09 -23.43
C GLU K 114 16.47 13.41 -24.08
N MET K 115 17.47 14.12 -23.53
CA MET K 115 17.90 15.38 -24.09
C MET K 115 18.44 15.16 -25.49
N TYR K 116 19.35 14.20 -25.63
CA TYR K 116 19.98 13.98 -26.91
C TYR K 116 18.97 13.49 -27.92
N ASN K 117 18.02 12.67 -27.50
CA ASN K 117 17.02 12.17 -28.43
C ASN K 117 16.18 13.30 -29.00
N SER K 118 15.82 14.29 -28.19
CA SER K 118 15.10 15.42 -28.74
C SER K 118 15.99 16.13 -29.76
N LEU K 119 17.26 16.40 -29.40
CA LEU K 119 18.17 17.09 -30.27
C LEU K 119 18.43 16.26 -31.53
N GLN K 120 18.35 14.93 -31.40
CA GLN K 120 18.58 13.97 -32.47
C GLN K 120 20.07 13.68 -32.63
N THR K 121 20.90 14.24 -31.74
CA THR K 121 22.31 13.88 -31.67
C THR K 121 22.43 12.38 -31.40
N PRO K 122 23.31 11.63 -32.09
CA PRO K 122 23.56 10.22 -31.74
C PRO K 122 24.41 10.00 -30.49
N ILE K 123 23.87 9.23 -29.54
CA ILE K 123 24.48 9.07 -28.23
C ILE K 123 25.80 8.32 -28.39
N PRO K 124 25.88 7.25 -29.19
CA PRO K 124 27.13 6.49 -29.32
C PRO K 124 28.33 7.33 -29.78
N ALA K 125 28.07 8.33 -30.64
CA ALA K 125 29.10 9.23 -31.09
C ALA K 125 29.62 10.05 -29.90
N VAL K 126 28.69 10.51 -29.06
CA VAL K 126 29.04 11.32 -27.91
C VAL K 126 29.98 10.48 -27.03
N ALA K 127 29.62 9.22 -26.83
CA ALA K 127 30.41 8.33 -26.01
C ALA K 127 31.82 8.21 -26.57
N GLU K 128 31.92 8.16 -27.90
CA GLU K 128 33.21 8.02 -28.58
C GLU K 128 34.07 9.24 -28.25
N GLY K 129 33.46 10.42 -28.32
CA GLY K 129 34.14 11.66 -27.99
C GLY K 129 34.72 11.65 -26.57
N VAL K 130 33.97 11.08 -25.62
CA VAL K 130 34.45 11.00 -24.25
C VAL K 130 35.61 10.01 -24.18
N ARG K 131 35.50 8.89 -24.90
CA ARG K 131 36.58 7.91 -24.95
C ARG K 131 37.83 8.60 -25.49
N ALA K 132 37.65 9.37 -26.57
CA ALA K 132 38.74 10.10 -27.17
C ALA K 132 39.40 11.00 -26.14
N MET K 133 38.58 11.72 -25.37
CA MET K 133 39.08 12.66 -24.39
C MET K 133 39.90 11.92 -23.34
N LYS K 134 39.49 10.70 -22.99
CA LYS K 134 40.20 9.90 -22.00
C LYS K 134 41.62 9.62 -22.48
N ASN K 135 41.74 9.26 -23.77
CA ASN K 135 43.04 8.86 -24.31
C ASN K 135 44.01 10.03 -24.24
N VAL K 136 43.53 11.21 -24.63
CA VAL K 136 44.35 12.40 -24.57
C VAL K 136 44.72 12.68 -23.12
N ALA K 137 43.73 12.67 -22.22
CA ALA K 137 43.93 13.00 -20.82
C ALA K 137 44.94 12.06 -20.18
N THR K 138 44.86 10.77 -20.53
CA THR K 138 45.72 9.77 -19.93
C THR K 138 47.18 10.10 -20.22
N SER K 139 47.45 10.55 -21.45
CA SER K 139 48.82 10.83 -21.88
C SER K 139 49.43 11.96 -21.04
N LEU K 140 48.62 12.96 -20.68
CA LEU K 140 49.10 14.10 -19.91
C LEU K 140 49.36 13.69 -18.46
N LEU K 141 48.53 12.78 -17.95
CA LEU K 141 48.61 12.38 -16.56
C LEU K 141 49.71 11.34 -16.38
N SER K 142 50.24 11.26 -15.16
CA SER K 142 51.12 10.18 -14.73
C SER K 142 50.33 8.87 -14.69
N GLY K 143 51.02 7.74 -14.84
CA GLY K 143 50.37 6.43 -14.97
C GLY K 143 49.40 6.13 -13.83
N ASP K 144 49.85 6.36 -12.59
CA ASP K 144 49.00 6.17 -11.41
C ASP K 144 47.83 7.15 -11.44
N ASP K 145 48.12 8.41 -11.75
CA ASP K 145 47.10 9.44 -11.85
C ASP K 145 46.10 9.09 -12.95
N ALA K 146 46.62 8.58 -14.07
CA ALA K 146 45.81 8.29 -15.24
C ALA K 146 44.79 7.20 -14.90
N ALA K 147 45.20 6.21 -14.09
CA ALA K 147 44.30 5.13 -13.73
C ALA K 147 43.09 5.70 -12.96
N GLU K 148 43.39 6.56 -11.97
CA GLU K 148 42.34 7.20 -11.19
C GLU K 148 41.41 7.95 -12.16
N ALA K 149 41.99 8.78 -13.02
CA ALA K 149 41.22 9.59 -13.95
C ALA K 149 40.42 8.71 -14.90
N GLY K 150 40.99 7.58 -15.28
CA GLY K 150 40.34 6.68 -16.22
C GLY K 150 38.98 6.22 -15.71
N PHE K 151 38.90 5.88 -14.43
CA PHE K 151 37.66 5.35 -13.88
C PHE K 151 36.53 6.35 -14.15
N TYR K 152 36.79 7.64 -13.86
CA TYR K 152 35.74 8.64 -13.98
C TYR K 152 35.34 8.78 -15.44
N PHE K 153 36.33 8.76 -16.33
CA PHE K 153 36.06 8.82 -17.76
C PHE K 153 35.24 7.63 -18.20
N ASP K 154 35.61 6.43 -17.70
CA ASP K 154 34.91 5.22 -18.05
C ASP K 154 33.45 5.28 -17.64
N TYR K 155 33.19 5.78 -16.41
CA TYR K 155 31.84 5.89 -15.93
C TYR K 155 31.00 6.68 -16.93
N LEU K 156 31.52 7.83 -17.39
CA LEU K 156 30.79 8.65 -18.33
C LEU K 156 30.46 7.83 -19.57
N VAL K 157 31.45 7.13 -20.09
CA VAL K 157 31.26 6.42 -21.33
C VAL K 157 30.18 5.35 -21.13
N GLY K 158 30.24 4.66 -19.99
CA GLY K 158 29.24 3.67 -19.66
C GLY K 158 27.83 4.26 -19.58
N ALA K 159 27.71 5.43 -18.93
CA ALA K 159 26.42 6.04 -18.69
C ALA K 159 25.78 6.48 -20.00
N MET K 160 26.59 7.00 -20.93
CA MET K 160 26.13 7.47 -22.22
C MET K 160 26.12 6.30 -23.20
N GLN K 161 25.18 5.39 -22.96
CA GLN K 161 25.03 4.18 -23.75
C GLN K 161 23.60 3.64 -23.56
N MET L 1 21.60 16.80 0.99
CA MET L 1 22.58 17.72 1.63
C MET L 1 23.64 18.12 0.61
N GLN L 2 24.47 19.09 0.99
CA GLN L 2 25.68 19.40 0.24
C GLN L 2 26.84 19.50 1.21
N ASP L 3 27.97 18.88 0.86
CA ASP L 3 29.13 18.90 1.73
C ASP L 3 29.97 20.11 1.34
N ALA L 4 31.07 20.30 2.07
CA ALA L 4 31.98 21.39 1.76
C ALA L 4 32.51 21.27 0.33
N ILE L 5 32.95 20.07 -0.05
CA ILE L 5 33.51 19.88 -1.36
C ILE L 5 32.49 20.22 -2.43
N THR L 6 31.27 19.71 -2.29
CA THR L 6 30.25 19.95 -3.30
C THR L 6 29.83 21.42 -3.29
N ALA L 7 29.91 22.08 -2.15
CA ALA L 7 29.53 23.48 -2.11
C ALA L 7 30.44 24.34 -3.00
N VAL L 8 31.74 24.05 -2.97
CA VAL L 8 32.69 24.72 -3.83
C VAL L 8 32.36 24.40 -5.29
N ILE L 9 32.20 23.12 -5.58
CA ILE L 9 31.87 22.70 -6.93
C ILE L 9 30.63 23.41 -7.43
N ASN L 10 29.59 23.52 -6.60
CA ASN L 10 28.34 24.12 -7.03
C ASN L 10 28.56 25.56 -7.44
N ASN L 11 29.37 26.28 -6.65
CA ASN L 11 29.58 27.68 -6.92
C ASN L 11 30.23 27.87 -8.29
N TYR L 12 31.20 27.02 -8.62
CA TYR L 12 31.87 27.09 -9.91
C TYR L 12 30.99 26.61 -11.06
N ASP L 13 30.17 25.60 -10.81
CA ASP L 13 29.31 25.07 -11.86
C ASP L 13 28.25 26.09 -12.29
N VAL L 14 27.69 26.90 -11.38
CA VAL L 14 26.69 27.87 -11.81
C VAL L 14 27.39 28.94 -12.65
N GLN L 15 28.64 29.27 -12.32
CA GLN L 15 29.40 30.21 -13.13
C GLN L 15 29.78 29.54 -14.45
N GLY L 16 29.91 28.22 -14.44
CA GLY L 16 30.39 27.50 -15.61
C GLY L 16 31.92 27.44 -15.65
N LYS L 17 32.56 27.96 -14.61
CA LYS L 17 34.02 28.02 -14.52
C LYS L 17 34.58 26.64 -14.19
N TYR L 18 35.70 26.27 -14.79
CA TYR L 18 36.47 25.11 -14.36
C TYR L 18 37.09 25.47 -13.01
N LEU L 19 37.45 24.45 -12.23
CA LEU L 19 37.98 24.67 -10.89
C LEU L 19 39.34 25.36 -10.97
N ASP L 20 39.53 26.35 -10.10
CA ASP L 20 40.71 27.21 -10.16
C ASP L 20 41.47 27.11 -8.84
N GLY L 21 42.68 27.69 -8.83
CA GLY L 21 43.59 27.55 -7.70
C GLY L 21 42.97 28.05 -6.39
N ALA L 22 42.28 29.19 -6.45
CA ALA L 22 41.62 29.75 -5.27
C ALA L 22 40.59 28.75 -4.73
N ALA L 23 39.78 28.19 -5.63
CA ALA L 23 38.83 27.14 -5.27
C ALA L 23 39.59 25.96 -4.67
N LEU L 24 40.70 25.57 -5.31
CA LEU L 24 41.49 24.43 -4.86
C LEU L 24 41.99 24.67 -3.44
N ASP L 25 42.29 25.91 -3.10
CA ASP L 25 42.81 26.23 -1.77
C ASP L 25 41.76 26.00 -0.69
N LYS L 26 40.51 26.32 -0.99
CA LYS L 26 39.42 26.06 -0.05
C LYS L 26 39.27 24.56 0.15
N LEU L 27 39.36 23.80 -0.94
CA LEU L 27 39.24 22.36 -0.86
C LEU L 27 40.40 21.79 -0.03
N LYS L 28 41.59 22.37 -0.21
CA LYS L 28 42.77 21.92 0.49
C LYS L 28 42.59 22.15 1.99
N ALA L 29 42.01 23.29 2.33
CA ALA L 29 41.77 23.64 3.72
C ALA L 29 40.90 22.58 4.41
N TYR L 30 39.85 22.14 3.71
CA TYR L 30 38.95 21.14 4.26
C TYR L 30 39.72 19.84 4.52
N PHE L 31 40.59 19.46 3.58
CA PHE L 31 41.24 18.15 3.63
C PHE L 31 42.16 18.05 4.85
N THR L 32 42.77 19.15 5.30
CA THR L 32 43.57 19.11 6.52
C THR L 32 42.69 18.92 7.76
N THR L 33 41.54 19.59 7.78
CA THR L 33 40.63 19.54 8.92
C THR L 33 40.05 18.12 9.06
N GLY L 34 39.91 17.43 7.92
CA GLY L 34 39.12 16.21 7.82
C GLY L 34 39.47 15.15 8.87
N ALA L 35 40.76 14.88 9.05
CA ALA L 35 41.18 13.81 9.95
C ALA L 35 40.67 14.07 11.36
N VAL L 36 40.77 15.33 11.81
CA VAL L 36 40.32 15.73 13.13
C VAL L 36 38.84 15.43 13.26
N ARG L 37 38.06 15.79 12.24
CA ARG L 37 36.62 15.64 12.28
C ARG L 37 36.26 14.17 12.47
N VAL L 38 36.93 13.27 11.75
CA VAL L 38 36.59 11.86 11.85
C VAL L 38 36.81 11.38 13.29
N ARG L 39 37.93 11.79 13.91
CA ARG L 39 38.21 11.38 15.28
C ARG L 39 37.12 11.87 16.21
N ALA L 40 36.70 13.13 16.02
CA ALA L 40 35.69 13.72 16.86
C ALA L 40 34.37 12.96 16.75
N ALA L 41 33.99 12.62 15.52
CA ALA L 41 32.74 11.93 15.28
C ALA L 41 32.68 10.60 16.03
N ALA L 42 33.79 9.85 16.05
CA ALA L 42 33.79 8.57 16.73
C ALA L 42 33.66 8.75 18.24
N VAL L 43 34.29 9.81 18.77
CA VAL L 43 34.18 10.11 20.19
C VAL L 43 32.72 10.37 20.53
N ILE L 44 32.06 11.20 19.73
CA ILE L 44 30.70 11.59 20.03
C ILE L 44 29.80 10.37 19.99
N SER L 45 29.95 9.51 18.99
CA SER L 45 29.07 8.36 18.84
C SER L 45 29.15 7.42 20.05
N SER L 46 30.37 7.20 20.55
CA SER L 46 30.58 6.30 21.68
C SER L 46 30.00 6.89 22.97
N ASN L 47 30.04 8.23 23.11
CA ASN L 47 29.63 8.86 24.35
C ASN L 47 28.26 9.51 24.21
N ALA L 48 27.50 9.13 23.20
CA ALA L 48 26.29 9.87 22.85
C ALA L 48 25.29 9.90 23.99
N THR L 49 25.03 8.73 24.57
CA THR L 49 24.06 8.62 25.64
C THR L 49 24.50 9.47 26.83
N THR L 50 25.79 9.40 27.18
CA THR L 50 26.32 10.15 28.29
C THR L 50 26.17 11.65 28.03
N ILE L 51 26.46 12.08 26.81
CA ILE L 51 26.40 13.49 26.50
C ILE L 51 24.99 14.00 26.75
N ILE L 52 24.00 13.22 26.36
CA ILE L 52 22.62 13.65 26.49
C ILE L 52 22.23 13.70 27.96
N LYS L 53 22.64 12.69 28.71
CA LYS L 53 22.38 12.62 30.14
C LYS L 53 22.95 13.85 30.84
N GLU L 54 24.22 14.17 30.59
CA GLU L 54 24.87 15.28 31.25
C GLU L 54 24.16 16.59 30.88
N ALA L 55 23.81 16.75 29.62
CA ALA L 55 23.18 17.97 29.17
C ALA L 55 21.79 18.14 29.79
N ALA L 56 21.07 17.04 29.97
CA ALA L 56 19.74 17.07 30.56
C ALA L 56 19.87 17.45 32.04
N ALA L 57 20.85 16.87 32.72
CA ALA L 57 21.14 17.18 34.11
C ALA L 57 21.45 18.66 34.27
N LYS L 58 22.23 19.21 33.36
CA LYS L 58 22.58 20.63 33.40
C LYS L 58 21.35 21.51 33.20
N ALA L 59 20.45 21.19 32.27
CA ALA L 59 19.37 22.13 31.95
C ALA L 59 17.96 21.59 32.20
N LEU L 60 17.63 20.43 31.67
CA LEU L 60 16.24 20.03 31.61
C LEU L 60 15.73 19.46 32.93
N ILE L 61 16.42 18.51 33.57
CA ILE L 61 15.85 17.81 34.71
C ILE L 61 15.97 18.69 35.96
N TYR L 62 15.36 18.24 37.07
CA TYR L 62 15.33 18.95 38.34
C TYR L 62 14.77 20.36 38.16
N SER L 63 13.80 20.49 37.27
CA SER L 63 13.32 21.80 36.85
C SER L 63 11.80 21.80 36.92
N ASP L 64 11.19 22.94 36.62
CA ASP L 64 9.74 23.02 36.53
C ASP L 64 9.21 22.24 35.34
N LEU L 65 10.00 22.18 34.25
CA LEU L 65 9.58 21.47 33.06
C LEU L 65 9.27 20.01 33.35
N THR L 66 10.12 19.38 34.15
CA THR L 66 9.90 17.98 34.48
C THR L 66 8.75 17.86 35.46
N ARG L 67 8.54 18.88 36.31
CA ARG L 67 7.54 18.78 37.36
C ARG L 67 6.16 18.91 36.73
N PRO L 68 5.08 18.44 37.38
CA PRO L 68 3.73 18.46 36.79
C PRO L 68 3.30 19.83 36.33
N GLY L 69 2.68 19.87 35.15
CA GLY L 69 2.33 21.12 34.49
C GLY L 69 3.41 21.61 33.51
N GLY L 70 4.53 20.89 33.44
CA GLY L 70 5.63 21.28 32.57
C GLY L 70 5.58 20.50 31.27
N MET L 72 7.88 18.83 29.79
CA MET L 72 8.50 17.53 29.82
C MET L 72 7.97 16.69 30.98
N TYR L 73 6.80 17.04 31.49
CA TYR L 73 6.10 16.18 32.44
C TYR L 73 5.38 15.05 31.70
N THR L 74 5.27 13.88 32.36
CA THR L 74 4.78 12.62 31.82
C THR L 74 5.90 11.86 31.15
N THR L 75 5.88 10.53 31.22
CA THR L 75 6.96 9.75 30.63
C THR L 75 7.00 9.96 29.11
N ARG L 76 5.83 10.03 28.49
CA ARG L 76 5.75 10.18 27.06
C ARG L 76 6.49 11.44 26.58
N ARG L 77 6.22 12.58 27.23
CA ARG L 77 6.90 13.80 26.88
C ARG L 77 8.37 13.80 27.28
N TYR L 78 8.73 13.21 28.41
CA TYR L 78 10.12 13.15 28.76
C TYR L 78 10.87 12.40 27.67
N ALA L 79 10.30 11.28 27.23
CA ALA L 79 10.99 10.46 26.27
C ALA L 79 11.11 11.19 24.94
N ALA L 80 10.08 11.93 24.56
CA ALA L 80 10.15 12.73 23.33
C ALA L 80 11.26 13.77 23.37
N CYS L 81 11.42 14.42 24.49
CA CYS L 81 12.46 15.42 24.62
C CYS L 81 13.85 14.77 24.50
N ILE L 82 14.10 13.63 25.14
CA ILE L 82 15.43 13.06 25.02
C ILE L 82 15.65 12.53 23.61
N ARG L 83 14.58 12.16 22.91
CA ARG L 83 14.68 11.75 21.51
C ARG L 83 15.11 12.93 20.65
N ASP L 84 14.53 14.09 20.87
CA ASP L 84 14.93 15.27 20.14
C ASP L 84 16.39 15.61 20.38
N MET L 85 16.82 15.48 21.62
CA MET L 85 18.19 15.80 21.94
C MET L 85 19.12 14.91 21.14
N ASP L 86 18.81 13.61 21.11
CA ASP L 86 19.59 12.67 20.34
C ASP L 86 19.64 13.06 18.86
N TYR L 87 18.52 13.46 18.29
CA TYR L 87 18.52 13.87 16.90
C TYR L 87 19.47 15.05 16.69
N PHE L 88 19.37 16.09 17.50
CA PHE L 88 20.25 17.23 17.36
C PHE L 88 21.70 16.79 17.41
N LEU L 89 22.04 15.92 18.35
CA LEU L 89 23.42 15.49 18.47
C LEU L 89 23.85 14.77 17.19
N ARG L 90 23.03 13.87 16.67
CA ARG L 90 23.37 13.07 15.51
C ARG L 90 23.58 13.95 14.30
N TYR L 91 22.70 14.93 14.10
CA TYR L 91 22.78 15.77 12.92
C TYR L 91 23.97 16.71 13.02
N ALA L 92 24.23 17.25 14.20
CA ALA L 92 25.41 18.07 14.36
C ALA L 92 26.66 17.27 14.02
N THR L 93 26.73 16.01 14.44
CA THR L 93 27.88 15.19 14.10
C THR L 93 27.99 15.03 12.59
N TYR L 94 26.86 14.82 11.91
CA TYR L 94 26.88 14.68 10.46
C TYR L 94 27.40 15.96 9.84
N ALA L 95 26.94 17.11 10.34
CA ALA L 95 27.33 18.39 9.79
C ALA L 95 28.82 18.63 9.99
N MET L 96 29.33 18.22 11.14
CA MET L 96 30.73 18.43 11.45
C MET L 96 31.58 17.65 10.48
N LEU L 97 31.23 16.41 10.18
CA LEU L 97 31.98 15.65 9.19
C LEU L 97 31.87 16.37 7.86
N ALA L 98 30.67 16.73 7.46
CA ALA L 98 30.43 17.30 6.14
C ALA L 98 31.16 18.61 5.99
N GLY L 99 31.30 19.36 7.08
CA GLY L 99 31.89 20.68 7.00
C GLY L 99 30.90 21.71 6.44
N ASP L 100 29.62 21.36 6.44
CA ASP L 100 28.60 22.23 5.88
C ASP L 100 27.39 22.19 6.80
N PRO L 101 26.70 23.33 7.02
CA PRO L 101 25.46 23.34 7.80
C PRO L 101 24.20 22.91 7.05
N SER L 102 24.31 22.62 5.75
CA SER L 102 23.14 22.42 4.91
C SER L 102 22.23 21.32 5.44
N ILE L 103 22.79 20.19 5.84
CA ILE L 103 21.97 19.06 6.27
C ILE L 103 21.05 19.50 7.42
N LEU L 104 21.57 20.37 8.31
CA LEU L 104 20.81 20.83 9.43
C LEU L 104 19.61 21.61 8.92
N ASP L 105 19.81 22.45 7.90
CA ASP L 105 18.73 23.27 7.37
C ASP L 105 17.66 22.42 6.70
N GLU L 106 18.12 21.43 5.94
CA GLU L 106 17.24 20.62 5.11
C GLU L 106 16.36 19.72 5.96
N ARG L 107 16.90 19.13 7.04
CA ARG L 107 16.09 18.18 7.78
C ARG L 107 15.70 18.68 9.16
N VAL L 108 16.65 19.16 9.94
CA VAL L 108 16.33 19.47 11.32
C VAL L 108 15.60 20.81 11.38
N LEU L 109 16.15 21.83 10.73
CA LEU L 109 15.73 23.20 11.01
C LEU L 109 14.42 23.52 10.33
N ASN L 110 14.10 22.83 9.23
CA ASN L 110 12.99 23.25 8.39
C ASN L 110 11.62 22.92 8.99
N GLY L 111 10.85 23.96 9.34
CA GLY L 111 9.55 23.79 9.96
C GLY L 111 9.59 23.43 11.45
N LEU L 112 10.73 23.57 12.11
CA LEU L 112 10.86 23.06 13.46
C LEU L 112 10.17 24.05 14.41
N LYS L 113 10.43 25.34 14.20
CA LYS L 113 9.93 26.37 15.09
C LYS L 113 8.40 26.34 15.08
N GLU L 114 7.82 26.23 13.88
CA GLU L 114 6.38 26.20 13.72
C GLU L 114 5.79 24.97 14.40
N THR L 115 6.43 23.81 14.24
CA THR L 115 5.98 22.59 14.87
C THR L 115 6.01 22.77 16.39
N TYR L 116 7.11 23.29 16.89
CA TYR L 116 7.28 23.49 18.30
C TYR L 116 6.19 24.42 18.82
N ASN L 117 5.87 25.48 18.08
CA ASN L 117 4.89 26.44 18.54
C ASN L 117 3.52 25.80 18.64
N SER L 118 3.13 24.99 17.67
CA SER L 118 1.86 24.29 17.75
C SER L 118 1.86 23.28 18.90
N LEU L 119 2.94 22.55 19.09
CA LEU L 119 3.02 21.59 20.17
C LEU L 119 2.99 22.31 21.52
N GLY L 120 3.60 23.48 21.61
CA GLY L 120 3.77 24.15 22.89
C GLY L 120 5.12 23.85 23.54
N VAL L 121 5.98 23.17 22.79
CA VAL L 121 7.35 22.94 23.23
C VAL L 121 8.00 24.29 23.43
N PRO L 122 8.69 24.57 24.56
CA PRO L 122 9.42 25.82 24.73
C PRO L 122 10.77 25.85 24.02
N ILE L 123 10.90 26.79 23.06
CA ILE L 123 12.09 26.90 22.24
C ILE L 123 13.31 27.25 23.10
N ALA L 124 13.13 28.18 24.02
CA ALA L 124 14.24 28.68 24.82
C ALA L 124 14.94 27.53 25.56
N ALA L 125 14.13 26.65 26.16
CA ALA L 125 14.66 25.53 26.91
C ALA L 125 15.40 24.56 26.00
N THR L 126 14.87 24.38 24.78
CA THR L 126 15.46 23.50 23.80
C THR L 126 16.84 24.03 23.42
N VAL L 127 16.88 25.34 23.14
CA VAL L 127 18.12 25.98 22.79
C VAL L 127 19.12 25.77 23.92
N GLY L 128 18.65 25.96 25.15
CA GLY L 128 19.50 25.78 26.31
C GLY L 128 20.12 24.38 26.37
N GLY L 129 19.31 23.37 26.04
CA GLY L 129 19.73 21.98 25.99
C GLY L 129 20.78 21.72 24.91
N ILE L 130 20.64 22.40 23.75
CA ILE L 130 21.62 22.27 22.68
C ILE L 130 22.94 22.86 23.15
N GLN L 131 22.89 24.03 23.78
CA GLN L 131 24.09 24.71 24.24
C GLN L 131 24.77 23.86 25.31
N ALA L 132 23.98 23.22 26.18
CA ALA L 132 24.54 22.34 27.19
C ALA L 132 25.28 21.17 26.54
N MET L 133 24.68 20.59 25.49
CA MET L 133 25.31 19.47 24.81
C MET L 133 26.65 19.90 24.24
N LYS L 134 26.69 21.14 23.72
CA LYS L 134 27.89 21.63 23.07
C LYS L 134 29.05 21.63 24.05
N GLU L 135 28.80 22.17 25.24
CA GLU L 135 29.82 22.24 26.28
C GLU L 135 30.33 20.85 26.62
N VAL L 136 29.42 19.89 26.80
CA VAL L 136 29.82 18.53 27.16
C VAL L 136 30.65 17.94 26.02
N VAL L 137 30.19 18.15 24.78
CA VAL L 137 30.86 17.61 23.61
C VAL L 137 32.25 18.19 23.53
N GLY L 138 32.36 19.51 23.77
CA GLY L 138 33.63 20.20 23.67
C GLY L 138 34.71 19.52 24.50
N GLY L 139 34.36 19.16 25.74
CA GLY L 139 35.27 18.46 26.63
C GLY L 139 35.73 17.14 26.02
N LEU L 140 34.78 16.32 25.57
CA LEU L 140 35.10 14.98 25.08
C LEU L 140 36.00 15.05 23.84
N VAL L 141 35.65 15.92 22.88
CA VAL L 141 36.27 15.92 21.57
C VAL L 141 37.71 16.43 21.69
N GLY L 142 37.94 17.37 22.60
CA GLY L 142 39.22 18.06 22.70
C GLY L 142 39.19 19.38 21.93
N PRO L 143 40.11 20.34 22.23
CA PRO L 143 39.98 21.73 21.75
C PRO L 143 39.91 21.98 20.24
N ASP L 144 40.83 21.35 19.48
CA ASP L 144 40.87 21.54 18.04
C ASP L 144 39.53 21.14 17.43
N ALA L 145 39.05 19.96 17.84
CA ALA L 145 37.78 19.44 17.36
C ALA L 145 36.63 20.34 17.82
N ALA L 146 36.73 20.85 19.05
CA ALA L 146 35.64 21.57 19.70
C ALA L 146 35.23 22.80 18.91
N LYS L 147 36.20 23.51 18.35
CA LYS L 147 35.91 24.73 17.63
C LYS L 147 35.01 24.41 16.44
N GLU L 148 35.36 23.36 15.70
CA GLU L 148 34.60 22.92 14.55
C GLU L 148 33.21 22.48 15.01
N ALA L 149 33.17 21.65 16.07
CA ALA L 149 31.92 21.14 16.61
C ALA L 149 31.01 22.28 17.02
N SER L 150 31.58 23.33 17.63
CA SER L 150 30.78 24.38 18.22
C SER L 150 29.92 25.09 17.17
N ILE L 151 30.44 25.30 15.97
CA ILE L 151 29.73 26.15 15.02
C ILE L 151 28.42 25.50 14.61
N TYR L 152 28.40 24.17 14.53
CA TYR L 152 27.19 23.47 14.09
C TYR L 152 26.15 23.50 15.20
N PHE L 153 26.58 23.33 16.45
CA PHE L 153 25.68 23.47 17.57
C PHE L 153 25.09 24.87 17.59
N ASP L 154 25.93 25.88 17.34
CA ASP L 154 25.49 27.27 17.36
C ASP L 154 24.50 27.52 16.23
N TYR L 155 24.72 26.86 15.10
CA TYR L 155 23.86 27.00 13.94
C TYR L 155 22.47 26.49 14.25
N LEU L 156 22.39 25.35 14.94
CA LEU L 156 21.12 24.76 15.34
C LEU L 156 20.42 25.73 16.27
N SER L 157 21.14 26.25 17.26
CA SER L 157 20.55 27.09 18.30
C SER L 157 19.96 28.35 17.68
N SER L 158 20.71 28.97 16.76
CA SER L 158 20.27 30.20 16.12
C SER L 158 19.03 29.94 15.26
N GLY L 159 18.98 28.78 14.61
CA GLY L 159 17.86 28.44 13.76
C GLY L 159 16.59 28.29 14.57
N LEU L 160 16.72 27.64 15.73
CA LEU L 160 15.58 27.32 16.56
C LEU L 160 15.03 28.63 17.12
N SER L 161 15.95 29.49 17.56
CA SER L 161 15.58 30.82 18.02
C SER L 161 15.59 31.78 16.82
N SER M 2 32.03 -7.21 5.64
CA SER M 2 33.35 -6.71 5.15
C SER M 2 33.14 -5.49 4.28
N VAL M 3 34.23 -4.81 3.92
CA VAL M 3 34.17 -3.70 2.99
C VAL M 3 33.65 -4.20 1.66
N LEU M 4 34.07 -5.38 1.24
CA LEU M 4 33.70 -5.88 -0.08
C LEU M 4 32.19 -6.08 -0.09
N THR M 5 31.70 -6.83 0.89
CA THR M 5 30.28 -7.14 0.94
C THR M 5 29.47 -5.85 0.84
N LYS M 6 29.82 -4.86 1.67
CA LYS M 6 29.05 -3.65 1.75
C LYS M 6 29.01 -2.97 0.38
N ALA M 7 30.14 -2.89 -0.32
CA ALA M 7 30.21 -2.21 -1.60
C ALA M 7 29.32 -2.90 -2.63
N ILE M 8 29.40 -4.23 -2.69
CA ILE M 8 28.61 -4.99 -3.64
C ILE M 8 27.13 -4.79 -3.33
N VAL M 9 26.74 -4.85 -2.07
CA VAL M 9 25.36 -4.72 -1.68
C VAL M 9 24.80 -3.37 -2.13
N ASN M 10 25.57 -2.29 -1.96
CA ASN M 10 25.09 -0.97 -2.37
C ASN M 10 24.89 -0.92 -3.88
N ALA M 11 25.84 -1.48 -4.61
CA ALA M 11 25.74 -1.54 -6.06
C ALA M 11 24.53 -2.34 -6.50
N ASP M 12 24.29 -3.49 -5.86
CA ASP M 12 23.18 -4.33 -6.25
C ASP M 12 21.85 -3.60 -6.05
N ALA M 13 21.73 -2.83 -4.97
CA ALA M 13 20.53 -2.05 -4.72
C ALA M 13 20.31 -1.02 -5.82
N GLU M 14 21.39 -0.37 -6.24
CA GLU M 14 21.35 0.58 -7.34
C GLU M 14 21.24 -0.14 -8.69
N ALA M 15 21.44 -1.46 -8.70
CA ALA M 15 21.41 -2.28 -9.90
C ALA M 15 22.45 -1.82 -10.91
N ARG M 16 23.65 -1.50 -10.44
CA ARG M 16 24.70 -0.96 -11.29
C ARG M 16 26.01 -1.70 -10.99
N TYR M 17 26.97 -1.62 -11.90
CA TYR M 17 28.33 -2.10 -11.66
C TYR M 17 29.00 -1.10 -10.71
N LEU M 18 30.09 -1.52 -10.06
CA LEU M 18 30.66 -0.78 -8.95
C LEU M 18 31.25 0.56 -9.43
N SER M 19 30.92 1.62 -8.68
CA SER M 19 31.29 2.99 -9.04
C SER M 19 32.79 3.17 -8.87
N PRO M 20 33.41 4.18 -9.52
CA PRO M 20 34.84 4.44 -9.38
C PRO M 20 35.24 4.67 -7.93
N GLY M 21 34.45 5.47 -7.23
CA GLY M 21 34.68 5.72 -5.82
C GLY M 21 34.63 4.45 -4.96
N GLU M 22 33.62 3.60 -5.23
CA GLU M 22 33.45 2.36 -4.52
C GLU M 22 34.63 1.43 -4.79
N LEU M 23 35.08 1.37 -6.04
CA LEU M 23 36.25 0.58 -6.41
C LEU M 23 37.49 1.10 -5.68
N ASP M 24 37.62 2.42 -5.54
CA ASP M 24 38.78 2.99 -4.91
C ASP M 24 38.85 2.57 -3.44
N ARG M 25 37.68 2.55 -2.79
CA ARG M 25 37.60 2.17 -1.40
C ARG M 25 38.05 0.72 -1.22
N ILE M 26 37.71 -0.14 -2.19
CA ILE M 26 38.12 -1.52 -2.14
C ILE M 26 39.63 -1.63 -2.28
N LYS M 27 40.20 -0.83 -3.18
CA LYS M 27 41.62 -0.84 -3.41
C LYS M 27 42.36 -0.45 -2.13
N SER M 28 41.86 0.59 -1.44
CA SER M 28 42.54 1.09 -0.26
C SER M 28 42.56 0.01 0.82
N PHE M 29 41.41 -0.66 0.96
CA PHE M 29 41.22 -1.69 1.96
C PHE M 29 42.16 -2.86 1.73
N VAL M 30 42.37 -3.27 0.49
CA VAL M 30 43.21 -4.44 0.22
C VAL M 30 44.68 -4.08 0.52
N ALA M 31 45.06 -2.82 0.30
CA ALA M 31 46.39 -2.37 0.70
C ALA M 31 46.54 -2.41 2.22
N SER M 32 45.50 -1.98 2.93
CA SER M 32 45.53 -1.92 4.38
C SER M 32 45.56 -3.33 5.00
N GLY M 33 45.12 -4.33 4.23
CA GLY M 33 44.79 -5.64 4.75
C GLY M 33 45.94 -6.30 5.49
N GLU M 34 47.14 -6.21 4.93
CA GLU M 34 48.31 -6.86 5.49
C GLU M 34 48.59 -6.32 6.90
N ARG M 35 48.56 -4.99 7.04
CA ARG M 35 48.70 -4.35 8.35
C ARG M 35 47.60 -4.83 9.29
N ARG M 36 46.35 -4.90 8.80
CA ARG M 36 45.22 -5.30 9.62
C ARG M 36 45.45 -6.70 10.17
N LEU M 37 45.99 -7.60 9.35
CA LEU M 37 46.19 -8.98 9.77
C LEU M 37 47.19 -9.02 10.93
N ARG M 38 48.21 -8.17 10.86
CA ARG M 38 49.22 -8.11 11.91
C ARG M 38 48.59 -7.63 13.22
N ILE M 39 47.76 -6.59 13.15
CA ILE M 39 47.09 -6.06 14.32
C ILE M 39 46.24 -7.15 14.97
N ALA M 40 45.52 -7.91 14.16
CA ALA M 40 44.65 -8.96 14.67
C ALA M 40 45.47 -10.05 15.36
N GLN M 41 46.62 -10.37 14.79
CA GLN M 41 47.46 -11.43 15.34
C GLN M 41 47.95 -11.03 16.73
N THR M 42 48.39 -9.77 16.86
CA THR M 42 48.88 -9.27 18.13
C THR M 42 47.82 -9.45 19.21
N LEU M 43 46.58 -9.00 18.92
CA LEU M 43 45.49 -9.08 19.88
C LEU M 43 45.17 -10.52 20.22
N THR M 44 45.23 -11.42 19.24
CA THR M 44 44.91 -12.81 19.48
C THR M 44 45.91 -13.41 20.47
N GLU M 45 47.19 -13.08 20.29
CA GLU M 45 48.24 -13.63 21.14
C GLU M 45 48.07 -13.15 22.57
N ALA M 46 47.70 -11.87 22.74
CA ALA M 46 47.64 -11.26 24.06
C ALA M 46 46.25 -11.38 24.68
N ARG M 47 45.41 -12.21 24.10
CA ARG M 47 43.99 -12.19 24.40
C ARG M 47 43.76 -12.55 25.87
N GLU M 48 44.41 -13.62 26.32
CA GLU M 48 44.21 -14.10 27.68
C GLU M 48 44.55 -13.01 28.69
N ARG M 49 45.65 -12.32 28.43
CA ARG M 49 46.08 -11.22 29.28
C ARG M 49 45.08 -10.06 29.22
N ILE M 50 44.63 -9.70 28.00
CA ILE M 50 43.72 -8.57 27.84
C ILE M 50 42.44 -8.81 28.65
N VAL M 51 41.88 -10.00 28.51
CA VAL M 51 40.62 -10.31 29.17
C VAL M 51 40.81 -10.19 30.66
N LYS M 52 41.88 -10.80 31.19
CA LYS M 52 42.11 -10.81 32.62
C LYS M 52 42.25 -9.38 33.17
N GLN M 53 43.12 -8.58 32.54
CA GLN M 53 43.35 -7.24 33.01
C GLN M 53 42.06 -6.41 32.94
N ALA M 54 41.29 -6.57 31.85
CA ALA M 54 40.08 -5.80 31.65
C ALA M 54 39.06 -6.18 32.72
N GLY M 55 38.96 -7.48 33.01
CA GLY M 55 38.07 -7.96 34.04
C GLY M 55 38.34 -7.26 35.37
N ASP M 56 39.62 -7.21 35.75
CA ASP M 56 40.02 -6.63 37.02
C ASP M 56 39.58 -5.17 37.07
N GLN M 57 39.87 -4.43 36.01
CA GLN M 57 39.50 -3.02 35.96
C GLN M 57 37.99 -2.87 36.08
N LEU M 58 37.24 -3.72 35.37
CA LEU M 58 35.79 -3.63 35.38
C LEU M 58 35.26 -3.87 36.79
N PHE M 59 35.80 -4.87 37.49
CA PHE M 59 35.34 -5.18 38.83
C PHE M 59 35.76 -4.03 39.76
N GLN M 60 36.89 -3.41 39.46
CA GLN M 60 37.32 -2.21 40.21
C GLN M 60 36.31 -1.08 39.94
N LYS M 61 36.01 -0.85 38.66
CA LYS M 61 35.06 0.22 38.27
C LYS M 61 33.66 -0.03 38.85
N ARG M 62 33.20 -1.28 38.84
CA ARG M 62 31.84 -1.60 39.31
C ARG M 62 31.92 -2.70 40.38
N PRO M 63 32.15 -2.34 41.66
CA PRO M 63 32.14 -3.34 42.73
C PRO M 63 30.81 -4.08 42.78
N ASP M 64 29.72 -3.35 42.49
CA ASP M 64 28.37 -3.88 42.61
C ASP M 64 28.18 -5.17 41.80
N VAL M 65 28.66 -5.19 40.55
CA VAL M 65 28.41 -6.34 39.71
C VAL M 65 28.94 -7.60 40.41
N VAL M 66 30.13 -7.50 41.03
CA VAL M 66 30.70 -8.61 41.79
C VAL M 66 30.33 -8.44 43.27
N SER M 67 29.02 -8.46 43.54
CA SER M 67 28.49 -8.34 44.90
C SER M 67 27.24 -9.22 44.98
N PRO M 68 26.77 -9.64 46.18
CA PRO M 68 25.75 -10.69 46.26
C PRO M 68 24.49 -10.37 45.45
N GLY M 69 24.08 -9.09 45.47
CA GLY M 69 22.99 -8.61 44.63
C GLY M 69 23.33 -8.73 43.14
N GLY M 70 24.58 -8.37 42.78
CA GLY M 70 25.01 -8.27 41.39
C GLY M 70 24.97 -9.62 40.66
N ASN M 71 24.87 -9.53 39.32
CA ASN M 71 24.76 -10.70 38.45
C ASN M 71 26.09 -11.47 38.41
N ALA M 72 27.20 -10.73 38.44
CA ALA M 72 28.52 -11.34 38.30
C ALA M 72 28.93 -12.16 39.52
N TYR M 73 28.23 -11.96 40.65
CA TYR M 73 28.64 -12.54 41.93
C TYR M 73 28.68 -14.06 41.89
N GLY M 74 29.74 -14.65 42.49
CA GLY M 74 29.95 -16.08 42.47
C GLY M 74 30.93 -16.47 41.36
N GLU M 75 31.59 -17.63 41.50
CA GLU M 75 32.65 -18.01 40.59
C GLU M 75 32.11 -18.24 39.18
N LYS M 76 31.06 -19.07 39.08
CA LYS M 76 30.49 -19.40 37.78
C LYS M 76 30.09 -18.10 37.09
N MET M 77 29.39 -17.23 37.80
CA MET M 77 28.92 -15.98 37.21
C MET M 77 30.12 -15.14 36.76
N THR M 78 31.16 -15.07 37.59
CA THR M 78 32.31 -14.27 37.25
C THR M 78 32.97 -14.86 35.99
N ALA M 79 33.01 -16.18 35.89
CA ALA M 79 33.59 -16.81 34.71
C ALA M 79 32.81 -16.40 33.47
N LEU M 80 31.48 -16.46 33.57
CA LEU M 80 30.63 -16.12 32.45
C LEU M 80 30.89 -14.69 32.01
N CYS M 81 31.07 -13.77 32.96
CA CYS M 81 31.32 -12.39 32.62
C CYS M 81 32.64 -12.28 31.86
N LEU M 82 33.65 -13.06 32.28
CA LEU M 82 34.91 -13.08 31.56
C LEU M 82 34.74 -13.70 30.18
N ARG M 83 33.95 -14.78 30.10
CA ARG M 83 33.70 -15.44 28.83
C ARG M 83 33.10 -14.44 27.85
N ASP M 84 32.16 -13.63 28.33
CA ASP M 84 31.54 -12.63 27.49
C ASP M 84 32.60 -11.65 26.97
N LEU M 85 33.50 -11.22 27.85
CA LEU M 85 34.52 -10.28 27.42
C LEU M 85 35.39 -10.93 26.34
N ASP M 86 35.68 -12.22 26.49
CA ASP M 86 36.49 -12.91 25.50
C ASP M 86 35.78 -12.94 24.15
N TYR M 87 34.47 -13.22 24.17
CA TYR M 87 33.66 -13.25 22.97
C TYR M 87 33.74 -11.92 22.24
N TYR M 88 33.61 -10.82 22.99
CA TYR M 88 33.64 -9.51 22.35
C TYR M 88 35.02 -9.23 21.79
N LEU M 89 36.08 -9.69 22.44
CA LEU M 89 37.41 -9.46 21.89
C LEU M 89 37.58 -10.23 20.58
N ARG M 90 37.10 -11.47 20.53
CA ARG M 90 37.19 -12.26 19.31
C ARG M 90 36.46 -11.55 18.18
N LEU M 91 35.26 -11.03 18.47
CA LEU M 91 34.49 -10.29 17.49
C LEU M 91 35.29 -9.10 16.97
N VAL M 92 35.95 -8.36 17.87
CA VAL M 92 36.72 -7.21 17.43
C VAL M 92 37.79 -7.64 16.45
N THR M 93 38.44 -8.77 16.67
CA THR M 93 39.51 -9.18 15.77
C THR M 93 38.93 -9.45 14.39
N TYR M 94 37.80 -10.16 14.34
CA TYR M 94 37.13 -10.43 13.09
C TYR M 94 36.81 -9.11 12.37
N GLY M 95 36.34 -8.12 13.13
CA GLY M 95 36.00 -6.83 12.56
C GLY M 95 37.19 -6.13 11.94
N ILE M 96 38.37 -6.20 12.61
CA ILE M 96 39.54 -5.52 12.11
C ILE M 96 39.90 -6.09 10.74
N VAL M 97 39.89 -7.41 10.59
CA VAL M 97 40.29 -7.99 9.32
C VAL M 97 39.25 -7.71 8.25
N ALA M 98 37.97 -7.67 8.62
CA ALA M 98 36.92 -7.38 7.66
C ALA M 98 36.93 -5.91 7.24
N GLY M 99 37.36 -5.03 8.13
CA GLY M 99 37.38 -3.60 7.86
C GLY M 99 36.00 -2.98 8.06
N ASP M 100 35.09 -3.76 8.62
CA ASP M 100 33.71 -3.34 8.78
C ASP M 100 33.14 -4.16 9.92
N VAL M 101 32.08 -3.63 10.51
CA VAL M 101 31.51 -4.18 11.71
C VAL M 101 30.38 -5.14 11.36
N THR M 102 30.09 -5.29 10.07
CA THR M 102 28.99 -6.16 9.67
C THR M 102 29.12 -7.53 10.34
N PRO M 103 30.28 -8.22 10.27
CA PRO M 103 30.44 -9.51 10.98
C PRO M 103 30.17 -9.38 12.48
N ILE M 104 30.77 -8.37 13.10
CA ILE M 104 30.58 -8.13 14.52
C ILE M 104 29.11 -7.96 14.84
N GLU M 105 28.40 -7.18 14.02
CA GLU M 105 27.05 -6.73 14.28
C GLU M 105 26.07 -7.90 14.33
N GLU M 106 26.15 -8.81 13.36
CA GLU M 106 25.29 -9.99 13.33
C GLU M 106 25.47 -10.89 14.55
N ILE M 107 26.72 -11.11 14.98
CA ILE M 107 26.99 -12.05 16.06
C ILE M 107 26.74 -11.41 17.42
N GLY M 108 26.99 -10.10 17.58
CA GLY M 108 27.08 -9.53 18.90
C GLY M 108 26.18 -8.34 19.17
N ILE M 109 25.81 -7.51 18.20
CA ILE M 109 25.17 -6.25 18.56
C ILE M 109 23.66 -6.31 18.32
N ILE M 110 23.15 -7.26 17.51
CA ILE M 110 21.71 -7.27 17.27
C ILE M 110 21.06 -8.25 18.23
N GLY M 111 20.12 -7.76 19.02
CA GLY M 111 19.50 -8.57 20.03
C GLY M 111 20.27 -8.54 21.35
N VAL M 112 21.36 -7.78 21.43
CA VAL M 112 22.20 -7.79 22.62
C VAL M 112 21.40 -7.25 23.82
N LYS M 113 20.64 -6.17 23.62
CA LYS M 113 19.89 -5.57 24.70
C LYS M 113 18.92 -6.60 25.25
N GLU M 114 18.21 -7.26 24.35
CA GLU M 114 17.19 -8.23 24.73
C GLU M 114 17.78 -9.40 25.48
N MET M 115 18.95 -9.88 25.03
CA MET M 115 19.60 -10.99 25.68
C MET M 115 20.02 -10.59 27.08
N TYR M 116 20.67 -9.44 27.21
CA TYR M 116 21.16 -9.01 28.52
C TYR M 116 19.98 -8.74 29.44
N ASN M 117 18.90 -8.16 28.93
CA ASN M 117 17.75 -7.88 29.77
C ASN M 117 17.15 -9.16 30.36
N SER M 118 17.09 -10.24 29.58
CA SER M 118 16.64 -11.49 30.15
C SER M 118 17.59 -11.91 31.26
N LEU M 119 18.89 -11.89 31.00
CA LEU M 119 19.89 -12.30 31.97
C LEU M 119 19.83 -11.37 33.19
N GLN M 120 19.45 -10.11 32.97
CA GLN M 120 19.37 -9.07 33.99
C GLN M 120 20.73 -8.43 34.25
N THR M 121 21.73 -8.82 33.44
CA THR M 121 23.02 -8.16 33.45
C THR M 121 22.82 -6.71 33.06
N PRO M 122 23.46 -5.72 33.74
CA PRO M 122 23.42 -4.32 33.30
C PRO M 122 24.27 -4.00 32.09
N ILE M 123 23.65 -3.43 31.06
CA ILE M 123 24.31 -3.24 29.78
C ILE M 123 25.44 -2.22 29.93
N PRO M 124 25.25 -1.10 30.67
CA PRO M 124 26.31 -0.10 30.82
C PRO M 124 27.59 -0.66 31.42
N ALA M 125 27.47 -1.62 32.35
CA ALA M 125 28.63 -2.28 32.92
C ALA M 125 29.38 -3.05 31.84
N VAL M 126 28.63 -3.73 30.96
CA VAL M 126 29.24 -4.51 29.90
C VAL M 126 30.05 -3.55 29.03
N ALA M 127 29.47 -2.38 28.73
CA ALA M 127 30.14 -1.40 27.90
C ALA M 127 31.45 -0.97 28.56
N GLU M 128 31.42 -0.84 29.88
CA GLU M 128 32.61 -0.43 30.62
C GLU M 128 33.72 -1.47 30.48
N GLY M 129 33.33 -2.74 30.55
CA GLY M 129 34.25 -3.85 30.35
C GLY M 129 34.90 -3.80 28.98
N VAL M 130 34.15 -3.41 27.95
CA VAL M 130 34.69 -3.31 26.60
C VAL M 130 35.67 -2.13 26.57
N ARG M 131 35.30 -1.01 27.20
CA ARG M 131 36.20 0.12 27.31
C ARG M 131 37.50 -0.30 27.98
N ALA M 132 37.38 -1.05 29.07
CA ALA M 132 38.52 -1.56 29.79
C ALA M 132 39.41 -2.36 28.84
N MET M 133 38.79 -3.24 28.05
CA MET M 133 39.53 -4.10 27.14
C MET M 133 40.29 -3.25 26.13
N LYS M 134 39.68 -2.15 25.70
CA LYS M 134 40.31 -1.27 24.73
C LYS M 134 41.60 -0.70 25.32
N ASN M 135 41.56 -0.28 26.59
CA ASN M 135 42.70 0.38 27.21
C ASN M 135 43.88 -0.59 27.29
N VAL M 136 43.60 -1.83 27.67
CA VAL M 136 44.65 -2.84 27.73
C VAL M 136 45.18 -3.08 26.32
N ALA M 137 44.28 -3.28 25.37
CA ALA M 137 44.66 -3.60 24.00
C ALA M 137 45.51 -2.48 23.41
N THR M 138 45.14 -1.23 23.70
CA THR M 138 45.83 -0.08 23.13
C THR M 138 47.29 -0.09 23.56
N SER M 139 47.54 -0.44 24.83
CA SER M 139 48.90 -0.42 25.36
C SER M 139 49.79 -1.42 24.62
N LEU M 140 49.23 -2.58 24.26
CA LEU M 140 49.99 -3.61 23.57
C LEU M 140 50.24 -3.22 22.12
N LEU M 141 49.26 -2.54 21.52
CA LEU M 141 49.35 -2.16 20.12
C LEU M 141 50.25 -0.94 19.95
N SER M 142 50.79 -0.80 18.73
CA SER M 142 51.44 0.43 18.31
C SER M 142 50.41 1.54 18.20
N GLY M 143 50.83 2.80 18.35
CA GLY M 143 49.92 3.94 18.42
C GLY M 143 48.99 4.02 17.19
N ASP M 144 49.57 3.87 16.00
CA ASP M 144 48.78 3.88 14.78
C ASP M 144 47.85 2.67 14.75
N ASP M 145 48.38 1.49 15.11
CA ASP M 145 47.58 0.26 15.15
C ASP M 145 46.45 0.43 16.16
N ALA M 146 46.77 1.04 17.31
CA ALA M 146 45.82 1.19 18.39
C ALA M 146 44.63 2.04 17.96
N ALA M 147 44.89 3.08 17.15
CA ALA M 147 43.81 3.92 16.68
C ALA M 147 42.82 3.11 15.83
N GLU M 148 43.37 2.30 14.90
CA GLU M 148 42.54 1.45 14.08
C GLU M 148 41.71 0.53 14.98
N ALA M 149 42.38 -0.14 15.92
CA ALA M 149 41.70 -1.05 16.83
C ALA M 149 40.66 -0.31 17.67
N GLY M 150 40.96 0.92 18.04
CA GLY M 150 40.08 1.72 18.87
C GLY M 150 38.70 1.87 18.25
N PHE M 151 38.65 2.13 16.94
CA PHE M 151 37.40 2.37 16.25
C PHE M 151 36.48 1.18 16.50
N TYR M 152 37.00 -0.04 16.34
CA TYR M 152 36.17 -1.23 16.45
C TYR M 152 35.69 -1.38 17.88
N PHE M 153 36.56 -1.11 18.84
CA PHE M 153 36.19 -1.15 20.24
C PHE M 153 35.10 -0.10 20.52
N ASP M 154 35.27 1.10 19.98
CA ASP M 154 34.30 2.17 20.15
C ASP M 154 32.94 1.78 19.60
N TYR M 155 32.92 1.15 18.42
CA TYR M 155 31.66 0.73 17.81
C TYR M 155 30.92 -0.16 18.79
N LEU M 156 31.61 -1.13 19.40
CA LEU M 156 30.96 -2.03 20.34
C LEU M 156 30.32 -1.21 21.46
N VAL M 157 31.10 -0.28 22.01
CA VAL M 157 30.62 0.50 23.13
C VAL M 157 29.37 1.28 22.71
N GLY M 158 29.42 1.86 21.51
CA GLY M 158 28.27 2.57 20.96
C GLY M 158 27.05 1.69 20.81
N ALA M 159 27.25 0.47 20.31
CA ALA M 159 26.15 -0.43 19.97
C ALA M 159 25.40 -0.86 21.22
N MET M 160 26.11 -1.10 22.34
CA MET M 160 25.41 -1.38 23.58
C MET M 160 25.71 -0.27 24.56
N GLN M 161 24.71 0.61 24.78
CA GLN M 161 24.88 1.78 25.60
C GLN M 161 23.48 2.33 25.94
N MET N 1 24.87 -11.81 1.24
CA MET N 1 25.75 -12.86 0.62
C MET N 1 27.03 -12.98 1.44
N GLN N 2 28.01 -13.72 0.92
CA GLN N 2 29.24 -14.00 1.64
C GLN N 2 30.43 -13.75 0.72
N ASP N 3 31.50 -13.19 1.29
CA ASP N 3 32.70 -12.92 0.51
C ASP N 3 33.80 -13.81 1.09
N ALA N 4 34.99 -13.77 0.49
CA ALA N 4 36.07 -14.65 0.92
C ALA N 4 36.44 -14.37 2.38
N ILE N 5 36.62 -13.10 2.72
CA ILE N 5 37.02 -12.75 4.07
C ILE N 5 35.96 -13.24 5.05
N THR N 6 34.69 -12.96 4.77
CA THR N 6 33.64 -13.32 5.70
C THR N 6 33.49 -14.84 5.76
N ALA N 7 33.79 -15.54 4.66
CA ALA N 7 33.63 -16.98 4.65
C ALA N 7 34.59 -17.63 5.65
N VAL N 8 35.82 -17.13 5.70
CA VAL N 8 36.79 -17.61 6.67
C VAL N 8 36.29 -17.32 8.08
N ILE N 9 35.90 -16.08 8.32
CA ILE N 9 35.39 -15.70 9.62
C ILE N 9 34.19 -16.59 9.92
N ASN N 10 33.34 -16.86 8.93
CA ASN N 10 32.16 -17.68 9.16
C ASN N 10 32.56 -19.04 9.76
N ASN N 11 33.52 -19.68 9.10
CA ASN N 11 33.97 -21.00 9.50
C ASN N 11 34.60 -21.04 10.91
N TYR N 12 35.37 -20.01 11.26
CA TYR N 12 35.98 -19.93 12.57
C TYR N 12 34.97 -19.62 13.67
N ASP N 13 33.96 -18.82 13.37
CA ASP N 13 32.94 -18.48 14.35
C ASP N 13 32.10 -19.70 14.74
N VAL N 14 31.78 -20.61 13.82
CA VAL N 14 31.02 -21.79 14.21
C VAL N 14 31.88 -22.67 15.12
N GLN N 15 33.20 -22.71 14.87
CA GLN N 15 34.09 -23.46 15.71
C GLN N 15 34.26 -22.72 17.04
N GLY N 16 34.08 -21.39 17.02
CA GLY N 16 34.31 -20.56 18.19
C GLY N 16 35.78 -20.19 18.32
N LYS N 17 36.59 -20.56 17.32
CA LYS N 17 38.03 -20.37 17.36
C LYS N 17 38.36 -18.91 17.07
N TYR N 18 39.37 -18.37 17.79
CA TYR N 18 39.99 -17.12 17.39
C TYR N 18 40.72 -17.34 16.06
N LEU N 19 40.99 -16.25 15.35
CA LEU N 19 41.66 -16.32 14.05
C LEU N 19 43.07 -16.87 14.23
N ASP N 20 43.44 -17.83 13.37
CA ASP N 20 44.71 -18.54 13.52
C ASP N 20 45.55 -18.34 12.26
N GLY N 21 46.82 -18.75 12.33
CA GLY N 21 47.77 -18.52 11.25
C GLY N 21 47.31 -19.12 9.92
N ALA N 22 46.78 -20.35 9.97
CA ALA N 22 46.27 -21.00 8.77
C ALA N 22 45.15 -20.17 8.15
N ALA N 23 44.22 -19.72 8.98
CA ALA N 23 43.15 -18.82 8.56
C ALA N 23 43.77 -17.54 7.98
N LEU N 24 44.76 -16.99 8.68
CA LEU N 24 45.41 -15.76 8.25
C LEU N 24 46.02 -15.94 6.86
N ASP N 25 46.52 -17.14 6.55
CA ASP N 25 47.15 -17.40 5.26
C ASP N 25 46.14 -17.31 4.13
N LYS N 26 44.93 -17.82 4.36
CA LYS N 26 43.86 -17.73 3.38
C LYS N 26 43.52 -16.28 3.14
N LEU N 27 43.42 -15.49 4.21
CA LEU N 27 43.12 -14.08 4.11
C LEU N 27 44.22 -13.36 3.33
N LYS N 28 45.46 -13.75 3.59
CA LYS N 28 46.61 -13.14 2.95
C LYS N 28 46.55 -13.41 1.44
N ALA N 29 46.18 -14.63 1.10
CA ALA N 29 46.07 -15.04 -0.29
C ALA N 29 45.09 -14.14 -1.03
N TYR N 30 43.94 -13.86 -0.42
CA TYR N 30 42.93 -13.05 -1.04
C TYR N 30 43.50 -11.65 -1.29
N PHE N 31 44.23 -11.10 -0.31
CA PHE N 31 44.66 -9.72 -0.37
C PHE N 31 45.62 -9.48 -1.52
N THR N 32 46.45 -10.47 -1.87
CA THR N 32 47.36 -10.34 -3.00
C THR N 32 46.57 -10.36 -4.33
N THR N 33 45.56 -11.24 -4.40
CA THR N 33 44.78 -11.40 -5.62
C THR N 33 43.97 -10.13 -5.89
N GLY N 34 43.61 -9.42 -4.81
CA GLY N 34 42.61 -8.36 -4.84
C GLY N 34 42.88 -7.30 -5.90
N ALA N 35 44.12 -6.82 -5.99
CA ALA N 35 44.44 -5.74 -6.92
C ALA N 35 44.09 -6.13 -8.35
N VAL N 36 44.43 -7.38 -8.73
CA VAL N 36 44.15 -7.89 -10.07
C VAL N 36 42.65 -7.85 -10.31
N ARG N 37 41.88 -8.32 -9.33
CA ARG N 37 40.44 -8.43 -9.48
C ARG N 37 39.84 -7.05 -9.72
N VAL N 38 40.30 -6.04 -8.98
CA VAL N 38 39.72 -4.71 -9.12
C VAL N 38 39.93 -4.22 -10.55
N ARG N 39 41.14 -4.43 -11.09
CA ARG N 39 41.45 -3.99 -12.44
C ARG N 39 40.53 -4.70 -13.43
N ALA N 40 40.35 -6.01 -13.25
CA ALA N 40 39.53 -6.79 -14.16
C ALA N 40 38.10 -6.28 -14.15
N ALA N 41 37.56 -6.00 -12.96
CA ALA N 41 36.19 -5.56 -12.81
C ALA N 41 35.96 -4.26 -13.57
N ALA N 42 36.92 -3.32 -13.53
CA ALA N 42 36.76 -2.06 -14.23
C ALA N 42 36.74 -2.28 -15.73
N VAL N 43 37.58 -3.20 -16.21
CA VAL N 43 37.62 -3.51 -17.63
C VAL N 43 36.26 -4.03 -18.05
N ILE N 44 35.70 -4.96 -17.29
CA ILE N 44 34.45 -5.60 -17.67
C ILE N 44 33.34 -4.54 -17.71
N SER N 45 33.28 -3.67 -16.70
CA SER N 45 32.20 -2.70 -16.63
C SER N 45 32.21 -1.76 -17.83
N SER N 46 33.41 -1.32 -18.26
CA SER N 46 33.53 -0.40 -19.37
C SER N 46 33.14 -1.07 -20.69
N ASN N 47 33.41 -2.37 -20.83
CA ASN N 47 33.20 -3.05 -22.08
C ASN N 47 31.95 -3.93 -22.06
N ALA N 48 31.08 -3.69 -21.09
CA ALA N 48 30.00 -4.62 -20.80
C ALA N 48 29.06 -4.77 -21.99
N THR N 49 28.67 -3.63 -22.56
CA THR N 49 27.71 -3.65 -23.65
C THR N 49 28.31 -4.43 -24.84
N THR N 50 29.58 -4.17 -25.13
CA THR N 50 30.27 -4.83 -26.23
C THR N 50 30.34 -6.34 -25.97
N ILE N 51 30.64 -6.72 -24.74
CA ILE N 51 30.79 -8.14 -24.41
C ILE N 51 29.48 -8.85 -24.74
N ILE N 52 28.36 -8.23 -24.41
CA ILE N 52 27.08 -8.87 -24.60
C ILE N 52 26.77 -8.98 -26.11
N LYS N 53 27.07 -7.90 -26.84
CA LYS N 53 26.86 -7.87 -28.27
C LYS N 53 27.65 -8.98 -28.94
N GLU N 54 28.94 -9.09 -28.62
CA GLU N 54 29.80 -10.09 -29.24
C GLU N 54 29.27 -11.49 -28.93
N ALA N 55 28.88 -11.73 -27.68
CA ALA N 55 28.44 -13.05 -27.28
C ALA N 55 27.14 -13.43 -27.99
N ALA N 56 26.26 -12.45 -28.19
CA ALA N 56 25.00 -12.70 -28.89
C ALA N 56 25.27 -13.05 -30.34
N ALA N 57 26.17 -12.28 -30.97
CA ALA N 57 26.59 -12.51 -32.34
C ALA N 57 27.16 -13.91 -32.50
N LYS N 58 27.99 -14.34 -31.53
CA LYS N 58 28.57 -15.66 -31.56
C LYS N 58 27.52 -16.76 -31.46
N ALA N 59 26.52 -16.62 -30.57
CA ALA N 59 25.64 -17.75 -30.31
C ALA N 59 24.16 -17.48 -30.63
N LEU N 60 23.60 -16.40 -30.13
CA LEU N 60 22.17 -16.24 -30.16
C LEU N 60 21.65 -15.82 -31.54
N ILE N 61 22.20 -14.75 -32.14
CA ILE N 61 21.57 -14.15 -33.30
C ILE N 61 21.89 -14.98 -34.55
N TYR N 62 21.22 -14.65 -35.65
CA TYR N 62 21.35 -15.31 -36.94
C TYR N 62 21.10 -16.81 -36.80
N SER N 63 20.15 -17.15 -35.94
CA SER N 63 19.92 -18.53 -35.56
C SER N 63 18.42 -18.80 -35.63
N ASP N 64 18.03 -20.04 -35.32
CA ASP N 64 16.62 -20.39 -35.31
C ASP N 64 15.90 -19.69 -34.14
N LEU N 65 16.62 -19.46 -33.04
CA LEU N 65 16.05 -18.81 -31.87
C LEU N 65 15.49 -17.45 -32.23
N THR N 66 16.24 -16.67 -33.00
CA THR N 66 15.78 -15.35 -33.36
C THR N 66 14.68 -15.44 -34.40
N ARG N 67 14.66 -16.51 -35.22
CA ARG N 67 13.69 -16.62 -36.29
C ARG N 67 12.34 -16.94 -35.67
N PRO N 68 11.20 -16.63 -36.34
CA PRO N 68 9.87 -16.90 -35.80
C PRO N 68 9.68 -18.36 -35.38
N GLY N 69 9.04 -18.54 -34.23
CA GLY N 69 8.92 -19.85 -33.60
C GLY N 69 10.02 -20.10 -32.57
N GLY N 70 10.99 -19.20 -32.48
CA GLY N 70 12.10 -19.38 -31.56
C GLY N 70 11.86 -18.53 -30.33
N MET N 72 13.72 -16.43 -28.86
CA MET N 72 14.18 -15.05 -28.92
C MET N 72 13.46 -14.29 -30.03
N TYR N 73 12.38 -14.84 -30.59
CA TYR N 73 11.57 -14.09 -31.56
C TYR N 73 10.65 -13.10 -30.84
N THR N 74 10.36 -11.96 -31.50
CA THR N 74 9.66 -10.79 -30.97
C THR N 74 10.63 -9.88 -30.25
N THR N 75 10.40 -8.58 -30.30
CA THR N 75 11.30 -7.65 -29.64
C THR N 75 11.30 -7.88 -28.13
N ARG N 76 10.14 -8.15 -27.56
CA ARG N 76 10.00 -8.36 -26.14
C ARG N 76 10.92 -9.47 -25.65
N ARG N 77 10.90 -10.61 -26.34
CA ARG N 77 11.73 -11.72 -25.95
C ARG N 77 13.21 -11.45 -26.24
N TYR N 78 13.52 -10.81 -27.35
CA TYR N 78 14.91 -10.51 -27.60
C TYR N 78 15.44 -9.65 -26.47
N ALA N 79 14.67 -8.65 -26.07
CA ALA N 79 15.12 -7.71 -25.06
C ALA N 79 15.31 -8.42 -23.73
N ALA N 80 14.41 -9.35 -23.40
CA ALA N 80 14.54 -10.09 -22.17
C ALA N 80 15.80 -10.93 -22.14
N CYS N 81 16.14 -11.55 -23.28
CA CYS N 81 17.33 -12.36 -23.33
C CYS N 81 18.57 -11.51 -23.09
N ILE N 82 18.68 -10.34 -23.73
CA ILE N 82 19.91 -9.58 -23.55
C ILE N 82 19.94 -9.00 -22.13
N ARG N 83 18.77 -8.81 -21.51
CA ARG N 83 18.72 -8.36 -20.13
C ARG N 83 19.27 -9.44 -19.20
N ASP N 84 18.90 -10.69 -19.44
CA ASP N 84 19.44 -11.78 -18.65
C ASP N 84 20.93 -11.90 -18.82
N MET N 85 21.42 -11.69 -20.04
CA MET N 85 22.84 -11.79 -20.29
C MET N 85 23.56 -10.76 -19.44
N ASP N 86 23.05 -9.54 -19.45
CA ASP N 86 23.62 -8.49 -18.64
C ASP N 86 23.65 -8.87 -17.16
N TYR N 87 22.57 -9.46 -16.64
CA TYR N 87 22.56 -9.91 -15.27
C TYR N 87 23.70 -10.87 -15.00
N PHE N 88 23.83 -11.92 -15.80
CA PHE N 88 24.87 -12.89 -15.59
C PHE N 88 26.23 -12.19 -15.56
N LEU N 89 26.48 -11.29 -16.50
CA LEU N 89 27.77 -10.64 -16.54
C LEU N 89 28.01 -9.86 -15.25
N ARG N 90 27.00 -9.08 -14.80
CA ARG N 90 27.16 -8.23 -13.65
C ARG N 90 27.41 -9.05 -12.40
N TYR N 91 26.69 -10.16 -12.24
CA TYR N 91 26.84 -10.96 -11.05
C TYR N 91 28.18 -11.68 -11.06
N ALA N 92 28.61 -12.18 -12.21
CA ALA N 92 29.93 -12.79 -12.28
C ALA N 92 31.01 -11.79 -11.86
N THR N 93 30.89 -10.55 -12.30
CA THR N 93 31.85 -9.54 -11.90
C THR N 93 31.83 -9.35 -10.40
N TYR N 94 30.62 -9.32 -9.79
CA TYR N 94 30.52 -9.16 -8.35
C TYR N 94 31.19 -10.33 -7.67
N ALA N 95 30.99 -11.54 -8.18
CA ALA N 95 31.57 -12.73 -7.58
C ALA N 95 33.08 -12.69 -7.65
N MET N 96 33.60 -12.20 -8.76
CA MET N 96 35.03 -12.15 -8.95
C MET N 96 35.65 -11.19 -7.93
N LEU N 97 35.04 -10.03 -7.72
CA LEU N 97 35.54 -9.14 -6.69
C LEU N 97 35.47 -9.83 -5.33
N ALA N 98 34.32 -10.42 -5.03
CA ALA N 98 34.09 -11.01 -3.72
C ALA N 98 35.06 -12.16 -3.48
N GLY N 99 35.41 -12.89 -4.55
CA GLY N 99 36.22 -14.08 -4.42
C GLY N 99 35.40 -15.27 -3.91
N ASP N 100 34.08 -15.15 -3.97
CA ASP N 100 33.18 -16.19 -3.49
C ASP N 100 32.09 -16.42 -4.51
N PRO N 101 31.68 -17.68 -4.76
CA PRO N 101 30.57 -17.96 -5.69
C PRO N 101 29.18 -17.87 -5.07
N SER N 102 29.11 -17.61 -3.76
CA SER N 102 27.85 -17.67 -3.04
C SER N 102 26.81 -16.73 -3.64
N ILE N 103 27.22 -15.51 -3.94
CA ILE N 103 26.31 -14.48 -4.44
C ILE N 103 25.61 -14.99 -5.70
N LEU N 104 26.32 -15.75 -6.55
CA LEU N 104 25.70 -16.27 -7.76
C LEU N 104 24.55 -17.20 -7.38
N ASP N 105 24.77 -18.04 -6.35
CA ASP N 105 23.75 -18.99 -5.95
C ASP N 105 22.53 -18.28 -5.35
N GLU N 106 22.80 -17.27 -4.53
CA GLU N 106 21.79 -16.57 -3.78
C GLU N 106 20.89 -15.74 -4.70
N ARG N 107 21.46 -15.06 -5.69
CA ARG N 107 20.66 -14.13 -6.47
C ARG N 107 20.32 -14.65 -7.86
N VAL N 108 21.25 -15.30 -8.54
CA VAL N 108 20.99 -15.66 -9.91
C VAL N 108 20.49 -17.11 -9.95
N LEU N 109 21.24 -18.02 -9.35
CA LEU N 109 21.11 -19.42 -9.71
C LEU N 109 19.88 -20.07 -9.10
N ASN N 110 19.39 -19.55 -7.98
CA ASN N 110 18.35 -20.26 -7.24
C ASN N 110 16.97 -20.12 -7.88
N GLY N 111 16.41 -21.22 -8.37
CA GLY N 111 15.12 -21.20 -9.01
C GLY N 111 15.20 -20.92 -10.51
N LEU N 112 16.41 -20.73 -11.06
CA LEU N 112 16.51 -20.24 -12.42
C LEU N 112 16.10 -21.35 -13.38
N LYS N 113 16.56 -22.58 -13.10
CA LYS N 113 16.30 -23.71 -13.98
C LYS N 113 14.80 -23.92 -14.12
N GLU N 114 14.12 -23.91 -12.97
CA GLU N 114 12.69 -24.17 -12.93
C GLU N 114 11.94 -23.07 -13.67
N THR N 115 12.34 -21.81 -13.47
CA THR N 115 11.72 -20.69 -14.16
C THR N 115 11.89 -20.86 -15.65
N TYR N 116 13.12 -21.17 -16.07
CA TYR N 116 13.43 -21.31 -17.47
C TYR N 116 12.59 -22.43 -18.06
N ASN N 117 12.43 -23.54 -17.34
CA ASN N 117 11.69 -24.67 -17.87
C ASN N 117 10.22 -24.32 -18.08
N SER N 118 9.61 -23.59 -17.15
CA SER N 118 8.24 -23.17 -17.32
C SER N 118 8.12 -22.19 -18.48
N LEU N 119 9.05 -21.23 -18.58
CA LEU N 119 9.01 -20.26 -19.66
C LEU N 119 9.22 -20.96 -21.01
N GLY N 120 10.07 -21.99 -21.05
CA GLY N 120 10.45 -22.60 -22.31
C GLY N 120 11.73 -22.00 -22.87
N VAL N 121 12.40 -21.18 -22.06
CA VAL N 121 13.73 -20.71 -22.40
C VAL N 121 14.63 -21.94 -22.53
N PRO N 122 15.43 -22.08 -23.61
CA PRO N 122 16.34 -23.23 -23.72
C PRO N 122 17.63 -23.06 -22.92
N ILE N 123 17.85 -23.97 -21.96
CA ILE N 123 18.99 -23.88 -21.04
C ILE N 123 20.30 -23.99 -21.81
N ALA N 124 20.37 -24.93 -22.76
CA ALA N 124 21.62 -25.21 -23.46
C ALA N 124 22.13 -23.95 -24.16
N ALA N 125 21.21 -23.23 -24.81
CA ALA N 125 21.57 -22.01 -25.53
C ALA N 125 22.06 -20.94 -24.56
N THR N 126 21.43 -20.87 -23.39
CA THR N 126 21.79 -19.91 -22.38
C THR N 126 23.21 -20.18 -21.90
N VAL N 127 23.47 -21.46 -21.62
CA VAL N 127 24.79 -21.88 -21.20
C VAL N 127 25.80 -21.47 -22.27
N GLY N 128 25.45 -21.73 -23.53
CA GLY N 128 26.32 -21.37 -24.64
C GLY N 128 26.66 -19.89 -24.65
N GLY N 129 25.66 -19.05 -24.37
CA GLY N 129 25.82 -17.61 -24.29
C GLY N 129 26.74 -17.18 -23.15
N ILE N 130 26.64 -17.87 -22.01
CA ILE N 130 27.50 -17.57 -20.88
C ILE N 130 28.94 -17.91 -21.24
N GLN N 131 29.14 -19.07 -21.88
CA GLN N 131 30.47 -19.50 -22.27
C GLN N 131 31.06 -18.54 -23.27
N ALA N 132 30.23 -18.05 -24.20
CA ALA N 132 30.68 -17.07 -25.17
C ALA N 132 31.14 -15.79 -24.47
N MET N 133 30.38 -15.33 -23.47
CA MET N 133 30.75 -14.12 -22.76
C MET N 133 32.10 -14.32 -22.09
N LYS N 134 32.33 -15.53 -21.55
CA LYS N 134 33.55 -15.80 -20.81
C LYS N 134 34.76 -15.61 -21.72
N GLU N 135 34.67 -16.19 -22.93
CA GLU N 135 35.74 -16.09 -23.90
C GLU N 135 36.04 -14.63 -24.22
N VAL N 136 34.99 -13.83 -24.46
CA VAL N 136 35.17 -12.42 -24.79
C VAL N 136 35.84 -11.72 -23.61
N VAL N 137 35.34 -12.00 -22.40
CA VAL N 137 35.84 -11.37 -21.19
C VAL N 137 37.31 -11.73 -21.03
N GLY N 138 37.64 -13.00 -21.26
CA GLY N 138 39.00 -13.49 -21.07
C GLY N 138 40.00 -12.63 -21.84
N GLY N 139 39.67 -12.33 -23.10
CA GLY N 139 40.50 -11.48 -23.92
C GLY N 139 40.73 -10.11 -23.29
N LEU N 140 39.63 -9.46 -22.89
CA LEU N 140 39.70 -8.10 -22.40
C LEU N 140 40.51 -8.02 -21.11
N VAL N 141 40.26 -8.95 -20.17
CA VAL N 141 40.80 -8.85 -18.82
C VAL N 141 42.29 -9.13 -18.85
N GLY N 142 42.74 -10.02 -19.75
CA GLY N 142 44.11 -10.50 -19.77
C GLY N 142 44.25 -11.82 -18.99
N PRO N 143 45.34 -12.60 -19.20
CA PRO N 143 45.41 -13.99 -18.72
C PRO N 143 45.28 -14.24 -17.21
N ASP N 144 46.03 -13.46 -16.41
CA ASP N 144 46.01 -13.63 -14.96
C ASP N 144 44.58 -13.46 -14.44
N ALA N 145 43.93 -12.38 -14.91
CA ALA N 145 42.58 -12.07 -14.50
C ALA N 145 41.62 -13.14 -15.03
N ALA N 146 41.88 -13.65 -16.24
CA ALA N 146 40.98 -14.55 -16.94
C ALA N 146 40.73 -15.82 -16.14
N LYS N 147 41.76 -16.36 -15.50
CA LYS N 147 41.62 -17.60 -14.74
C LYS N 147 40.60 -17.40 -13.64
N GLU N 148 40.73 -16.28 -12.91
CA GLU N 148 39.81 -15.96 -11.82
C GLU N 148 38.40 -15.77 -12.39
N ALA N 149 38.31 -14.99 -13.47
CA ALA N 149 37.03 -14.70 -14.11
C ALA N 149 36.37 -15.99 -14.56
N SER N 150 37.15 -16.93 -15.10
CA SER N 150 36.59 -18.11 -15.73
C SER N 150 35.79 -18.94 -14.73
N ILE N 151 36.25 -19.04 -13.49
CA ILE N 151 35.63 -19.99 -12.58
C ILE N 151 34.19 -19.57 -12.28
N TYR N 152 33.95 -18.25 -12.21
CA TYR N 152 32.62 -17.76 -11.88
C TYR N 152 31.68 -17.98 -13.07
N PHE N 153 32.16 -17.75 -14.28
CA PHE N 153 31.36 -18.03 -15.46
C PHE N 153 31.03 -19.52 -15.53
N ASP N 154 32.01 -20.36 -15.19
CA ASP N 154 31.81 -21.81 -15.24
C ASP N 154 30.81 -22.23 -14.18
N TYR N 155 30.82 -21.53 -13.05
CA TYR N 155 29.91 -21.83 -11.96
C TYR N 155 28.47 -21.57 -12.37
N LEU N 156 28.26 -20.46 -13.08
CA LEU N 156 26.95 -20.12 -13.60
C LEU N 156 26.49 -21.20 -14.58
N SER N 157 27.37 -21.59 -15.49
CA SER N 157 27.01 -22.52 -16.55
C SER N 157 26.60 -23.87 -15.96
N SER N 158 27.37 -24.33 -14.97
CA SER N 158 27.10 -25.61 -14.34
C SER N 158 25.76 -25.56 -13.60
N GLY N 159 25.47 -24.42 -12.97
CA GLY N 159 24.24 -24.26 -12.22
C GLY N 159 23.02 -24.37 -13.13
N LEU N 160 23.12 -23.74 -14.30
CA LEU N 160 22.01 -23.65 -15.23
C LEU N 160 21.73 -25.06 -15.75
N SER N 161 22.83 -25.76 -16.10
CA SER N 161 22.73 -27.13 -16.57
C SER N 161 22.87 -28.06 -15.35
N SER O 2 20.51 -11.54 1.83
CA SER O 2 19.56 -11.73 2.95
C SER O 2 18.73 -12.97 2.68
N ARG O 3 18.21 -13.59 3.75
CA ARG O 3 17.44 -14.81 3.62
C ARG O 3 16.07 -14.44 3.05
N TYR O 4 15.41 -15.37 2.35
CA TYR O 4 14.07 -15.15 1.85
C TYR O 4 13.26 -16.43 2.02
N PHE O 5 11.97 -16.29 2.34
CA PHE O 5 11.09 -17.44 2.48
C PHE O 5 10.12 -17.52 1.32
N LYS O 6 9.85 -18.72 0.82
CA LYS O 6 8.73 -18.92 -0.08
C LYS O 6 7.56 -19.48 0.72
N VAL O 7 6.38 -18.85 0.62
CA VAL O 7 5.28 -19.12 1.52
C VAL O 7 3.99 -19.26 0.72
N THR O 8 3.22 -20.32 0.98
CA THR O 8 1.88 -20.44 0.42
C THR O 8 0.87 -20.34 1.55
N ALA O 9 -0.23 -19.62 1.31
CA ALA O 9 -1.26 -19.46 2.32
C ALA O 9 -2.64 -19.32 1.68
N CYS O 10 -3.69 -19.68 2.41
CA CYS O 10 -5.06 -19.47 1.96
C CYS O 10 -5.83 -18.66 3.00
N ILE O 11 -6.39 -17.52 2.58
CA ILE O 11 -7.00 -16.61 3.53
C ILE O 11 -8.48 -16.41 3.18
N PRO O 12 -9.42 -16.62 4.12
CA PRO O 12 -10.83 -16.32 3.89
C PRO O 12 -11.26 -14.94 4.38
N SER O 13 -12.27 -14.34 3.73
CA SER O 13 -12.88 -13.09 4.22
C SER O 13 -14.12 -13.41 5.05
N LEU O 14 -13.98 -13.33 6.37
CA LEU O 14 -15.05 -13.77 7.26
C LEU O 14 -15.79 -12.58 7.86
N LYS O 15 -15.26 -11.38 7.72
CA LYS O 15 -15.94 -10.19 8.18
C LYS O 15 -16.82 -9.52 7.12
N ARG O 16 -16.62 -9.78 5.81
CA ARG O 16 -17.36 -9.04 4.78
C ARG O 16 -17.34 -9.77 3.43
N VAL O 17 -18.29 -9.46 2.55
CA VAL O 17 -18.42 -10.13 1.26
C VAL O 17 -18.08 -9.17 0.13
N ARG O 18 -17.06 -9.49 -0.67
CA ARG O 18 -16.52 -8.52 -1.60
C ARG O 18 -16.88 -8.95 -3.00
N THR O 19 -17.26 -7.96 -3.84
CA THR O 19 -17.73 -8.21 -5.19
C THR O 19 -16.55 -8.34 -6.15
N GLY O 20 -15.46 -7.58 -5.91
CA GLY O 20 -14.35 -7.61 -6.84
C GLY O 20 -13.59 -8.91 -6.69
N ARG O 21 -12.91 -9.37 -7.74
CA ARG O 21 -12.26 -10.68 -7.68
C ARG O 21 -11.05 -10.70 -6.76
N GLU O 22 -11.15 -11.54 -5.72
CA GLU O 22 -10.26 -11.53 -4.58
C GLU O 22 -9.45 -12.83 -4.55
N LEU O 23 -9.45 -13.57 -5.66
CA LEU O 23 -8.76 -14.85 -5.71
C LEU O 23 -7.25 -14.73 -5.47
N GLN O 24 -6.64 -13.66 -6.00
CA GLN O 24 -5.22 -13.42 -5.86
C GLN O 24 -4.87 -13.19 -4.40
N ASN O 25 -5.74 -12.53 -3.63
CA ASN O 25 -5.53 -12.35 -2.21
C ASN O 25 -5.75 -13.65 -1.45
N THR O 26 -6.63 -14.51 -1.96
CA THR O 26 -7.06 -15.64 -1.16
C THR O 26 -6.00 -16.73 -1.17
N PHE O 27 -5.49 -17.11 -2.34
CA PHE O 27 -4.39 -18.05 -2.43
C PHE O 27 -3.12 -17.43 -3.03
N PHE O 28 -2.09 -17.24 -2.22
CA PHE O 28 -0.98 -16.36 -2.57
C PHE O 28 0.32 -17.07 -2.19
N THR O 29 0.97 -17.74 -3.15
CA THR O 29 2.39 -18.06 -3.00
C THR O 29 3.28 -16.86 -3.27
N LYS O 30 4.26 -16.59 -2.42
CA LYS O 30 5.01 -15.34 -2.49
C LYS O 30 6.37 -15.50 -1.81
N LEU O 31 7.28 -14.60 -2.16
CA LEU O 31 8.59 -14.56 -1.53
C LEU O 31 8.64 -13.45 -0.49
N VAL O 32 9.08 -13.78 0.71
CA VAL O 32 9.05 -12.83 1.80
C VAL O 32 10.45 -12.69 2.36
N PRO O 33 10.95 -11.46 2.56
CA PRO O 33 12.19 -11.29 3.29
C PRO O 33 12.03 -11.88 4.68
N TYR O 34 13.12 -12.38 5.25
CA TYR O 34 13.09 -13.08 6.51
C TYR O 34 12.57 -12.14 7.61
N GLU O 35 13.02 -10.90 7.56
CA GLU O 35 12.71 -9.94 8.61
C GLU O 35 11.25 -9.51 8.55
N ASN O 36 10.58 -9.84 7.46
CA ASN O 36 9.19 -9.47 7.36
C ASN O 36 8.28 -10.62 7.72
N TRP O 37 8.79 -11.86 7.78
CA TRP O 37 7.94 -13.04 7.75
C TRP O 37 7.18 -13.19 9.05
N PHE O 38 7.84 -12.89 10.15
CA PHE O 38 7.18 -13.07 11.43
C PHE O 38 5.93 -12.22 11.52
N THR O 39 5.96 -11.00 11.01
CA THR O 39 4.80 -10.15 10.96
C THR O 39 3.78 -10.68 9.96
N GLU O 40 4.23 -11.20 8.84
CA GLU O 40 3.34 -11.65 7.80
C GLU O 40 2.65 -12.95 8.20
N GLN O 41 3.32 -13.77 9.00
CA GLN O 41 2.71 -15.00 9.51
C GLN O 41 1.59 -14.61 10.46
N GLN O 42 1.93 -13.82 11.49
CA GLN O 42 0.91 -13.31 12.38
C GLN O 42 -0.31 -12.79 11.63
N ARG O 43 -0.11 -12.02 10.56
CA ARG O 43 -1.21 -11.37 9.88
C ARG O 43 -2.13 -12.42 9.31
N ILE O 44 -1.56 -13.45 8.69
CA ILE O 44 -2.36 -14.52 8.10
C ILE O 44 -3.15 -15.28 9.15
N GLN O 45 -2.54 -15.48 10.33
CA GLN O 45 -3.18 -16.19 11.42
C GLN O 45 -4.35 -15.39 12.00
N LYS O 46 -4.19 -14.08 12.19
CA LYS O 46 -5.26 -13.27 12.72
C LYS O 46 -6.44 -13.25 11.75
N ALA O 47 -6.17 -13.26 10.45
CA ALA O 47 -7.25 -13.31 9.50
C ALA O 47 -7.95 -14.66 9.50
N GLY O 48 -7.37 -15.66 10.13
CA GLY O 48 -7.96 -16.98 10.09
C GLY O 48 -7.68 -17.64 8.76
N GLY O 49 -6.59 -17.20 8.14
CA GLY O 49 -5.97 -17.95 7.07
C GLY O 49 -5.12 -19.06 7.63
N LYS O 50 -4.83 -20.04 6.77
CA LYS O 50 -3.97 -21.16 7.09
C LYS O 50 -2.72 -21.05 6.22
N VAL O 51 -1.54 -21.30 6.82
CA VAL O 51 -0.27 -21.24 6.11
C VAL O 51 0.07 -22.64 5.61
N LEU O 52 -0.07 -22.85 4.30
CA LEU O 52 -0.02 -24.19 3.75
C LEU O 52 1.42 -24.68 3.72
N SER O 53 2.38 -23.81 3.38
CA SER O 53 3.78 -24.21 3.22
C SER O 53 4.74 -23.06 3.47
N VAL O 54 5.92 -23.39 3.98
CA VAL O 54 6.99 -22.44 4.21
C VAL O 54 8.27 -23.13 3.78
N LYS O 55 9.06 -22.50 2.90
CA LYS O 55 10.40 -22.99 2.59
C LYS O 55 11.35 -21.80 2.56
N LEU O 56 12.61 -22.01 2.98
CA LEU O 56 13.61 -20.96 2.94
C LEU O 56 14.26 -20.99 1.55
N PHE O 57 13.89 -20.01 0.69
CA PHE O 57 14.30 -19.97 -0.70
C PHE O 57 15.79 -19.69 -0.74
N THR O 58 16.19 -18.65 0.00
CA THR O 58 17.55 -18.14 -0.05
C THR O 58 18.08 -18.05 1.36
N GLY O 59 19.39 -18.25 1.48
CA GLY O 59 20.05 -18.25 2.77
C GLY O 59 20.30 -19.68 3.22
N VAL O 60 21.28 -19.79 4.14
CA VAL O 60 21.73 -21.07 4.67
C VAL O 60 21.25 -21.15 6.12
N GLN O 61 20.84 -22.38 6.49
CA GLN O 61 20.33 -22.64 7.84
C GLN O 61 21.49 -22.63 8.83
N GLY O 62 21.31 -21.89 9.92
CA GLY O 62 22.28 -21.84 11.00
C GLY O 62 23.57 -21.12 10.61
N ALA O 63 23.46 -20.04 9.80
CA ALA O 63 24.63 -19.27 9.42
C ALA O 63 24.76 -18.07 10.35
N ASN O 64 25.94 -17.94 10.96
CA ASN O 64 26.19 -16.88 11.93
C ASN O 64 26.36 -15.52 11.24
N THR O 65 26.97 -15.50 10.05
CA THR O 65 27.21 -14.27 9.31
C THR O 65 26.70 -14.42 7.88
N GLY O 66 26.61 -13.28 7.18
CA GLY O 66 26.06 -13.23 5.83
C GLY O 66 24.54 -13.35 5.84
N VAL O 67 23.94 -13.16 7.03
CA VAL O 67 22.51 -13.30 7.24
C VAL O 67 21.85 -11.89 7.30
N ILE P 12 -42.66 -21.28 50.83
CA ILE P 12 -43.18 -22.35 49.91
C ILE P 12 -44.31 -21.76 49.04
N ASP P 13 -44.12 -20.52 48.58
CA ASP P 13 -45.17 -19.84 47.79
C ASP P 13 -44.72 -19.70 46.33
N SER P 14 -45.66 -19.90 45.40
CA SER P 14 -45.37 -19.73 43.99
C SER P 14 -45.25 -18.24 43.65
N ILE P 15 -45.93 -17.39 44.45
CA ILE P 15 -45.88 -15.92 44.32
C ILE P 15 -46.42 -15.57 42.92
N LYS P 16 -45.67 -14.76 42.13
CA LYS P 16 -46.11 -14.27 40.83
C LYS P 16 -47.55 -13.74 40.92
N ILE P 17 -48.37 -13.98 39.88
CA ILE P 17 -49.77 -13.54 39.82
C ILE P 17 -49.93 -12.19 40.53
N GLU P 18 -49.35 -11.14 39.92
CA GLU P 18 -49.38 -9.80 40.50
C GLU P 18 -50.28 -8.89 39.65
N ASP P 19 -50.08 -8.86 38.33
CA ASP P 19 -51.06 -8.19 37.47
C ASP P 19 -52.41 -8.87 37.75
N PRO P 20 -53.57 -8.24 37.49
CA PRO P 20 -54.84 -8.85 37.90
C PRO P 20 -54.91 -10.21 37.23
N VAL P 21 -55.27 -11.24 38.01
CA VAL P 21 -55.27 -12.62 37.48
C VAL P 21 -56.27 -12.73 36.33
N LYS P 22 -57.46 -12.13 36.49
CA LYS P 22 -58.44 -12.11 35.39
C LYS P 22 -58.86 -10.66 35.17
N PRO P 23 -58.86 -10.16 33.92
CA PRO P 23 -59.41 -8.83 33.65
C PRO P 23 -60.89 -8.89 34.03
N GLY P 24 -61.53 -10.03 33.71
CA GLY P 24 -62.96 -10.22 33.95
C GLY P 24 -63.63 -10.73 32.69
N ASP P 25 -64.81 -11.34 32.79
CA ASP P 25 -65.48 -11.77 31.56
C ASP P 25 -65.84 -10.50 30.77
N PHE P 26 -65.28 -10.35 29.56
CA PHE P 26 -65.42 -9.13 28.72
C PHE P 26 -64.05 -8.90 28.08
N ALA P 27 -62.98 -9.18 28.84
CA ALA P 27 -61.62 -8.90 28.35
C ALA P 27 -60.85 -10.21 28.09
N ASN P 28 -60.24 -10.31 26.91
CA ASN P 28 -59.39 -11.46 26.54
C ASN P 28 -60.22 -12.75 26.60
N PHE P 29 -59.68 -13.80 27.27
CA PHE P 29 -60.39 -15.08 27.44
C PHE P 29 -60.32 -15.83 26.11
N LEU P 30 -60.94 -17.01 26.03
CA LEU P 30 -60.91 -17.82 24.79
C LEU P 30 -59.56 -17.60 24.10
N ASP P 31 -58.49 -17.47 24.91
CA ASP P 31 -57.18 -17.15 24.37
C ASP P 31 -56.80 -18.25 23.37
N MET P 32 -57.07 -19.51 23.76
CA MET P 32 -56.77 -20.67 22.94
C MET P 32 -57.83 -20.82 21.84
N ALA P 33 -57.77 -19.90 20.85
CA ALA P 33 -58.49 -20.05 19.58
C ALA P 33 -57.79 -21.10 18.72
N ARG P 34 -56.44 -21.05 18.72
CA ARG P 34 -55.58 -21.98 18.01
C ARG P 34 -56.25 -23.35 17.80
N GLY P 35 -56.36 -23.73 16.51
CA GLY P 35 -56.85 -25.04 16.11
C GLY P 35 -58.31 -25.00 15.67
N ILE P 36 -58.65 -24.01 14.85
CA ILE P 36 -60.03 -23.79 14.45
C ILE P 36 -60.27 -24.38 13.06
N GLU P 37 -59.39 -24.03 12.09
CA GLU P 37 -59.52 -24.46 10.71
C GLU P 37 -58.12 -24.90 10.24
N SER P 38 -57.85 -24.87 8.92
CA SER P 38 -56.50 -25.11 8.43
C SER P 38 -55.59 -23.91 8.70
N ARG P 39 -54.34 -24.23 9.07
CA ARG P 39 -53.24 -23.32 9.41
C ARG P 39 -52.95 -22.23 8.37
N THR P 40 -53.98 -21.54 7.87
CA THR P 40 -53.76 -20.37 7.02
C THR P 40 -52.74 -19.47 7.74
N GLY P 41 -52.92 -19.37 9.06
CA GLY P 41 -52.00 -18.64 9.91
C GLY P 41 -50.80 -19.51 10.28
N VAL P 42 -50.40 -19.42 11.55
CA VAL P 42 -49.17 -20.02 12.01
C VAL P 42 -49.52 -21.23 12.86
N TRP P 43 -50.55 -21.07 13.72
CA TRP P 43 -51.05 -22.19 14.50
C TRP P 43 -51.49 -23.27 13.51
N SER P 44 -51.28 -24.54 13.90
CA SER P 44 -51.64 -25.70 13.10
C SER P 44 -50.56 -26.04 12.07
N ILE P 45 -49.39 -25.39 12.19
CA ILE P 45 -48.18 -25.81 11.49
C ILE P 45 -47.22 -26.38 12.53
N SER P 46 -46.71 -27.60 12.30
CA SER P 46 -45.87 -28.28 13.28
C SER P 46 -44.54 -27.54 13.50
N TYR P 47 -44.20 -27.28 14.76
CA TYR P 47 -42.93 -26.66 15.12
C TYR P 47 -41.77 -27.57 14.68
N GLU P 48 -41.99 -28.90 14.66
CA GLU P 48 -40.94 -29.85 14.34
C GLU P 48 -40.81 -30.03 12.82
N SER P 49 -41.93 -29.84 12.11
CA SER P 49 -41.95 -29.92 10.65
C SER P 49 -40.91 -29.00 10.03
N LEU P 50 -40.67 -27.85 10.69
CA LEU P 50 -39.75 -26.84 10.21
C LEU P 50 -38.34 -27.39 9.97
N ARG P 51 -37.86 -28.26 10.88
CA ARG P 51 -36.54 -28.87 10.76
C ARG P 51 -36.34 -29.50 9.39
N THR P 52 -37.42 -29.99 8.77
CA THR P 52 -37.36 -30.58 7.43
C THR P 52 -38.49 -30.01 6.58
N LEU P 53 -38.29 -28.80 6.03
CA LEU P 53 -39.33 -28.14 5.26
C LEU P 53 -39.45 -28.80 3.88
N GLY P 54 -38.32 -28.87 3.14
CA GLY P 54 -38.32 -29.39 1.78
C GLY P 54 -38.58 -28.29 0.77
N PRO P 55 -38.57 -28.58 -0.56
CA PRO P 55 -38.72 -27.54 -1.58
C PRO P 55 -40.15 -27.01 -1.56
N PRO P 56 -40.33 -25.70 -1.85
CA PRO P 56 -41.65 -25.05 -1.85
C PRO P 56 -42.53 -25.61 -2.96
N GLU P 57 -41.91 -25.86 -4.11
CA GLU P 57 -42.56 -26.64 -5.16
C GLU P 57 -42.93 -28.00 -4.55
N GLY P 58 -41.94 -28.65 -3.93
CA GLY P 58 -42.13 -29.95 -3.29
C GLY P 58 -42.53 -31.03 -4.30
N GLY P 59 -41.89 -30.98 -5.48
CA GLY P 59 -42.15 -31.92 -6.56
C GLY P 59 -41.66 -33.33 -6.22
N MET P 60 -40.54 -33.41 -5.49
CA MET P 60 -39.94 -34.66 -5.03
C MET P 60 -39.41 -35.49 -6.22
#